data_3E0H
# 
_entry.id   3E0H 
# 
_audit_conform.dict_name       mmcif_pdbx.dic 
_audit_conform.dict_version    5.398 
_audit_conform.dict_location   http://mmcif.pdb.org/dictionaries/ascii/mmcif_pdbx.dic 
# 
loop_
_database_2.database_id 
_database_2.database_code 
_database_2.pdbx_database_accession 
_database_2.pdbx_DOI 
PDB   3E0H         pdb_00003e0h 10.2210/pdb3e0h/pdb 
RCSB  RCSB048719   ?            ?                   
WWPDB D_1000048719 ?            ?                   
# 
loop_
_pdbx_audit_revision_history.ordinal 
_pdbx_audit_revision_history.data_content_type 
_pdbx_audit_revision_history.major_revision 
_pdbx_audit_revision_history.minor_revision 
_pdbx_audit_revision_history.revision_date 
1 'Structure model' 1 0 2008-09-30 
2 'Structure model' 1 1 2011-07-13 
3 'Structure model' 1 2 2024-11-06 
# 
_pdbx_audit_revision_details.ordinal             1 
_pdbx_audit_revision_details.revision_ordinal    1 
_pdbx_audit_revision_details.data_content_type   'Structure model' 
_pdbx_audit_revision_details.provider            repository 
_pdbx_audit_revision_details.type                'Initial release' 
_pdbx_audit_revision_details.description         ? 
_pdbx_audit_revision_details.details             ? 
# 
loop_
_pdbx_audit_revision_group.ordinal 
_pdbx_audit_revision_group.revision_ordinal 
_pdbx_audit_revision_group.data_content_type 
_pdbx_audit_revision_group.group 
1 2 'Structure model' 'Version format compliance' 
2 3 'Structure model' 'Data collection'           
3 3 'Structure model' 'Database references'       
4 3 'Structure model' 'Derived calculations'      
5 3 'Structure model' 'Structure summary'         
# 
loop_
_pdbx_audit_revision_category.ordinal 
_pdbx_audit_revision_category.revision_ordinal 
_pdbx_audit_revision_category.data_content_type 
_pdbx_audit_revision_category.category 
1 3 'Structure model' chem_comp_atom            
2 3 'Structure model' chem_comp_bond            
3 3 'Structure model' database_2                
4 3 'Structure model' pdbx_entry_details        
5 3 'Structure model' pdbx_modification_feature 
6 3 'Structure model' struct_conn               
# 
loop_
_pdbx_audit_revision_item.ordinal 
_pdbx_audit_revision_item.revision_ordinal 
_pdbx_audit_revision_item.data_content_type 
_pdbx_audit_revision_item.item 
1 3 'Structure model' '_database_2.pdbx_DOI'                
2 3 'Structure model' '_database_2.pdbx_database_accession' 
3 3 'Structure model' '_struct_conn.pdbx_leaving_atom_flag' 
# 
_pdbx_database_status.status_code                     REL 
_pdbx_database_status.entry_id                        3E0H 
_pdbx_database_status.recvd_initial_deposition_date   2008-07-31 
_pdbx_database_status.deposit_site                    RCSB 
_pdbx_database_status.process_site                    RCSB 
_pdbx_database_status.status_code_sf                  REL 
_pdbx_database_status.status_code_mr                  ? 
_pdbx_database_status.SG_entry                        Y 
_pdbx_database_status.pdb_format_compatible           Y 
_pdbx_database_status.status_code_cs                  ? 
_pdbx_database_status.status_code_nmr_data            ? 
_pdbx_database_status.methods_development_category    ? 
# 
_pdbx_database_related.db_name        TargetDB 
_pdbx_database_related.db_id          CtR107 
_pdbx_database_related.details        . 
_pdbx_database_related.content_type   unspecified 
# 
loop_
_audit_author.name 
_audit_author.pdbx_ordinal 
'Seetharaman, J.'                                 1  
'Chen, Y.'                                        2  
'Wang, H.'                                        3  
'Janjua, H.'                                      4  
'Foote, E.L.'                                     5  
'Xiao, R.'                                        6  
'Nair, R.'                                        7  
'Acton, T.B.'                                     8  
'Rost, B.'                                        9  
'Montelione, G.T.'                                10 
'Hunt, J.F.'                                      11 
'Tong, L.'                                        12 
'Northeast Structural Genomics Consortium (NESG)' 13 
# 
_citation.id                        primary 
_citation.title                     
'Crystal structure of an uncharacterized protein from Chlorobium tepidum. NorthEast Structural Genomics target CtR107.' 
_citation.journal_abbrev            'To be Published' 
_citation.journal_volume            ? 
_citation.page_first                ? 
_citation.page_last                 ? 
_citation.year                      ? 
_citation.journal_id_ASTM           ? 
_citation.country                   ? 
_citation.journal_id_ISSN           ? 
_citation.journal_id_CSD            0353 
_citation.book_publisher            ? 
_citation.pdbx_database_id_PubMed   ? 
_citation.pdbx_database_id_DOI      ? 
# 
loop_
_citation_author.citation_id 
_citation_author.name 
_citation_author.ordinal 
_citation_author.identifier_ORCID 
primary 'Seetharaman, J.'  1  ? 
primary 'Chen, Y.'         2  ? 
primary 'Wang, H.'         3  ? 
primary 'Janjua, H.'       4  ? 
primary 'Foote, E.L.'      5  ? 
primary 'Xiao, R.'         6  ? 
primary 'Nair, R.'         7  ? 
primary 'Acton, T.B.'      8  ? 
primary 'Rost, B.'         9  ? 
primary 'Montelione, G.T.' 10 ? 
primary 'Hunt, J.F.'       11 ? 
primary 'Tong, L.'         12 ? 
# 
loop_
_entity.id 
_entity.type 
_entity.src_method 
_entity.pdbx_description 
_entity.formula_weight 
_entity.pdbx_number_of_molecules 
_entity.pdbx_ec 
_entity.pdbx_mutation 
_entity.pdbx_fragment 
_entity.details 
1 polymer man 'uncharacterized protein' 17329.635 1   ? ? ? ? 
2 water   nat water                     18.015    141 ? ? ? ? 
# 
_entity_poly.entity_id                      1 
_entity_poly.type                           'polypeptide(L)' 
_entity_poly.nstd_linkage                   no 
_entity_poly.nstd_monomer                   yes 
_entity_poly.pdbx_seq_one_letter_code       
;(MSE)DFECQFVCELKELAPVPALLIRTQTT(MSE)SELGSLFEAGYHDILQLLAGQGKSPSGPPFARYFG(MSE)SAGT
FEVEFGFPVEGGVEGSGRVVTGLTPSGKAASSLYIGPYGEIEAVYDAL(MSE)KWVDDNGFDLSGEAYEIYLDNPAETAP
DQLRTRVSL(MSE)LHES
;
_entity_poly.pdbx_seq_one_letter_code_can   
;MDFECQFVCELKELAPVPALLIRTQTTMSELGSLFEAGYHDILQLLAGQGKSPSGPPFARYFGMSAGTFEVEFGFPVEGG
VEGSGRVVTGLTPSGKAASSLYIGPYGEIEAVYDALMKWVDDNGFDLSGEAYEIYLDNPAETAPDQLRTRVSLMLHES
;
_entity_poly.pdbx_strand_id                 A 
_entity_poly.pdbx_target_identifier         CtR107 
# 
_pdbx_entity_nonpoly.entity_id   2 
_pdbx_entity_nonpoly.name        water 
_pdbx_entity_nonpoly.comp_id     HOH 
# 
loop_
_entity_poly_seq.entity_id 
_entity_poly_seq.num 
_entity_poly_seq.mon_id 
_entity_poly_seq.hetero 
1 1   MSE n 
1 2   ASP n 
1 3   PHE n 
1 4   GLU n 
1 5   CYS n 
1 6   GLN n 
1 7   PHE n 
1 8   VAL n 
1 9   CYS n 
1 10  GLU n 
1 11  LEU n 
1 12  LYS n 
1 13  GLU n 
1 14  LEU n 
1 15  ALA n 
1 16  PRO n 
1 17  VAL n 
1 18  PRO n 
1 19  ALA n 
1 20  LEU n 
1 21  LEU n 
1 22  ILE n 
1 23  ARG n 
1 24  THR n 
1 25  GLN n 
1 26  THR n 
1 27  THR n 
1 28  MSE n 
1 29  SER n 
1 30  GLU n 
1 31  LEU n 
1 32  GLY n 
1 33  SER n 
1 34  LEU n 
1 35  PHE n 
1 36  GLU n 
1 37  ALA n 
1 38  GLY n 
1 39  TYR n 
1 40  HIS n 
1 41  ASP n 
1 42  ILE n 
1 43  LEU n 
1 44  GLN n 
1 45  LEU n 
1 46  LEU n 
1 47  ALA n 
1 48  GLY n 
1 49  GLN n 
1 50  GLY n 
1 51  LYS n 
1 52  SER n 
1 53  PRO n 
1 54  SER n 
1 55  GLY n 
1 56  PRO n 
1 57  PRO n 
1 58  PHE n 
1 59  ALA n 
1 60  ARG n 
1 61  TYR n 
1 62  PHE n 
1 63  GLY n 
1 64  MSE n 
1 65  SER n 
1 66  ALA n 
1 67  GLY n 
1 68  THR n 
1 69  PHE n 
1 70  GLU n 
1 71  VAL n 
1 72  GLU n 
1 73  PHE n 
1 74  GLY n 
1 75  PHE n 
1 76  PRO n 
1 77  VAL n 
1 78  GLU n 
1 79  GLY n 
1 80  GLY n 
1 81  VAL n 
1 82  GLU n 
1 83  GLY n 
1 84  SER n 
1 85  GLY n 
1 86  ARG n 
1 87  VAL n 
1 88  VAL n 
1 89  THR n 
1 90  GLY n 
1 91  LEU n 
1 92  THR n 
1 93  PRO n 
1 94  SER n 
1 95  GLY n 
1 96  LYS n 
1 97  ALA n 
1 98  ALA n 
1 99  SER n 
1 100 SER n 
1 101 LEU n 
1 102 TYR n 
1 103 ILE n 
1 104 GLY n 
1 105 PRO n 
1 106 TYR n 
1 107 GLY n 
1 108 GLU n 
1 109 ILE n 
1 110 GLU n 
1 111 ALA n 
1 112 VAL n 
1 113 TYR n 
1 114 ASP n 
1 115 ALA n 
1 116 LEU n 
1 117 MSE n 
1 118 LYS n 
1 119 TRP n 
1 120 VAL n 
1 121 ASP n 
1 122 ASP n 
1 123 ASN n 
1 124 GLY n 
1 125 PHE n 
1 126 ASP n 
1 127 LEU n 
1 128 SER n 
1 129 GLY n 
1 130 GLU n 
1 131 ALA n 
1 132 TYR n 
1 133 GLU n 
1 134 ILE n 
1 135 TYR n 
1 136 LEU n 
1 137 ASP n 
1 138 ASN n 
1 139 PRO n 
1 140 ALA n 
1 141 GLU n 
1 142 THR n 
1 143 ALA n 
1 144 PRO n 
1 145 ASP n 
1 146 GLN n 
1 147 LEU n 
1 148 ARG n 
1 149 THR n 
1 150 ARG n 
1 151 VAL n 
1 152 SER n 
1 153 LEU n 
1 154 MSE n 
1 155 LEU n 
1 156 HIS n 
1 157 GLU n 
1 158 SER n 
# 
_entity_src_gen.entity_id                          1 
_entity_src_gen.pdbx_src_id                        1 
_entity_src_gen.pdbx_alt_source_flag               sample 
_entity_src_gen.pdbx_seq_type                      ? 
_entity_src_gen.pdbx_beg_seq_num                   ? 
_entity_src_gen.pdbx_end_seq_num                   ? 
_entity_src_gen.gene_src_common_name               ? 
_entity_src_gen.gene_src_genus                     ? 
_entity_src_gen.pdbx_gene_src_gene                 CT0179 
_entity_src_gen.gene_src_species                   ? 
_entity_src_gen.gene_src_strain                    ? 
_entity_src_gen.gene_src_tissue                    ? 
_entity_src_gen.gene_src_tissue_fraction           ? 
_entity_src_gen.gene_src_details                   ? 
_entity_src_gen.pdbx_gene_src_fragment             ? 
_entity_src_gen.pdbx_gene_src_scientific_name      'Chlorobaculum tepidum' 
_entity_src_gen.pdbx_gene_src_ncbi_taxonomy_id     1097 
_entity_src_gen.pdbx_gene_src_variant              ? 
_entity_src_gen.pdbx_gene_src_cell_line            ? 
_entity_src_gen.pdbx_gene_src_atcc                 ? 
_entity_src_gen.pdbx_gene_src_organ                ? 
_entity_src_gen.pdbx_gene_src_organelle            ? 
_entity_src_gen.pdbx_gene_src_cell                 ? 
_entity_src_gen.pdbx_gene_src_cellular_location    ? 
_entity_src_gen.host_org_common_name               ? 
_entity_src_gen.pdbx_host_org_scientific_name      'Escherichia coli' 
_entity_src_gen.pdbx_host_org_ncbi_taxonomy_id     ? 
_entity_src_gen.host_org_genus                     ? 
_entity_src_gen.pdbx_host_org_gene                 ? 
_entity_src_gen.pdbx_host_org_organ                ? 
_entity_src_gen.host_org_species                   ? 
_entity_src_gen.pdbx_host_org_tissue               ? 
_entity_src_gen.pdbx_host_org_tissue_fraction      ? 
_entity_src_gen.pdbx_host_org_strain               ? 
_entity_src_gen.pdbx_host_org_variant              ? 
_entity_src_gen.pdbx_host_org_cell_line            ? 
_entity_src_gen.pdbx_host_org_atcc                 ? 
_entity_src_gen.pdbx_host_org_culture_collection   ? 
_entity_src_gen.pdbx_host_org_cell                 ? 
_entity_src_gen.pdbx_host_org_organelle            ? 
_entity_src_gen.pdbx_host_org_cellular_location    ? 
_entity_src_gen.pdbx_host_org_vector_type          'PET 21' 
_entity_src_gen.pdbx_host_org_vector               ? 
_entity_src_gen.host_org_details                   ? 
_entity_src_gen.expression_system_id               ? 
_entity_src_gen.plasmid_name                       ? 
_entity_src_gen.plasmid_details                    ? 
_entity_src_gen.pdbx_description                   ? 
# 
loop_
_chem_comp.id 
_chem_comp.type 
_chem_comp.mon_nstd_flag 
_chem_comp.name 
_chem_comp.pdbx_synonyms 
_chem_comp.formula 
_chem_comp.formula_weight 
ALA 'L-peptide linking' y ALANINE          ? 'C3 H7 N O2'     89.093  
ARG 'L-peptide linking' y ARGININE         ? 'C6 H15 N4 O2 1' 175.209 
ASN 'L-peptide linking' y ASPARAGINE       ? 'C4 H8 N2 O3'    132.118 
ASP 'L-peptide linking' y 'ASPARTIC ACID'  ? 'C4 H7 N O4'     133.103 
CYS 'L-peptide linking' y CYSTEINE         ? 'C3 H7 N O2 S'   121.158 
GLN 'L-peptide linking' y GLUTAMINE        ? 'C5 H10 N2 O3'   146.144 
GLU 'L-peptide linking' y 'GLUTAMIC ACID'  ? 'C5 H9 N O4'     147.129 
GLY 'peptide linking'   y GLYCINE          ? 'C2 H5 N O2'     75.067  
HIS 'L-peptide linking' y HISTIDINE        ? 'C6 H10 N3 O2 1' 156.162 
HOH non-polymer         . WATER            ? 'H2 O'           18.015  
ILE 'L-peptide linking' y ISOLEUCINE       ? 'C6 H13 N O2'    131.173 
LEU 'L-peptide linking' y LEUCINE          ? 'C6 H13 N O2'    131.173 
LYS 'L-peptide linking' y LYSINE           ? 'C6 H15 N2 O2 1' 147.195 
MSE 'L-peptide linking' n SELENOMETHIONINE ? 'C5 H11 N O2 Se' 196.106 
PHE 'L-peptide linking' y PHENYLALANINE    ? 'C9 H11 N O2'    165.189 
PRO 'L-peptide linking' y PROLINE          ? 'C5 H9 N O2'     115.130 
SER 'L-peptide linking' y SERINE           ? 'C3 H7 N O3'     105.093 
THR 'L-peptide linking' y THREONINE        ? 'C4 H9 N O3'     119.119 
TRP 'L-peptide linking' y TRYPTOPHAN       ? 'C11 H12 N2 O2'  204.225 
TYR 'L-peptide linking' y TYROSINE         ? 'C9 H11 N O3'    181.189 
VAL 'L-peptide linking' y VALINE           ? 'C5 H11 N O2'    117.146 
# 
loop_
_pdbx_poly_seq_scheme.asym_id 
_pdbx_poly_seq_scheme.entity_id 
_pdbx_poly_seq_scheme.seq_id 
_pdbx_poly_seq_scheme.mon_id 
_pdbx_poly_seq_scheme.ndb_seq_num 
_pdbx_poly_seq_scheme.pdb_seq_num 
_pdbx_poly_seq_scheme.auth_seq_num 
_pdbx_poly_seq_scheme.pdb_mon_id 
_pdbx_poly_seq_scheme.auth_mon_id 
_pdbx_poly_seq_scheme.pdb_strand_id 
_pdbx_poly_seq_scheme.pdb_ins_code 
_pdbx_poly_seq_scheme.hetero 
A 1 1   MSE 1   1   ?   ?   ?   A . n 
A 1 2   ASP 2   2   ?   ?   ?   A . n 
A 1 3   PHE 3   3   ?   ?   ?   A . n 
A 1 4   GLU 4   4   ?   ?   ?   A . n 
A 1 5   CYS 5   5   ?   ?   ?   A . n 
A 1 6   GLN 6   6   6   GLN GLN A . n 
A 1 7   PHE 7   7   7   PHE PHE A . n 
A 1 8   VAL 8   8   8   VAL VAL A . n 
A 1 9   CYS 9   9   9   CYS CYS A . n 
A 1 10  GLU 10  10  10  GLU GLU A . n 
A 1 11  LEU 11  11  11  LEU LEU A . n 
A 1 12  LYS 12  12  12  LYS LYS A . n 
A 1 13  GLU 13  13  13  GLU GLU A . n 
A 1 14  LEU 14  14  14  LEU LEU A . n 
A 1 15  ALA 15  15  15  ALA ALA A . n 
A 1 16  PRO 16  16  16  PRO PRO A . n 
A 1 17  VAL 17  17  17  VAL VAL A . n 
A 1 18  PRO 18  18  18  PRO PRO A . n 
A 1 19  ALA 19  19  19  ALA ALA A . n 
A 1 20  LEU 20  20  20  LEU LEU A . n 
A 1 21  LEU 21  21  21  LEU LEU A . n 
A 1 22  ILE 22  22  22  ILE ILE A . n 
A 1 23  ARG 23  23  23  ARG ARG A . n 
A 1 24  THR 24  24  24  THR THR A . n 
A 1 25  GLN 25  25  25  GLN GLN A . n 
A 1 26  THR 26  26  26  THR THR A . n 
A 1 27  THR 27  27  27  THR THR A . n 
A 1 28  MSE 28  28  28  MSE MSE A . n 
A 1 29  SER 29  29  29  SER SER A . n 
A 1 30  GLU 30  30  30  GLU GLU A . n 
A 1 31  LEU 31  31  31  LEU LEU A . n 
A 1 32  GLY 32  32  32  GLY GLY A . n 
A 1 33  SER 33  33  33  SER SER A . n 
A 1 34  LEU 34  34  34  LEU LEU A . n 
A 1 35  PHE 35  35  35  PHE PHE A . n 
A 1 36  GLU 36  36  36  GLU GLU A . n 
A 1 37  ALA 37  37  37  ALA ALA A . n 
A 1 38  GLY 38  38  38  GLY GLY A . n 
A 1 39  TYR 39  39  39  TYR TYR A . n 
A 1 40  HIS 40  40  40  HIS HIS A . n 
A 1 41  ASP 41  41  41  ASP ASP A . n 
A 1 42  ILE 42  42  42  ILE ILE A . n 
A 1 43  LEU 43  43  43  LEU LEU A . n 
A 1 44  GLN 44  44  44  GLN GLN A . n 
A 1 45  LEU 45  45  45  LEU LEU A . n 
A 1 46  LEU 46  46  46  LEU LEU A . n 
A 1 47  ALA 47  47  47  ALA ALA A . n 
A 1 48  GLY 48  48  48  GLY GLY A . n 
A 1 49  GLN 49  49  49  GLN GLN A . n 
A 1 50  GLY 50  50  50  GLY GLY A . n 
A 1 51  LYS 51  51  51  LYS LYS A . n 
A 1 52  SER 52  52  52  SER SER A . n 
A 1 53  PRO 53  53  53  PRO PRO A . n 
A 1 54  SER 54  54  54  SER SER A . n 
A 1 55  GLY 55  55  55  GLY GLY A . n 
A 1 56  PRO 56  56  56  PRO PRO A . n 
A 1 57  PRO 57  57  57  PRO PRO A . n 
A 1 58  PHE 58  58  58  PHE PHE A . n 
A 1 59  ALA 59  59  59  ALA ALA A . n 
A 1 60  ARG 60  60  60  ARG ARG A . n 
A 1 61  TYR 61  61  61  TYR TYR A . n 
A 1 62  PHE 62  62  62  PHE PHE A . n 
A 1 63  GLY 63  63  63  GLY GLY A . n 
A 1 64  MSE 64  64  64  MSE MSE A . n 
A 1 65  SER 65  65  65  SER SER A . n 
A 1 66  ALA 66  66  66  ALA ALA A . n 
A 1 67  GLY 67  67  67  GLY GLY A . n 
A 1 68  THR 68  68  68  THR THR A . n 
A 1 69  PHE 69  69  69  PHE PHE A . n 
A 1 70  GLU 70  70  70  GLU GLU A . n 
A 1 71  VAL 71  71  71  VAL VAL A . n 
A 1 72  GLU 72  72  72  GLU GLU A . n 
A 1 73  PHE 73  73  73  PHE PHE A . n 
A 1 74  GLY 74  74  74  GLY GLY A . n 
A 1 75  PHE 75  75  75  PHE PHE A . n 
A 1 76  PRO 76  76  76  PRO PRO A . n 
A 1 77  VAL 77  77  77  VAL VAL A . n 
A 1 78  GLU 78  78  78  GLU GLU A . n 
A 1 79  GLY 79  79  79  GLY GLY A . n 
A 1 80  GLY 80  80  80  GLY GLY A . n 
A 1 81  VAL 81  81  81  VAL VAL A . n 
A 1 82  GLU 82  82  82  GLU GLU A . n 
A 1 83  GLY 83  83  83  GLY GLY A . n 
A 1 84  SER 84  84  84  SER SER A . n 
A 1 85  GLY 85  85  85  GLY GLY A . n 
A 1 86  ARG 86  86  86  ARG ARG A . n 
A 1 87  VAL 87  87  87  VAL VAL A . n 
A 1 88  VAL 88  88  88  VAL VAL A . n 
A 1 89  THR 89  89  89  THR THR A . n 
A 1 90  GLY 90  90  90  GLY GLY A . n 
A 1 91  LEU 91  91  91  LEU LEU A . n 
A 1 92  THR 92  92  92  THR THR A . n 
A 1 93  PRO 93  93  93  PRO PRO A . n 
A 1 94  SER 94  94  94  SER SER A . n 
A 1 95  GLY 95  95  95  GLY GLY A . n 
A 1 96  LYS 96  96  96  LYS LYS A . n 
A 1 97  ALA 97  97  97  ALA ALA A . n 
A 1 98  ALA 98  98  98  ALA ALA A . n 
A 1 99  SER 99  99  99  SER SER A . n 
A 1 100 SER 100 100 100 SER SER A . n 
A 1 101 LEU 101 101 101 LEU LEU A . n 
A 1 102 TYR 102 102 102 TYR TYR A . n 
A 1 103 ILE 103 103 103 ILE ILE A . n 
A 1 104 GLY 104 104 104 GLY GLY A . n 
A 1 105 PRO 105 105 105 PRO PRO A . n 
A 1 106 TYR 106 106 106 TYR TYR A . n 
A 1 107 GLY 107 107 107 GLY GLY A . n 
A 1 108 GLU 108 108 108 GLU GLU A . n 
A 1 109 ILE 109 109 109 ILE ILE A . n 
A 1 110 GLU 110 110 110 GLU GLU A . n 
A 1 111 ALA 111 111 111 ALA ALA A . n 
A 1 112 VAL 112 112 112 VAL VAL A . n 
A 1 113 TYR 113 113 113 TYR TYR A . n 
A 1 114 ASP 114 114 114 ASP ASP A . n 
A 1 115 ALA 115 115 115 ALA ALA A . n 
A 1 116 LEU 116 116 116 LEU LEU A . n 
A 1 117 MSE 117 117 117 MSE MSE A . n 
A 1 118 LYS 118 118 118 LYS LYS A . n 
A 1 119 TRP 119 119 119 TRP TRP A . n 
A 1 120 VAL 120 120 120 VAL VAL A . n 
A 1 121 ASP 121 121 121 ASP ASP A . n 
A 1 122 ASP 122 122 122 ASP ASP A . n 
A 1 123 ASN 123 123 123 ASN ASN A . n 
A 1 124 GLY 124 124 124 GLY GLY A . n 
A 1 125 PHE 125 125 125 PHE PHE A . n 
A 1 126 ASP 126 126 126 ASP ASP A . n 
A 1 127 LEU 127 127 127 LEU LEU A . n 
A 1 128 SER 128 128 128 SER SER A . n 
A 1 129 GLY 129 129 129 GLY GLY A . n 
A 1 130 GLU 130 130 130 GLU GLU A . n 
A 1 131 ALA 131 131 131 ALA ALA A . n 
A 1 132 TYR 132 132 132 TYR TYR A . n 
A 1 133 GLU 133 133 133 GLU GLU A . n 
A 1 134 ILE 134 134 134 ILE ILE A . n 
A 1 135 TYR 135 135 135 TYR TYR A . n 
A 1 136 LEU 136 136 136 LEU LEU A . n 
A 1 137 ASP 137 137 137 ASP ASP A . n 
A 1 138 ASN 138 138 138 ASN ASN A . n 
A 1 139 PRO 139 139 139 PRO PRO A . n 
A 1 140 ALA 140 140 140 ALA ALA A . n 
A 1 141 GLU 141 141 141 GLU GLU A . n 
A 1 142 THR 142 142 142 THR THR A . n 
A 1 143 ALA 143 143 143 ALA ALA A . n 
A 1 144 PRO 144 144 144 PRO PRO A . n 
A 1 145 ASP 145 145 145 ASP ASP A . n 
A 1 146 GLN 146 146 146 GLN GLN A . n 
A 1 147 LEU 147 147 147 LEU LEU A . n 
A 1 148 ARG 148 148 148 ARG ARG A . n 
A 1 149 THR 149 149 149 THR THR A . n 
A 1 150 ARG 150 150 150 ARG ARG A . n 
A 1 151 VAL 151 151 151 VAL VAL A . n 
A 1 152 SER 152 152 152 SER SER A . n 
A 1 153 LEU 153 153 153 LEU LEU A . n 
A 1 154 MSE 154 154 154 MSE MSE A . n 
A 1 155 LEU 155 155 155 LEU LEU A . n 
A 1 156 HIS 156 156 156 HIS HIS A . n 
A 1 157 GLU 157 157 157 GLU GLU A . n 
A 1 158 SER 158 158 158 SER SER A . n 
# 
loop_
_pdbx_nonpoly_scheme.asym_id 
_pdbx_nonpoly_scheme.entity_id 
_pdbx_nonpoly_scheme.mon_id 
_pdbx_nonpoly_scheme.ndb_seq_num 
_pdbx_nonpoly_scheme.pdb_seq_num 
_pdbx_nonpoly_scheme.auth_seq_num 
_pdbx_nonpoly_scheme.pdb_mon_id 
_pdbx_nonpoly_scheme.auth_mon_id 
_pdbx_nonpoly_scheme.pdb_strand_id 
_pdbx_nonpoly_scheme.pdb_ins_code 
B 2 HOH 1   159 1   HOH TIP A . 
B 2 HOH 2   160 2   HOH TIP A . 
B 2 HOH 3   161 3   HOH TIP A . 
B 2 HOH 4   162 4   HOH TIP A . 
B 2 HOH 5   163 5   HOH TIP A . 
B 2 HOH 6   164 6   HOH TIP A . 
B 2 HOH 7   165 7   HOH TIP A . 
B 2 HOH 8   166 8   HOH TIP A . 
B 2 HOH 9   167 9   HOH TIP A . 
B 2 HOH 10  168 10  HOH TIP A . 
B 2 HOH 11  169 11  HOH TIP A . 
B 2 HOH 12  170 12  HOH TIP A . 
B 2 HOH 13  171 13  HOH TIP A . 
B 2 HOH 14  172 14  HOH TIP A . 
B 2 HOH 15  173 15  HOH TIP A . 
B 2 HOH 16  174 16  HOH TIP A . 
B 2 HOH 17  175 17  HOH TIP A . 
B 2 HOH 18  176 18  HOH TIP A . 
B 2 HOH 19  177 19  HOH TIP A . 
B 2 HOH 20  178 20  HOH TIP A . 
B 2 HOH 21  179 21  HOH TIP A . 
B 2 HOH 22  180 22  HOH TIP A . 
B 2 HOH 23  181 23  HOH TIP A . 
B 2 HOH 24  182 24  HOH TIP A . 
B 2 HOH 25  183 25  HOH TIP A . 
B 2 HOH 26  184 26  HOH TIP A . 
B 2 HOH 27  185 27  HOH TIP A . 
B 2 HOH 28  186 28  HOH TIP A . 
B 2 HOH 29  187 29  HOH TIP A . 
B 2 HOH 30  188 30  HOH TIP A . 
B 2 HOH 31  189 31  HOH TIP A . 
B 2 HOH 32  190 32  HOH TIP A . 
B 2 HOH 33  191 33  HOH TIP A . 
B 2 HOH 34  192 34  HOH TIP A . 
B 2 HOH 35  193 35  HOH TIP A . 
B 2 HOH 36  194 36  HOH TIP A . 
B 2 HOH 37  195 37  HOH TIP A . 
B 2 HOH 38  196 38  HOH TIP A . 
B 2 HOH 39  197 39  HOH TIP A . 
B 2 HOH 40  198 40  HOH TIP A . 
B 2 HOH 41  199 41  HOH TIP A . 
B 2 HOH 42  200 42  HOH TIP A . 
B 2 HOH 43  201 43  HOH TIP A . 
B 2 HOH 44  202 44  HOH TIP A . 
B 2 HOH 45  203 45  HOH TIP A . 
B 2 HOH 46  204 46  HOH TIP A . 
B 2 HOH 47  205 47  HOH TIP A . 
B 2 HOH 48  206 48  HOH TIP A . 
B 2 HOH 49  207 49  HOH TIP A . 
B 2 HOH 50  208 50  HOH TIP A . 
B 2 HOH 51  209 51  HOH TIP A . 
B 2 HOH 52  210 52  HOH TIP A . 
B 2 HOH 53  211 53  HOH TIP A . 
B 2 HOH 54  212 54  HOH TIP A . 
B 2 HOH 55  213 55  HOH TIP A . 
B 2 HOH 56  214 56  HOH TIP A . 
B 2 HOH 57  215 57  HOH TIP A . 
B 2 HOH 58  216 58  HOH TIP A . 
B 2 HOH 59  217 59  HOH TIP A . 
B 2 HOH 60  218 60  HOH TIP A . 
B 2 HOH 61  219 61  HOH TIP A . 
B 2 HOH 62  220 62  HOH TIP A . 
B 2 HOH 63  221 63  HOH TIP A . 
B 2 HOH 64  222 64  HOH TIP A . 
B 2 HOH 65  223 65  HOH TIP A . 
B 2 HOH 66  224 66  HOH TIP A . 
B 2 HOH 67  225 67  HOH TIP A . 
B 2 HOH 68  226 68  HOH TIP A . 
B 2 HOH 69  227 69  HOH TIP A . 
B 2 HOH 70  228 70  HOH TIP A . 
B 2 HOH 71  229 71  HOH TIP A . 
B 2 HOH 72  230 72  HOH TIP A . 
B 2 HOH 73  231 73  HOH TIP A . 
B 2 HOH 74  232 74  HOH TIP A . 
B 2 HOH 75  233 75  HOH TIP A . 
B 2 HOH 76  234 76  HOH TIP A . 
B 2 HOH 77  235 77  HOH TIP A . 
B 2 HOH 78  236 80  HOH TIP A . 
B 2 HOH 79  237 82  HOH TIP A . 
B 2 HOH 80  238 83  HOH TIP A . 
B 2 HOH 81  239 84  HOH TIP A . 
B 2 HOH 82  240 85  HOH TIP A . 
B 2 HOH 83  241 86  HOH TIP A . 
B 2 HOH 84  242 87  HOH TIP A . 
B 2 HOH 85  243 89  HOH TIP A . 
B 2 HOH 86  244 90  HOH TIP A . 
B 2 HOH 87  245 91  HOH TIP A . 
B 2 HOH 88  246 92  HOH TIP A . 
B 2 HOH 89  247 94  HOH TIP A . 
B 2 HOH 90  248 95  HOH TIP A . 
B 2 HOH 91  249 96  HOH TIP A . 
B 2 HOH 92  250 97  HOH TIP A . 
B 2 HOH 93  251 98  HOH TIP A . 
B 2 HOH 94  252 99  HOH TIP A . 
B 2 HOH 95  253 100 HOH TIP A . 
B 2 HOH 96  254 101 HOH TIP A . 
B 2 HOH 97  255 102 HOH TIP A . 
B 2 HOH 98  256 103 HOH TIP A . 
B 2 HOH 99  257 105 HOH TIP A . 
B 2 HOH 100 258 106 HOH TIP A . 
B 2 HOH 101 259 112 HOH TIP A . 
B 2 HOH 102 260 114 HOH TIP A . 
B 2 HOH 103 261 115 HOH TIP A . 
B 2 HOH 104 262 116 HOH TIP A . 
B 2 HOH 105 263 118 HOH TIP A . 
B 2 HOH 106 264 120 HOH TIP A . 
B 2 HOH 107 265 121 HOH TIP A . 
B 2 HOH 108 266 122 HOH TIP A . 
B 2 HOH 109 267 124 HOH TIP A . 
B 2 HOH 110 268 125 HOH TIP A . 
B 2 HOH 111 269 128 HOH TIP A . 
B 2 HOH 112 270 133 HOH TIP A . 
B 2 HOH 113 271 134 HOH TIP A . 
B 2 HOH 114 272 136 HOH TIP A . 
B 2 HOH 115 273 138 HOH TIP A . 
B 2 HOH 116 274 139 HOH TIP A . 
B 2 HOH 117 275 141 HOH TIP A . 
B 2 HOH 118 276 142 HOH TIP A . 
B 2 HOH 119 277 143 HOH TIP A . 
B 2 HOH 120 278 144 HOH TIP A . 
B 2 HOH 121 279 148 HOH TIP A . 
B 2 HOH 122 280 149 HOH TIP A . 
B 2 HOH 123 281 150 HOH TIP A . 
B 2 HOH 124 282 151 HOH TIP A . 
B 2 HOH 125 283 153 HOH TIP A . 
B 2 HOH 126 284 156 HOH TIP A . 
B 2 HOH 127 285 159 HOH TIP A . 
B 2 HOH 128 286 161 HOH TIP A . 
B 2 HOH 129 287 163 HOH TIP A . 
B 2 HOH 130 288 164 HOH TIP A . 
B 2 HOH 131 289 168 HOH TIP A . 
B 2 HOH 132 290 169 HOH TIP A . 
B 2 HOH 133 291 170 HOH TIP A . 
B 2 HOH 134 292 174 HOH TIP A . 
B 2 HOH 135 293 175 HOH TIP A . 
B 2 HOH 136 294 176 HOH TIP A . 
B 2 HOH 137 295 177 HOH TIP A . 
B 2 HOH 138 296 180 HOH TIP A . 
B 2 HOH 139 297 181 HOH TIP A . 
B 2 HOH 140 298 183 HOH TIP A . 
B 2 HOH 141 299 185 HOH TIP A . 
# 
loop_
_software.name 
_software.classification 
_software.version 
_software.citation_id 
_software.pdbx_ordinal 
CNS      refinement        1.1     ? 1 
ADSC     'data collection' Quantum ? 2 
HKL-2000 'data reduction'  .       ? 3 
HKL-2000 'data scaling'    .       ? 4 
SOLVE    phasing           .       ? 5 
# 
_cell.entry_id           3E0H 
_cell.length_a           47.508 
_cell.length_b           50.881 
_cell.length_c           55.440 
_cell.angle_alpha        90.00 
_cell.angle_beta         90.00 
_cell.angle_gamma        90.00 
_cell.Z_PDB              4 
_cell.pdbx_unique_axis   ? 
_cell.length_a_esd       ? 
_cell.length_b_esd       ? 
_cell.length_c_esd       ? 
_cell.angle_alpha_esd    ? 
_cell.angle_beta_esd     ? 
_cell.angle_gamma_esd    ? 
# 
_symmetry.entry_id                         3E0H 
_symmetry.space_group_name_H-M             'P 21 21 21' 
_symmetry.pdbx_full_space_group_name_H-M   ? 
_symmetry.cell_setting                     ? 
_symmetry.Int_Tables_number                19 
_symmetry.space_group_name_Hall            ? 
# 
_exptl.entry_id          3E0H 
_exptl.method            'X-RAY DIFFRACTION' 
_exptl.crystals_number   1 
# 
_exptl_crystal.id                    1 
_exptl_crystal.density_meas          ? 
_exptl_crystal.density_Matthews      1.93 
_exptl_crystal.density_percent_sol   36.38 
_exptl_crystal.description           ? 
_exptl_crystal.F_000                 ? 
_exptl_crystal.preparation           ? 
# 
_exptl_crystal_grow.crystal_id      1 
_exptl_crystal_grow.method          'VAPOR DIFFUSION, SITTING DROP' 
_exptl_crystal_grow.temp            293 
_exptl_crystal_grow.temp_details    ? 
_exptl_crystal_grow.pH              4.1 
_exptl_crystal_grow.pdbx_details    
'Sodium bromide 0.1M,MES 0.1M, PEG 20000 40%, pH 4.1, VAPOR DIFFUSION, SITTING DROP, temperature 293K' 
_exptl_crystal_grow.pdbx_pH_range   . 
# 
_diffrn.id                     1 
_diffrn.ambient_temp           100 
_diffrn.ambient_temp_details   ? 
_diffrn.crystal_id             1 
# 
_diffrn_detector.diffrn_id              1 
_diffrn_detector.detector               CCD 
_diffrn_detector.type                   'ADSC QUANTUM 210' 
_diffrn_detector.pdbx_collection_date   2007-07-07 
_diffrn_detector.details                mirrors 
# 
_diffrn_radiation.diffrn_id                        1 
_diffrn_radiation.wavelength_id                    1 
_diffrn_radiation.pdbx_monochromatic_or_laue_m_l   M 
_diffrn_radiation.monochromator                    ? 
_diffrn_radiation.pdbx_diffrn_protocol             'SINGLE WAVELENGTH' 
_diffrn_radiation.pdbx_scattering_type             x-ray 
# 
_diffrn_radiation_wavelength.id           1 
_diffrn_radiation_wavelength.wavelength   0.979 
_diffrn_radiation_wavelength.wt           1.0 
# 
_diffrn_source.diffrn_id                   1 
_diffrn_source.source                      SYNCHROTRON 
_diffrn_source.type                        'NSLS BEAMLINE X4A' 
_diffrn_source.pdbx_synchrotron_site       NSLS 
_diffrn_source.pdbx_synchrotron_beamline   X4A 
_diffrn_source.pdbx_wavelength             ? 
_diffrn_source.pdbx_wavelength_list        0.979 
# 
_reflns.entry_id                     3E0H 
_reflns.observed_criterion_sigma_I   0 
_reflns.observed_criterion_sigma_F   0 
_reflns.d_resolution_low             50 
_reflns.d_resolution_high            1.8 
_reflns.number_obs                   23778 
_reflns.number_all                   23778 
_reflns.percent_possible_obs         99.9 
_reflns.pdbx_Rmerge_I_obs            0.107 
_reflns.pdbx_Rsym_value              0.090 
_reflns.pdbx_netI_over_sigmaI        10.6 
_reflns.B_iso_Wilson_estimate        13.0 
_reflns.pdbx_redundancy              7.4 
_reflns.R_free_details               ? 
_reflns.limit_h_max                  ? 
_reflns.limit_h_min                  ? 
_reflns.limit_k_max                  ? 
_reflns.limit_k_min                  ? 
_reflns.limit_l_max                  ? 
_reflns.limit_l_min                  ? 
_reflns.observed_criterion_F_max     ? 
_reflns.observed_criterion_F_min     ? 
_reflns.pdbx_chi_squared             ? 
_reflns.pdbx_scaling_rejects         ? 
_reflns.pdbx_diffrn_id               1 
_reflns.pdbx_ordinal                 1 
# 
_reflns_shell.d_res_high             1.8 
_reflns_shell.d_res_low              1.86 
_reflns_shell.percent_possible_all   99.9 
_reflns_shell.Rmerge_I_obs           0.316 
_reflns_shell.pdbx_Rsym_value        0.318 
_reflns_shell.meanI_over_sigI_obs    10.2 
_reflns_shell.pdbx_redundancy        7.4 
_reflns_shell.percent_possible_obs   ? 
_reflns_shell.number_unique_all      2380 
_reflns_shell.number_measured_all    ? 
_reflns_shell.number_measured_obs    ? 
_reflns_shell.number_unique_obs      ? 
_reflns_shell.pdbx_chi_squared       ? 
_reflns_shell.pdbx_diffrn_id         ? 
_reflns_shell.pdbx_ordinal           1 
# 
_refine.entry_id                                 3E0H 
_refine.ls_number_reflns_obs                     22371 
_refine.ls_number_reflns_all                     ? 
_refine.pdbx_ls_sigma_I                          ? 
_refine.pdbx_ls_sigma_F                          2.0 
_refine.pdbx_data_cutoff_high_absF               175976.72 
_refine.pdbx_data_cutoff_low_absF                0.000000 
_refine.pdbx_data_cutoff_high_rms_absF           ? 
_refine.ls_d_res_low                             37.49 
_refine.ls_d_res_high                            1.81 
_refine.ls_percent_reflns_obs                    93.7 
_refine.ls_R_factor_obs                          0.21 
_refine.ls_R_factor_all                          ? 
_refine.ls_R_factor_R_work                       0.21 
_refine.ls_R_factor_R_free                       0.234 
_refine.ls_R_factor_R_free_error                 0.005 
_refine.ls_R_factor_R_free_error_details         ? 
_refine.ls_percent_reflns_R_free                 9.4 
_refine.ls_number_reflns_R_free                  2093 
_refine.ls_number_parameters                     ? 
_refine.ls_number_restraints                     ? 
_refine.occupancy_min                            ? 
_refine.occupancy_max                            ? 
_refine.correlation_coeff_Fo_to_Fc               ? 
_refine.correlation_coeff_Fo_to_Fc_free          ? 
_refine.B_iso_mean                               26.8 
_refine.aniso_B[1][1]                            -0.16 
_refine.aniso_B[2][2]                            -2.51 
_refine.aniso_B[3][3]                            2.67 
_refine.aniso_B[1][2]                            0.00 
_refine.aniso_B[1][3]                            0.00 
_refine.aniso_B[2][3]                            0.00 
_refine.solvent_model_details                    'FLAT MODEL' 
_refine.solvent_model_param_ksol                 0.415555 
_refine.solvent_model_param_bsol                 41.5088 
_refine.pdbx_solvent_vdw_probe_radii             ? 
_refine.pdbx_solvent_ion_probe_radii             ? 
_refine.pdbx_solvent_shrinkage_radii             ? 
_refine.pdbx_ls_cross_valid_method               THROUGHOUT 
_refine.details                                  ? 
_refine.pdbx_starting_model                      ? 
_refine.pdbx_method_to_determine_struct          SAD 
_refine.pdbx_isotropic_thermal_model             RESTRAINED 
_refine.pdbx_stereochemistry_target_values       'Engh & Huber' 
_refine.pdbx_stereochem_target_val_spec_case     ? 
_refine.pdbx_R_Free_selection_details            RANDOM 
_refine.pdbx_overall_ESU_R                       ? 
_refine.pdbx_overall_ESU_R_Free                  ? 
_refine.overall_SU_ML                            ? 
_refine.overall_SU_B                             ? 
_refine.ls_redundancy_reflns_obs                 ? 
_refine.B_iso_min                                ? 
_refine.B_iso_max                                ? 
_refine.overall_SU_R_Cruickshank_DPI             ? 
_refine.overall_SU_R_free                        ? 
_refine.ls_wR_factor_R_free                      ? 
_refine.ls_wR_factor_R_work                      ? 
_refine.overall_FOM_free_R_set                   ? 
_refine.overall_FOM_work_R_set                   ? 
_refine.pdbx_overall_phase_error                 ? 
_refine.pdbx_refine_id                           'X-RAY DIFFRACTION' 
_refine.pdbx_diffrn_id                           1 
_refine.pdbx_TLS_residual_ADP_flag               ? 
_refine.pdbx_overall_SU_R_free_Cruickshank_DPI   ? 
_refine.pdbx_overall_SU_R_Blow_DPI               ? 
_refine.pdbx_overall_SU_R_free_Blow_DPI          ? 
# 
_refine_analyze.entry_id                        3E0H 
_refine_analyze.Luzzati_coordinate_error_obs    0.21 
_refine_analyze.Luzzati_sigma_a_obs             0.05 
_refine_analyze.Luzzati_d_res_low_obs           5.00 
_refine_analyze.Luzzati_coordinate_error_free   0.23 
_refine_analyze.Luzzati_sigma_a_free            0.12 
_refine_analyze.Luzzati_d_res_low_free          ? 
_refine_analyze.number_disordered_residues      ? 
_refine_analyze.occupancy_sum_hydrogen          ? 
_refine_analyze.occupancy_sum_non_hydrogen      ? 
_refine_analyze.pdbx_Luzzati_d_res_high_obs     ? 
_refine_analyze.pdbx_refine_id                  'X-RAY DIFFRACTION' 
# 
_refine_hist.pdbx_refine_id                   'X-RAY DIFFRACTION' 
_refine_hist.cycle_id                         LAST 
_refine_hist.pdbx_number_atoms_protein        1160 
_refine_hist.pdbx_number_atoms_nucleic_acid   0 
_refine_hist.pdbx_number_atoms_ligand         0 
_refine_hist.number_atoms_solvent             141 
_refine_hist.number_atoms_total               1301 
_refine_hist.d_res_high                       1.81 
_refine_hist.d_res_low                        37.49 
# 
loop_
_refine_ls_restr.type 
_refine_ls_restr.dev_ideal 
_refine_ls_restr.dev_ideal_target 
_refine_ls_restr.weight 
_refine_ls_restr.number 
_refine_ls_restr.pdbx_refine_id 
_refine_ls_restr.pdbx_restraint_function 
c_bond_d           0.006 ? ? ? 'X-RAY DIFFRACTION' ? 
c_angle_deg        1.4   ? ? ? 'X-RAY DIFFRACTION' ? 
c_dihedral_angle_d 24.8  ? ? ? 'X-RAY DIFFRACTION' ? 
c_improper_angle_d 0.85  ? ? ? 'X-RAY DIFFRACTION' ? 
# 
_refine_ls_shell.pdbx_total_number_of_bins_used   6 
_refine_ls_shell.d_res_high                       1.80 
_refine_ls_shell.d_res_low                        1.91 
_refine_ls_shell.number_reflns_R_work             2780 
_refine_ls_shell.R_factor_R_work                  0.2 
_refine_ls_shell.percent_reflns_obs               76.2 
_refine_ls_shell.R_factor_R_free                  0.227 
_refine_ls_shell.R_factor_R_free_error            0.014 
_refine_ls_shell.percent_reflns_R_free            8.7 
_refine_ls_shell.number_reflns_R_free             266 
_refine_ls_shell.number_reflns_all                ? 
_refine_ls_shell.R_factor_all                     ? 
_refine_ls_shell.number_reflns_obs                ? 
_refine_ls_shell.redundancy_reflns_obs            ? 
_refine_ls_shell.pdbx_refine_id                   'X-RAY DIFFRACTION' 
# 
loop_
_pdbx_xplor_file.serial_no 
_pdbx_xplor_file.param_file 
_pdbx_xplor_file.topol_file 
_pdbx_xplor_file.pdbx_refine_id 
1 protein_rep.param protein.top 'X-RAY DIFFRACTION' 
2 water_rep.param   water.top   'X-RAY DIFFRACTION' 
3 ion.param         ion.top     'X-RAY DIFFRACTION' 
# 
_struct.entry_id                  3E0H 
_struct.title                     
'Crystal structure of an uncharacterized protein from Chlorobium tepidum. NorthEast Structural Genomics target CtR107.' 
_struct.pdbx_model_details        ? 
_struct.pdbx_CASP_flag            Y 
_struct.pdbx_model_type_details   ? 
# 
_struct_keywords.entry_id        3E0H 
_struct_keywords.pdbx_keywords   'structural genomics, unknown function' 
_struct_keywords.text            
;uncharacterized protein, Chlorobium tepidum, Structural Genomics, PSI-2, Protein Structure Initiative, Northeast Structural Genomics Consortium, NESG, unknown function
;
# 
loop_
_struct_asym.id 
_struct_asym.pdbx_blank_PDB_chainid_flag 
_struct_asym.pdbx_modified 
_struct_asym.entity_id 
_struct_asym.details 
A N N 1 ? 
B N N 2 ? 
# 
_struct_ref.id                         1 
_struct_ref.db_name                    UNP 
_struct_ref.db_code                    Q8KFZ1_CHLTE 
_struct_ref.pdbx_db_accession          Q8KFZ1 
_struct_ref.entity_id                  1 
_struct_ref.pdbx_seq_one_letter_code   
;MDFECQFVCELKELAPVPALLIRTQTTMSELGSLFEAGYHDILQLLAGQGKSPSGPPFARYFGMSAGTFEVEFGFPVEGG
VEGSGRVVTGLTPSGKAASSLYIGPYGEIEAVYDALMKWVDDNGFDLSGEAYEIYLDNPAETAPDQLRTRVSLMLHES
;
_struct_ref.pdbx_align_begin           1 
_struct_ref.pdbx_db_isoform            ? 
# 
_struct_ref_seq.align_id                      1 
_struct_ref_seq.ref_id                        1 
_struct_ref_seq.pdbx_PDB_id_code              3E0H 
_struct_ref_seq.pdbx_strand_id                A 
_struct_ref_seq.seq_align_beg                 1 
_struct_ref_seq.pdbx_seq_align_beg_ins_code   ? 
_struct_ref_seq.seq_align_end                 158 
_struct_ref_seq.pdbx_seq_align_end_ins_code   ? 
_struct_ref_seq.pdbx_db_accession             Q8KFZ1 
_struct_ref_seq.db_align_beg                  1 
_struct_ref_seq.pdbx_db_align_beg_ins_code    ? 
_struct_ref_seq.db_align_end                  158 
_struct_ref_seq.pdbx_db_align_end_ins_code    ? 
_struct_ref_seq.pdbx_auth_seq_align_beg       1 
_struct_ref_seq.pdbx_auth_seq_align_end       158 
# 
_pdbx_struct_assembly.id                   1 
_pdbx_struct_assembly.details              author_and_software_defined_assembly 
_pdbx_struct_assembly.method_details       PISA 
_pdbx_struct_assembly.oligomeric_details   monomeric 
_pdbx_struct_assembly.oligomeric_count     1 
# 
_pdbx_struct_assembly_gen.assembly_id       1 
_pdbx_struct_assembly_gen.oper_expression   1 
_pdbx_struct_assembly_gen.asym_id_list      A,B 
# 
_pdbx_struct_oper_list.id                   1 
_pdbx_struct_oper_list.type                 'identity operation' 
_pdbx_struct_oper_list.name                 1_555 
_pdbx_struct_oper_list.symmetry_operation   x,y,z 
_pdbx_struct_oper_list.matrix[1][1]         1.0000000000 
_pdbx_struct_oper_list.matrix[1][2]         0.0000000000 
_pdbx_struct_oper_list.matrix[1][3]         0.0000000000 
_pdbx_struct_oper_list.vector[1]            0.0000000000 
_pdbx_struct_oper_list.matrix[2][1]         0.0000000000 
_pdbx_struct_oper_list.matrix[2][2]         1.0000000000 
_pdbx_struct_oper_list.matrix[2][3]         0.0000000000 
_pdbx_struct_oper_list.vector[2]            0.0000000000 
_pdbx_struct_oper_list.matrix[3][1]         0.0000000000 
_pdbx_struct_oper_list.matrix[3][2]         0.0000000000 
_pdbx_struct_oper_list.matrix[3][3]         1.0000000000 
_pdbx_struct_oper_list.vector[3]            0.0000000000 
# 
loop_
_struct_conf.conf_type_id 
_struct_conf.id 
_struct_conf.pdbx_PDB_helix_id 
_struct_conf.beg_label_comp_id 
_struct_conf.beg_label_asym_id 
_struct_conf.beg_label_seq_id 
_struct_conf.pdbx_beg_PDB_ins_code 
_struct_conf.end_label_comp_id 
_struct_conf.end_label_asym_id 
_struct_conf.end_label_seq_id 
_struct_conf.pdbx_end_PDB_ins_code 
_struct_conf.beg_auth_comp_id 
_struct_conf.beg_auth_asym_id 
_struct_conf.beg_auth_seq_id 
_struct_conf.end_auth_comp_id 
_struct_conf.end_auth_asym_id 
_struct_conf.end_auth_seq_id 
_struct_conf.pdbx_PDB_helix_class 
_struct_conf.details 
_struct_conf.pdbx_PDB_helix_length 
HELX_P HELX_P1 1 THR A 27  ? GLN A 49  ? THR A 27  GLN A 49  1 ? 23 
HELX_P HELX_P2 2 PRO A 105 ? GLU A 108 ? PRO A 105 GLU A 108 5 ? 4  
HELX_P HELX_P3 3 ILE A 109 ? ASN A 123 ? ILE A 109 ASN A 123 1 ? 15 
HELX_P HELX_P4 4 ALA A 143 ? GLN A 146 ? ALA A 143 GLN A 146 5 ? 4  
# 
_struct_conf_type.id          HELX_P 
_struct_conf_type.criteria    ? 
_struct_conf_type.reference   ? 
# 
loop_
_struct_conn.id 
_struct_conn.conn_type_id 
_struct_conn.pdbx_leaving_atom_flag 
_struct_conn.pdbx_PDB_id 
_struct_conn.ptnr1_label_asym_id 
_struct_conn.ptnr1_label_comp_id 
_struct_conn.ptnr1_label_seq_id 
_struct_conn.ptnr1_label_atom_id 
_struct_conn.pdbx_ptnr1_label_alt_id 
_struct_conn.pdbx_ptnr1_PDB_ins_code 
_struct_conn.pdbx_ptnr1_standard_comp_id 
_struct_conn.ptnr1_symmetry 
_struct_conn.ptnr2_label_asym_id 
_struct_conn.ptnr2_label_comp_id 
_struct_conn.ptnr2_label_seq_id 
_struct_conn.ptnr2_label_atom_id 
_struct_conn.pdbx_ptnr2_label_alt_id 
_struct_conn.pdbx_ptnr2_PDB_ins_code 
_struct_conn.ptnr1_auth_asym_id 
_struct_conn.ptnr1_auth_comp_id 
_struct_conn.ptnr1_auth_seq_id 
_struct_conn.ptnr2_auth_asym_id 
_struct_conn.ptnr2_auth_comp_id 
_struct_conn.ptnr2_auth_seq_id 
_struct_conn.ptnr2_symmetry 
_struct_conn.pdbx_ptnr3_label_atom_id 
_struct_conn.pdbx_ptnr3_label_seq_id 
_struct_conn.pdbx_ptnr3_label_comp_id 
_struct_conn.pdbx_ptnr3_label_asym_id 
_struct_conn.pdbx_ptnr3_label_alt_id 
_struct_conn.pdbx_ptnr3_PDB_ins_code 
_struct_conn.details 
_struct_conn.pdbx_dist_value 
_struct_conn.pdbx_value_order 
_struct_conn.pdbx_role 
covale1 covale both ? A THR 27  C ? ? ? 1_555 A MSE 28  N ? ? A THR 27  A MSE 28  1_555 ? ? ? ? ? ? ? 1.327 ? ? 
covale2 covale both ? A MSE 28  C ? ? ? 1_555 A SER 29  N ? ? A MSE 28  A SER 29  1_555 ? ? ? ? ? ? ? 1.329 ? ? 
covale3 covale both ? A GLY 63  C ? ? ? 1_555 A MSE 64  N ? ? A GLY 63  A MSE 64  1_555 ? ? ? ? ? ? ? 1.329 ? ? 
covale4 covale both ? A MSE 64  C ? ? ? 1_555 A SER 65  N ? ? A MSE 64  A SER 65  1_555 ? ? ? ? ? ? ? 1.332 ? ? 
covale5 covale both ? A LEU 116 C ? ? ? 1_555 A MSE 117 N ? ? A LEU 116 A MSE 117 1_555 ? ? ? ? ? ? ? 1.326 ? ? 
covale6 covale both ? A MSE 117 C ? ? ? 1_555 A LYS 118 N ? ? A MSE 117 A LYS 118 1_555 ? ? ? ? ? ? ? 1.327 ? ? 
covale7 covale both ? A LEU 153 C ? ? ? 1_555 A MSE 154 N ? ? A LEU 153 A MSE 154 1_555 ? ? ? ? ? ? ? 1.326 ? ? 
covale8 covale both ? A MSE 154 C ? ? ? 1_555 A LEU 155 N ? ? A MSE 154 A LEU 155 1_555 ? ? ? ? ? ? ? 1.327 ? ? 
# 
_struct_conn_type.id          covale 
_struct_conn_type.criteria    ? 
_struct_conn_type.reference   ? 
# 
loop_
_pdbx_modification_feature.ordinal 
_pdbx_modification_feature.label_comp_id 
_pdbx_modification_feature.label_asym_id 
_pdbx_modification_feature.label_seq_id 
_pdbx_modification_feature.label_alt_id 
_pdbx_modification_feature.modified_residue_label_comp_id 
_pdbx_modification_feature.modified_residue_label_asym_id 
_pdbx_modification_feature.modified_residue_label_seq_id 
_pdbx_modification_feature.modified_residue_label_alt_id 
_pdbx_modification_feature.auth_comp_id 
_pdbx_modification_feature.auth_asym_id 
_pdbx_modification_feature.auth_seq_id 
_pdbx_modification_feature.PDB_ins_code 
_pdbx_modification_feature.symmetry 
_pdbx_modification_feature.modified_residue_auth_comp_id 
_pdbx_modification_feature.modified_residue_auth_asym_id 
_pdbx_modification_feature.modified_residue_auth_seq_id 
_pdbx_modification_feature.modified_residue_PDB_ins_code 
_pdbx_modification_feature.modified_residue_symmetry 
_pdbx_modification_feature.comp_id_linking_atom 
_pdbx_modification_feature.modified_residue_id_linking_atom 
_pdbx_modification_feature.modified_residue_id 
_pdbx_modification_feature.ref_pcm_id 
_pdbx_modification_feature.ref_comp_id 
_pdbx_modification_feature.type 
_pdbx_modification_feature.category 
1 MSE A 28  ? . . . . MSE A 28  ? 1_555 . . . . . . . MET 1 MSE Selenomethionine 'Named protein modification' 
2 MSE A 64  ? . . . . MSE A 64  ? 1_555 . . . . . . . MET 1 MSE Selenomethionine 'Named protein modification' 
3 MSE A 117 ? . . . . MSE A 117 ? 1_555 . . . . . . . MET 1 MSE Selenomethionine 'Named protein modification' 
4 MSE A 154 ? . . . . MSE A 154 ? 1_555 . . . . . . . MET 1 MSE Selenomethionine 'Named protein modification' 
# 
_struct_sheet.id               A 
_struct_sheet.type             ? 
_struct_sheet.number_strands   8 
_struct_sheet.details          ? 
# 
loop_
_struct_sheet_order.sheet_id 
_struct_sheet_order.range_id_1 
_struct_sheet_order.range_id_2 
_struct_sheet_order.offset 
_struct_sheet_order.sense 
A 1 2 ? anti-parallel 
A 2 3 ? anti-parallel 
A 3 4 ? anti-parallel 
A 4 5 ? anti-parallel 
A 5 6 ? anti-parallel 
A 6 7 ? anti-parallel 
A 7 8 ? anti-parallel 
# 
loop_
_struct_sheet_range.sheet_id 
_struct_sheet_range.id 
_struct_sheet_range.beg_label_comp_id 
_struct_sheet_range.beg_label_asym_id 
_struct_sheet_range.beg_label_seq_id 
_struct_sheet_range.pdbx_beg_PDB_ins_code 
_struct_sheet_range.end_label_comp_id 
_struct_sheet_range.end_label_asym_id 
_struct_sheet_range.end_label_seq_id 
_struct_sheet_range.pdbx_end_PDB_ins_code 
_struct_sheet_range.beg_auth_comp_id 
_struct_sheet_range.beg_auth_asym_id 
_struct_sheet_range.beg_auth_seq_id 
_struct_sheet_range.end_auth_comp_id 
_struct_sheet_range.end_auth_asym_id 
_struct_sheet_range.end_auth_seq_id 
A 1 CYS A 9   ? LEU A 14  ? CYS A 9   LEU A 14  
A 2 GLY A 95  ? ILE A 103 ? GLY A 95  ILE A 103 
A 3 ARG A 148 ? LEU A 155 ? ARG A 148 LEU A 155 
A 4 LEU A 127 ? TYR A 135 ? LEU A 127 TYR A 135 
A 5 PHE A 58  ? PHE A 62  ? PHE A 58  PHE A 62  
A 6 PHE A 69  ? PRO A 76  ? PHE A 69  PRO A 76  
A 7 PRO A 18  ? THR A 26  ? PRO A 18  THR A 26  
A 8 VAL A 88  ? LEU A 91  ? VAL A 88  LEU A 91  
# 
loop_
_pdbx_struct_sheet_hbond.sheet_id 
_pdbx_struct_sheet_hbond.range_id_1 
_pdbx_struct_sheet_hbond.range_id_2 
_pdbx_struct_sheet_hbond.range_1_label_atom_id 
_pdbx_struct_sheet_hbond.range_1_label_comp_id 
_pdbx_struct_sheet_hbond.range_1_label_asym_id 
_pdbx_struct_sheet_hbond.range_1_label_seq_id 
_pdbx_struct_sheet_hbond.range_1_PDB_ins_code 
_pdbx_struct_sheet_hbond.range_1_auth_atom_id 
_pdbx_struct_sheet_hbond.range_1_auth_comp_id 
_pdbx_struct_sheet_hbond.range_1_auth_asym_id 
_pdbx_struct_sheet_hbond.range_1_auth_seq_id 
_pdbx_struct_sheet_hbond.range_2_label_atom_id 
_pdbx_struct_sheet_hbond.range_2_label_comp_id 
_pdbx_struct_sheet_hbond.range_2_label_asym_id 
_pdbx_struct_sheet_hbond.range_2_label_seq_id 
_pdbx_struct_sheet_hbond.range_2_PDB_ins_code 
_pdbx_struct_sheet_hbond.range_2_auth_atom_id 
_pdbx_struct_sheet_hbond.range_2_auth_comp_id 
_pdbx_struct_sheet_hbond.range_2_auth_asym_id 
_pdbx_struct_sheet_hbond.range_2_auth_seq_id 
A 1 2 N GLU A 10  ? N GLU A 10  O SER A 99  ? O SER A 99  
A 2 3 N TYR A 102 ? N TYR A 102 O THR A 149 ? O THR A 149 
A 3 4 O SER A 152 ? O SER A 152 N TYR A 132 ? N TYR A 132 
A 4 5 O ALA A 131 ? O ALA A 131 N TYR A 61  ? N TYR A 61  
A 5 6 N PHE A 62  ? N PHE A 62  O GLU A 70  ? O GLU A 70  
A 6 7 O PHE A 69  ? O PHE A 69  N THR A 26  ? N THR A 26  
A 7 8 N LEU A 21  ? N LEU A 21  O VAL A 88  ? O VAL A 88  
# 
_pdbx_entry_details.entry_id                   3E0H 
_pdbx_entry_details.compound_details           ? 
_pdbx_entry_details.source_details             ? 
_pdbx_entry_details.nonpolymer_details         ? 
_pdbx_entry_details.sequence_details           ? 
_pdbx_entry_details.has_ligand_of_interest     ? 
_pdbx_entry_details.has_protein_modification   Y 
# 
_pdbx_validate_torsion.id              1 
_pdbx_validate_torsion.PDB_model_num   1 
_pdbx_validate_torsion.auth_comp_id    GLU 
_pdbx_validate_torsion.auth_asym_id    A 
_pdbx_validate_torsion.auth_seq_id     157 
_pdbx_validate_torsion.PDB_ins_code    ? 
_pdbx_validate_torsion.label_alt_id    ? 
_pdbx_validate_torsion.phi             -148.19 
_pdbx_validate_torsion.psi             47.17 
# 
_pdbx_SG_project.id                    1 
_pdbx_SG_project.project_name          'PSI, Protein Structure Initiative' 
_pdbx_SG_project.full_name_of_center   'Northeast Structural Genomics Consortium' 
_pdbx_SG_project.initial_of_center     NESG 
# 
loop_
_pdbx_struct_mod_residue.id 
_pdbx_struct_mod_residue.label_asym_id 
_pdbx_struct_mod_residue.label_comp_id 
_pdbx_struct_mod_residue.label_seq_id 
_pdbx_struct_mod_residue.auth_asym_id 
_pdbx_struct_mod_residue.auth_comp_id 
_pdbx_struct_mod_residue.auth_seq_id 
_pdbx_struct_mod_residue.PDB_ins_code 
_pdbx_struct_mod_residue.parent_comp_id 
_pdbx_struct_mod_residue.details 
1 A MSE 28  A MSE 28  ? MET SELENOMETHIONINE 
2 A MSE 64  A MSE 64  ? MET SELENOMETHIONINE 
3 A MSE 117 A MSE 117 ? MET SELENOMETHIONINE 
4 A MSE 154 A MSE 154 ? MET SELENOMETHIONINE 
# 
loop_
_pdbx_unobs_or_zero_occ_residues.id 
_pdbx_unobs_or_zero_occ_residues.PDB_model_num 
_pdbx_unobs_or_zero_occ_residues.polymer_flag 
_pdbx_unobs_or_zero_occ_residues.occupancy_flag 
_pdbx_unobs_or_zero_occ_residues.auth_asym_id 
_pdbx_unobs_or_zero_occ_residues.auth_comp_id 
_pdbx_unobs_or_zero_occ_residues.auth_seq_id 
_pdbx_unobs_or_zero_occ_residues.PDB_ins_code 
_pdbx_unobs_or_zero_occ_residues.label_asym_id 
_pdbx_unobs_or_zero_occ_residues.label_comp_id 
_pdbx_unobs_or_zero_occ_residues.label_seq_id 
1 1 Y 1 A MSE 1 ? A MSE 1 
2 1 Y 1 A ASP 2 ? A ASP 2 
3 1 Y 1 A PHE 3 ? A PHE 3 
4 1 Y 1 A GLU 4 ? A GLU 4 
5 1 Y 1 A CYS 5 ? A CYS 5 
# 
loop_
_chem_comp_atom.comp_id 
_chem_comp_atom.atom_id 
_chem_comp_atom.type_symbol 
_chem_comp_atom.pdbx_aromatic_flag 
_chem_comp_atom.pdbx_stereo_config 
_chem_comp_atom.pdbx_ordinal 
ALA N    N  N N 1   
ALA CA   C  N S 2   
ALA C    C  N N 3   
ALA O    O  N N 4   
ALA CB   C  N N 5   
ALA OXT  O  N N 6   
ALA H    H  N N 7   
ALA H2   H  N N 8   
ALA HA   H  N N 9   
ALA HB1  H  N N 10  
ALA HB2  H  N N 11  
ALA HB3  H  N N 12  
ALA HXT  H  N N 13  
ARG N    N  N N 14  
ARG CA   C  N S 15  
ARG C    C  N N 16  
ARG O    O  N N 17  
ARG CB   C  N N 18  
ARG CG   C  N N 19  
ARG CD   C  N N 20  
ARG NE   N  N N 21  
ARG CZ   C  N N 22  
ARG NH1  N  N N 23  
ARG NH2  N  N N 24  
ARG OXT  O  N N 25  
ARG H    H  N N 26  
ARG H2   H  N N 27  
ARG HA   H  N N 28  
ARG HB2  H  N N 29  
ARG HB3  H  N N 30  
ARG HG2  H  N N 31  
ARG HG3  H  N N 32  
ARG HD2  H  N N 33  
ARG HD3  H  N N 34  
ARG HE   H  N N 35  
ARG HH11 H  N N 36  
ARG HH12 H  N N 37  
ARG HH21 H  N N 38  
ARG HH22 H  N N 39  
ARG HXT  H  N N 40  
ASN N    N  N N 41  
ASN CA   C  N S 42  
ASN C    C  N N 43  
ASN O    O  N N 44  
ASN CB   C  N N 45  
ASN CG   C  N N 46  
ASN OD1  O  N N 47  
ASN ND2  N  N N 48  
ASN OXT  O  N N 49  
ASN H    H  N N 50  
ASN H2   H  N N 51  
ASN HA   H  N N 52  
ASN HB2  H  N N 53  
ASN HB3  H  N N 54  
ASN HD21 H  N N 55  
ASN HD22 H  N N 56  
ASN HXT  H  N N 57  
ASP N    N  N N 58  
ASP CA   C  N S 59  
ASP C    C  N N 60  
ASP O    O  N N 61  
ASP CB   C  N N 62  
ASP CG   C  N N 63  
ASP OD1  O  N N 64  
ASP OD2  O  N N 65  
ASP OXT  O  N N 66  
ASP H    H  N N 67  
ASP H2   H  N N 68  
ASP HA   H  N N 69  
ASP HB2  H  N N 70  
ASP HB3  H  N N 71  
ASP HD2  H  N N 72  
ASP HXT  H  N N 73  
CYS N    N  N N 74  
CYS CA   C  N R 75  
CYS C    C  N N 76  
CYS O    O  N N 77  
CYS CB   C  N N 78  
CYS SG   S  N N 79  
CYS OXT  O  N N 80  
CYS H    H  N N 81  
CYS H2   H  N N 82  
CYS HA   H  N N 83  
CYS HB2  H  N N 84  
CYS HB3  H  N N 85  
CYS HG   H  N N 86  
CYS HXT  H  N N 87  
GLN N    N  N N 88  
GLN CA   C  N S 89  
GLN C    C  N N 90  
GLN O    O  N N 91  
GLN CB   C  N N 92  
GLN CG   C  N N 93  
GLN CD   C  N N 94  
GLN OE1  O  N N 95  
GLN NE2  N  N N 96  
GLN OXT  O  N N 97  
GLN H    H  N N 98  
GLN H2   H  N N 99  
GLN HA   H  N N 100 
GLN HB2  H  N N 101 
GLN HB3  H  N N 102 
GLN HG2  H  N N 103 
GLN HG3  H  N N 104 
GLN HE21 H  N N 105 
GLN HE22 H  N N 106 
GLN HXT  H  N N 107 
GLU N    N  N N 108 
GLU CA   C  N S 109 
GLU C    C  N N 110 
GLU O    O  N N 111 
GLU CB   C  N N 112 
GLU CG   C  N N 113 
GLU CD   C  N N 114 
GLU OE1  O  N N 115 
GLU OE2  O  N N 116 
GLU OXT  O  N N 117 
GLU H    H  N N 118 
GLU H2   H  N N 119 
GLU HA   H  N N 120 
GLU HB2  H  N N 121 
GLU HB3  H  N N 122 
GLU HG2  H  N N 123 
GLU HG3  H  N N 124 
GLU HE2  H  N N 125 
GLU HXT  H  N N 126 
GLY N    N  N N 127 
GLY CA   C  N N 128 
GLY C    C  N N 129 
GLY O    O  N N 130 
GLY OXT  O  N N 131 
GLY H    H  N N 132 
GLY H2   H  N N 133 
GLY HA2  H  N N 134 
GLY HA3  H  N N 135 
GLY HXT  H  N N 136 
HIS N    N  N N 137 
HIS CA   C  N S 138 
HIS C    C  N N 139 
HIS O    O  N N 140 
HIS CB   C  N N 141 
HIS CG   C  Y N 142 
HIS ND1  N  Y N 143 
HIS CD2  C  Y N 144 
HIS CE1  C  Y N 145 
HIS NE2  N  Y N 146 
HIS OXT  O  N N 147 
HIS H    H  N N 148 
HIS H2   H  N N 149 
HIS HA   H  N N 150 
HIS HB2  H  N N 151 
HIS HB3  H  N N 152 
HIS HD1  H  N N 153 
HIS HD2  H  N N 154 
HIS HE1  H  N N 155 
HIS HE2  H  N N 156 
HIS HXT  H  N N 157 
HOH O    O  N N 158 
HOH H1   H  N N 159 
HOH H2   H  N N 160 
ILE N    N  N N 161 
ILE CA   C  N S 162 
ILE C    C  N N 163 
ILE O    O  N N 164 
ILE CB   C  N S 165 
ILE CG1  C  N N 166 
ILE CG2  C  N N 167 
ILE CD1  C  N N 168 
ILE OXT  O  N N 169 
ILE H    H  N N 170 
ILE H2   H  N N 171 
ILE HA   H  N N 172 
ILE HB   H  N N 173 
ILE HG12 H  N N 174 
ILE HG13 H  N N 175 
ILE HG21 H  N N 176 
ILE HG22 H  N N 177 
ILE HG23 H  N N 178 
ILE HD11 H  N N 179 
ILE HD12 H  N N 180 
ILE HD13 H  N N 181 
ILE HXT  H  N N 182 
LEU N    N  N N 183 
LEU CA   C  N S 184 
LEU C    C  N N 185 
LEU O    O  N N 186 
LEU CB   C  N N 187 
LEU CG   C  N N 188 
LEU CD1  C  N N 189 
LEU CD2  C  N N 190 
LEU OXT  O  N N 191 
LEU H    H  N N 192 
LEU H2   H  N N 193 
LEU HA   H  N N 194 
LEU HB2  H  N N 195 
LEU HB3  H  N N 196 
LEU HG   H  N N 197 
LEU HD11 H  N N 198 
LEU HD12 H  N N 199 
LEU HD13 H  N N 200 
LEU HD21 H  N N 201 
LEU HD22 H  N N 202 
LEU HD23 H  N N 203 
LEU HXT  H  N N 204 
LYS N    N  N N 205 
LYS CA   C  N S 206 
LYS C    C  N N 207 
LYS O    O  N N 208 
LYS CB   C  N N 209 
LYS CG   C  N N 210 
LYS CD   C  N N 211 
LYS CE   C  N N 212 
LYS NZ   N  N N 213 
LYS OXT  O  N N 214 
LYS H    H  N N 215 
LYS H2   H  N N 216 
LYS HA   H  N N 217 
LYS HB2  H  N N 218 
LYS HB3  H  N N 219 
LYS HG2  H  N N 220 
LYS HG3  H  N N 221 
LYS HD2  H  N N 222 
LYS HD3  H  N N 223 
LYS HE2  H  N N 224 
LYS HE3  H  N N 225 
LYS HZ1  H  N N 226 
LYS HZ2  H  N N 227 
LYS HZ3  H  N N 228 
LYS HXT  H  N N 229 
MSE N    N  N N 230 
MSE CA   C  N S 231 
MSE C    C  N N 232 
MSE O    O  N N 233 
MSE OXT  O  N N 234 
MSE CB   C  N N 235 
MSE CG   C  N N 236 
MSE SE   SE N N 237 
MSE CE   C  N N 238 
MSE H    H  N N 239 
MSE H2   H  N N 240 
MSE HA   H  N N 241 
MSE HXT  H  N N 242 
MSE HB2  H  N N 243 
MSE HB3  H  N N 244 
MSE HG2  H  N N 245 
MSE HG3  H  N N 246 
MSE HE1  H  N N 247 
MSE HE2  H  N N 248 
MSE HE3  H  N N 249 
PHE N    N  N N 250 
PHE CA   C  N S 251 
PHE C    C  N N 252 
PHE O    O  N N 253 
PHE CB   C  N N 254 
PHE CG   C  Y N 255 
PHE CD1  C  Y N 256 
PHE CD2  C  Y N 257 
PHE CE1  C  Y N 258 
PHE CE2  C  Y N 259 
PHE CZ   C  Y N 260 
PHE OXT  O  N N 261 
PHE H    H  N N 262 
PHE H2   H  N N 263 
PHE HA   H  N N 264 
PHE HB2  H  N N 265 
PHE HB3  H  N N 266 
PHE HD1  H  N N 267 
PHE HD2  H  N N 268 
PHE HE1  H  N N 269 
PHE HE2  H  N N 270 
PHE HZ   H  N N 271 
PHE HXT  H  N N 272 
PRO N    N  N N 273 
PRO CA   C  N S 274 
PRO C    C  N N 275 
PRO O    O  N N 276 
PRO CB   C  N N 277 
PRO CG   C  N N 278 
PRO CD   C  N N 279 
PRO OXT  O  N N 280 
PRO H    H  N N 281 
PRO HA   H  N N 282 
PRO HB2  H  N N 283 
PRO HB3  H  N N 284 
PRO HG2  H  N N 285 
PRO HG3  H  N N 286 
PRO HD2  H  N N 287 
PRO HD3  H  N N 288 
PRO HXT  H  N N 289 
SER N    N  N N 290 
SER CA   C  N S 291 
SER C    C  N N 292 
SER O    O  N N 293 
SER CB   C  N N 294 
SER OG   O  N N 295 
SER OXT  O  N N 296 
SER H    H  N N 297 
SER H2   H  N N 298 
SER HA   H  N N 299 
SER HB2  H  N N 300 
SER HB3  H  N N 301 
SER HG   H  N N 302 
SER HXT  H  N N 303 
THR N    N  N N 304 
THR CA   C  N S 305 
THR C    C  N N 306 
THR O    O  N N 307 
THR CB   C  N R 308 
THR OG1  O  N N 309 
THR CG2  C  N N 310 
THR OXT  O  N N 311 
THR H    H  N N 312 
THR H2   H  N N 313 
THR HA   H  N N 314 
THR HB   H  N N 315 
THR HG1  H  N N 316 
THR HG21 H  N N 317 
THR HG22 H  N N 318 
THR HG23 H  N N 319 
THR HXT  H  N N 320 
TRP N    N  N N 321 
TRP CA   C  N S 322 
TRP C    C  N N 323 
TRP O    O  N N 324 
TRP CB   C  N N 325 
TRP CG   C  Y N 326 
TRP CD1  C  Y N 327 
TRP CD2  C  Y N 328 
TRP NE1  N  Y N 329 
TRP CE2  C  Y N 330 
TRP CE3  C  Y N 331 
TRP CZ2  C  Y N 332 
TRP CZ3  C  Y N 333 
TRP CH2  C  Y N 334 
TRP OXT  O  N N 335 
TRP H    H  N N 336 
TRP H2   H  N N 337 
TRP HA   H  N N 338 
TRP HB2  H  N N 339 
TRP HB3  H  N N 340 
TRP HD1  H  N N 341 
TRP HE1  H  N N 342 
TRP HE3  H  N N 343 
TRP HZ2  H  N N 344 
TRP HZ3  H  N N 345 
TRP HH2  H  N N 346 
TRP HXT  H  N N 347 
TYR N    N  N N 348 
TYR CA   C  N S 349 
TYR C    C  N N 350 
TYR O    O  N N 351 
TYR CB   C  N N 352 
TYR CG   C  Y N 353 
TYR CD1  C  Y N 354 
TYR CD2  C  Y N 355 
TYR CE1  C  Y N 356 
TYR CE2  C  Y N 357 
TYR CZ   C  Y N 358 
TYR OH   O  N N 359 
TYR OXT  O  N N 360 
TYR H    H  N N 361 
TYR H2   H  N N 362 
TYR HA   H  N N 363 
TYR HB2  H  N N 364 
TYR HB3  H  N N 365 
TYR HD1  H  N N 366 
TYR HD2  H  N N 367 
TYR HE1  H  N N 368 
TYR HE2  H  N N 369 
TYR HH   H  N N 370 
TYR HXT  H  N N 371 
VAL N    N  N N 372 
VAL CA   C  N S 373 
VAL C    C  N N 374 
VAL O    O  N N 375 
VAL CB   C  N N 376 
VAL CG1  C  N N 377 
VAL CG2  C  N N 378 
VAL OXT  O  N N 379 
VAL H    H  N N 380 
VAL H2   H  N N 381 
VAL HA   H  N N 382 
VAL HB   H  N N 383 
VAL HG11 H  N N 384 
VAL HG12 H  N N 385 
VAL HG13 H  N N 386 
VAL HG21 H  N N 387 
VAL HG22 H  N N 388 
VAL HG23 H  N N 389 
VAL HXT  H  N N 390 
# 
loop_
_chem_comp_bond.comp_id 
_chem_comp_bond.atom_id_1 
_chem_comp_bond.atom_id_2 
_chem_comp_bond.value_order 
_chem_comp_bond.pdbx_aromatic_flag 
_chem_comp_bond.pdbx_stereo_config 
_chem_comp_bond.pdbx_ordinal 
ALA N   CA   sing N N 1   
ALA N   H    sing N N 2   
ALA N   H2   sing N N 3   
ALA CA  C    sing N N 4   
ALA CA  CB   sing N N 5   
ALA CA  HA   sing N N 6   
ALA C   O    doub N N 7   
ALA C   OXT  sing N N 8   
ALA CB  HB1  sing N N 9   
ALA CB  HB2  sing N N 10  
ALA CB  HB3  sing N N 11  
ALA OXT HXT  sing N N 12  
ARG N   CA   sing N N 13  
ARG N   H    sing N N 14  
ARG N   H2   sing N N 15  
ARG CA  C    sing N N 16  
ARG CA  CB   sing N N 17  
ARG CA  HA   sing N N 18  
ARG C   O    doub N N 19  
ARG C   OXT  sing N N 20  
ARG CB  CG   sing N N 21  
ARG CB  HB2  sing N N 22  
ARG CB  HB3  sing N N 23  
ARG CG  CD   sing N N 24  
ARG CG  HG2  sing N N 25  
ARG CG  HG3  sing N N 26  
ARG CD  NE   sing N N 27  
ARG CD  HD2  sing N N 28  
ARG CD  HD3  sing N N 29  
ARG NE  CZ   sing N N 30  
ARG NE  HE   sing N N 31  
ARG CZ  NH1  sing N N 32  
ARG CZ  NH2  doub N N 33  
ARG NH1 HH11 sing N N 34  
ARG NH1 HH12 sing N N 35  
ARG NH2 HH21 sing N N 36  
ARG NH2 HH22 sing N N 37  
ARG OXT HXT  sing N N 38  
ASN N   CA   sing N N 39  
ASN N   H    sing N N 40  
ASN N   H2   sing N N 41  
ASN CA  C    sing N N 42  
ASN CA  CB   sing N N 43  
ASN CA  HA   sing N N 44  
ASN C   O    doub N N 45  
ASN C   OXT  sing N N 46  
ASN CB  CG   sing N N 47  
ASN CB  HB2  sing N N 48  
ASN CB  HB3  sing N N 49  
ASN CG  OD1  doub N N 50  
ASN CG  ND2  sing N N 51  
ASN ND2 HD21 sing N N 52  
ASN ND2 HD22 sing N N 53  
ASN OXT HXT  sing N N 54  
ASP N   CA   sing N N 55  
ASP N   H    sing N N 56  
ASP N   H2   sing N N 57  
ASP CA  C    sing N N 58  
ASP CA  CB   sing N N 59  
ASP CA  HA   sing N N 60  
ASP C   O    doub N N 61  
ASP C   OXT  sing N N 62  
ASP CB  CG   sing N N 63  
ASP CB  HB2  sing N N 64  
ASP CB  HB3  sing N N 65  
ASP CG  OD1  doub N N 66  
ASP CG  OD2  sing N N 67  
ASP OD2 HD2  sing N N 68  
ASP OXT HXT  sing N N 69  
CYS N   CA   sing N N 70  
CYS N   H    sing N N 71  
CYS N   H2   sing N N 72  
CYS CA  C    sing N N 73  
CYS CA  CB   sing N N 74  
CYS CA  HA   sing N N 75  
CYS C   O    doub N N 76  
CYS C   OXT  sing N N 77  
CYS CB  SG   sing N N 78  
CYS CB  HB2  sing N N 79  
CYS CB  HB3  sing N N 80  
CYS SG  HG   sing N N 81  
CYS OXT HXT  sing N N 82  
GLN N   CA   sing N N 83  
GLN N   H    sing N N 84  
GLN N   H2   sing N N 85  
GLN CA  C    sing N N 86  
GLN CA  CB   sing N N 87  
GLN CA  HA   sing N N 88  
GLN C   O    doub N N 89  
GLN C   OXT  sing N N 90  
GLN CB  CG   sing N N 91  
GLN CB  HB2  sing N N 92  
GLN CB  HB3  sing N N 93  
GLN CG  CD   sing N N 94  
GLN CG  HG2  sing N N 95  
GLN CG  HG3  sing N N 96  
GLN CD  OE1  doub N N 97  
GLN CD  NE2  sing N N 98  
GLN NE2 HE21 sing N N 99  
GLN NE2 HE22 sing N N 100 
GLN OXT HXT  sing N N 101 
GLU N   CA   sing N N 102 
GLU N   H    sing N N 103 
GLU N   H2   sing N N 104 
GLU CA  C    sing N N 105 
GLU CA  CB   sing N N 106 
GLU CA  HA   sing N N 107 
GLU C   O    doub N N 108 
GLU C   OXT  sing N N 109 
GLU CB  CG   sing N N 110 
GLU CB  HB2  sing N N 111 
GLU CB  HB3  sing N N 112 
GLU CG  CD   sing N N 113 
GLU CG  HG2  sing N N 114 
GLU CG  HG3  sing N N 115 
GLU CD  OE1  doub N N 116 
GLU CD  OE2  sing N N 117 
GLU OE2 HE2  sing N N 118 
GLU OXT HXT  sing N N 119 
GLY N   CA   sing N N 120 
GLY N   H    sing N N 121 
GLY N   H2   sing N N 122 
GLY CA  C    sing N N 123 
GLY CA  HA2  sing N N 124 
GLY CA  HA3  sing N N 125 
GLY C   O    doub N N 126 
GLY C   OXT  sing N N 127 
GLY OXT HXT  sing N N 128 
HIS N   CA   sing N N 129 
HIS N   H    sing N N 130 
HIS N   H2   sing N N 131 
HIS CA  C    sing N N 132 
HIS CA  CB   sing N N 133 
HIS CA  HA   sing N N 134 
HIS C   O    doub N N 135 
HIS C   OXT  sing N N 136 
HIS CB  CG   sing N N 137 
HIS CB  HB2  sing N N 138 
HIS CB  HB3  sing N N 139 
HIS CG  ND1  sing Y N 140 
HIS CG  CD2  doub Y N 141 
HIS ND1 CE1  doub Y N 142 
HIS ND1 HD1  sing N N 143 
HIS CD2 NE2  sing Y N 144 
HIS CD2 HD2  sing N N 145 
HIS CE1 NE2  sing Y N 146 
HIS CE1 HE1  sing N N 147 
HIS NE2 HE2  sing N N 148 
HIS OXT HXT  sing N N 149 
HOH O   H1   sing N N 150 
HOH O   H2   sing N N 151 
ILE N   CA   sing N N 152 
ILE N   H    sing N N 153 
ILE N   H2   sing N N 154 
ILE CA  C    sing N N 155 
ILE CA  CB   sing N N 156 
ILE CA  HA   sing N N 157 
ILE C   O    doub N N 158 
ILE C   OXT  sing N N 159 
ILE CB  CG1  sing N N 160 
ILE CB  CG2  sing N N 161 
ILE CB  HB   sing N N 162 
ILE CG1 CD1  sing N N 163 
ILE CG1 HG12 sing N N 164 
ILE CG1 HG13 sing N N 165 
ILE CG2 HG21 sing N N 166 
ILE CG2 HG22 sing N N 167 
ILE CG2 HG23 sing N N 168 
ILE CD1 HD11 sing N N 169 
ILE CD1 HD12 sing N N 170 
ILE CD1 HD13 sing N N 171 
ILE OXT HXT  sing N N 172 
LEU N   CA   sing N N 173 
LEU N   H    sing N N 174 
LEU N   H2   sing N N 175 
LEU CA  C    sing N N 176 
LEU CA  CB   sing N N 177 
LEU CA  HA   sing N N 178 
LEU C   O    doub N N 179 
LEU C   OXT  sing N N 180 
LEU CB  CG   sing N N 181 
LEU CB  HB2  sing N N 182 
LEU CB  HB3  sing N N 183 
LEU CG  CD1  sing N N 184 
LEU CG  CD2  sing N N 185 
LEU CG  HG   sing N N 186 
LEU CD1 HD11 sing N N 187 
LEU CD1 HD12 sing N N 188 
LEU CD1 HD13 sing N N 189 
LEU CD2 HD21 sing N N 190 
LEU CD2 HD22 sing N N 191 
LEU CD2 HD23 sing N N 192 
LEU OXT HXT  sing N N 193 
LYS N   CA   sing N N 194 
LYS N   H    sing N N 195 
LYS N   H2   sing N N 196 
LYS CA  C    sing N N 197 
LYS CA  CB   sing N N 198 
LYS CA  HA   sing N N 199 
LYS C   O    doub N N 200 
LYS C   OXT  sing N N 201 
LYS CB  CG   sing N N 202 
LYS CB  HB2  sing N N 203 
LYS CB  HB3  sing N N 204 
LYS CG  CD   sing N N 205 
LYS CG  HG2  sing N N 206 
LYS CG  HG3  sing N N 207 
LYS CD  CE   sing N N 208 
LYS CD  HD2  sing N N 209 
LYS CD  HD3  sing N N 210 
LYS CE  NZ   sing N N 211 
LYS CE  HE2  sing N N 212 
LYS CE  HE3  sing N N 213 
LYS NZ  HZ1  sing N N 214 
LYS NZ  HZ2  sing N N 215 
LYS NZ  HZ3  sing N N 216 
LYS OXT HXT  sing N N 217 
MSE N   CA   sing N N 218 
MSE N   H    sing N N 219 
MSE N   H2   sing N N 220 
MSE CA  C    sing N N 221 
MSE CA  CB   sing N N 222 
MSE CA  HA   sing N N 223 
MSE C   O    doub N N 224 
MSE C   OXT  sing N N 225 
MSE OXT HXT  sing N N 226 
MSE CB  CG   sing N N 227 
MSE CB  HB2  sing N N 228 
MSE CB  HB3  sing N N 229 
MSE CG  SE   sing N N 230 
MSE CG  HG2  sing N N 231 
MSE CG  HG3  sing N N 232 
MSE SE  CE   sing N N 233 
MSE CE  HE1  sing N N 234 
MSE CE  HE2  sing N N 235 
MSE CE  HE3  sing N N 236 
PHE N   CA   sing N N 237 
PHE N   H    sing N N 238 
PHE N   H2   sing N N 239 
PHE CA  C    sing N N 240 
PHE CA  CB   sing N N 241 
PHE CA  HA   sing N N 242 
PHE C   O    doub N N 243 
PHE C   OXT  sing N N 244 
PHE CB  CG   sing N N 245 
PHE CB  HB2  sing N N 246 
PHE CB  HB3  sing N N 247 
PHE CG  CD1  doub Y N 248 
PHE CG  CD2  sing Y N 249 
PHE CD1 CE1  sing Y N 250 
PHE CD1 HD1  sing N N 251 
PHE CD2 CE2  doub Y N 252 
PHE CD2 HD2  sing N N 253 
PHE CE1 CZ   doub Y N 254 
PHE CE1 HE1  sing N N 255 
PHE CE2 CZ   sing Y N 256 
PHE CE2 HE2  sing N N 257 
PHE CZ  HZ   sing N N 258 
PHE OXT HXT  sing N N 259 
PRO N   CA   sing N N 260 
PRO N   CD   sing N N 261 
PRO N   H    sing N N 262 
PRO CA  C    sing N N 263 
PRO CA  CB   sing N N 264 
PRO CA  HA   sing N N 265 
PRO C   O    doub N N 266 
PRO C   OXT  sing N N 267 
PRO CB  CG   sing N N 268 
PRO CB  HB2  sing N N 269 
PRO CB  HB3  sing N N 270 
PRO CG  CD   sing N N 271 
PRO CG  HG2  sing N N 272 
PRO CG  HG3  sing N N 273 
PRO CD  HD2  sing N N 274 
PRO CD  HD3  sing N N 275 
PRO OXT HXT  sing N N 276 
SER N   CA   sing N N 277 
SER N   H    sing N N 278 
SER N   H2   sing N N 279 
SER CA  C    sing N N 280 
SER CA  CB   sing N N 281 
SER CA  HA   sing N N 282 
SER C   O    doub N N 283 
SER C   OXT  sing N N 284 
SER CB  OG   sing N N 285 
SER CB  HB2  sing N N 286 
SER CB  HB3  sing N N 287 
SER OG  HG   sing N N 288 
SER OXT HXT  sing N N 289 
THR N   CA   sing N N 290 
THR N   H    sing N N 291 
THR N   H2   sing N N 292 
THR CA  C    sing N N 293 
THR CA  CB   sing N N 294 
THR CA  HA   sing N N 295 
THR C   O    doub N N 296 
THR C   OXT  sing N N 297 
THR CB  OG1  sing N N 298 
THR CB  CG2  sing N N 299 
THR CB  HB   sing N N 300 
THR OG1 HG1  sing N N 301 
THR CG2 HG21 sing N N 302 
THR CG2 HG22 sing N N 303 
THR CG2 HG23 sing N N 304 
THR OXT HXT  sing N N 305 
TRP N   CA   sing N N 306 
TRP N   H    sing N N 307 
TRP N   H2   sing N N 308 
TRP CA  C    sing N N 309 
TRP CA  CB   sing N N 310 
TRP CA  HA   sing N N 311 
TRP C   O    doub N N 312 
TRP C   OXT  sing N N 313 
TRP CB  CG   sing N N 314 
TRP CB  HB2  sing N N 315 
TRP CB  HB3  sing N N 316 
TRP CG  CD1  doub Y N 317 
TRP CG  CD2  sing Y N 318 
TRP CD1 NE1  sing Y N 319 
TRP CD1 HD1  sing N N 320 
TRP CD2 CE2  doub Y N 321 
TRP CD2 CE3  sing Y N 322 
TRP NE1 CE2  sing Y N 323 
TRP NE1 HE1  sing N N 324 
TRP CE2 CZ2  sing Y N 325 
TRP CE3 CZ3  doub Y N 326 
TRP CE3 HE3  sing N N 327 
TRP CZ2 CH2  doub Y N 328 
TRP CZ2 HZ2  sing N N 329 
TRP CZ3 CH2  sing Y N 330 
TRP CZ3 HZ3  sing N N 331 
TRP CH2 HH2  sing N N 332 
TRP OXT HXT  sing N N 333 
TYR N   CA   sing N N 334 
TYR N   H    sing N N 335 
TYR N   H2   sing N N 336 
TYR CA  C    sing N N 337 
TYR CA  CB   sing N N 338 
TYR CA  HA   sing N N 339 
TYR C   O    doub N N 340 
TYR C   OXT  sing N N 341 
TYR CB  CG   sing N N 342 
TYR CB  HB2  sing N N 343 
TYR CB  HB3  sing N N 344 
TYR CG  CD1  doub Y N 345 
TYR CG  CD2  sing Y N 346 
TYR CD1 CE1  sing Y N 347 
TYR CD1 HD1  sing N N 348 
TYR CD2 CE2  doub Y N 349 
TYR CD2 HD2  sing N N 350 
TYR CE1 CZ   doub Y N 351 
TYR CE1 HE1  sing N N 352 
TYR CE2 CZ   sing Y N 353 
TYR CE2 HE2  sing N N 354 
TYR CZ  OH   sing N N 355 
TYR OH  HH   sing N N 356 
TYR OXT HXT  sing N N 357 
VAL N   CA   sing N N 358 
VAL N   H    sing N N 359 
VAL N   H2   sing N N 360 
VAL CA  C    sing N N 361 
VAL CA  CB   sing N N 362 
VAL CA  HA   sing N N 363 
VAL C   O    doub N N 364 
VAL C   OXT  sing N N 365 
VAL CB  CG1  sing N N 366 
VAL CB  CG2  sing N N 367 
VAL CB  HB   sing N N 368 
VAL CG1 HG11 sing N N 369 
VAL CG1 HG12 sing N N 370 
VAL CG1 HG13 sing N N 371 
VAL CG2 HG21 sing N N 372 
VAL CG2 HG22 sing N N 373 
VAL CG2 HG23 sing N N 374 
VAL OXT HXT  sing N N 375 
# 
_atom_sites.entry_id                    3E0H 
_atom_sites.fract_transf_matrix[1][1]   0.00007582 
_atom_sites.fract_transf_matrix[1][2]   0.00663103 
_atom_sites.fract_transf_matrix[1][3]   0.01997709 
_atom_sites.fract_transf_matrix[2][1]   -0.01725784 
_atom_sites.fract_transf_matrix[2][2]   -0.00890597 
_atom_sites.fract_transf_matrix[2][3]   0.00302167 
_atom_sites.fract_transf_matrix[3][1]   0.00863110 
_atom_sites.fract_transf_matrix[3][2]   -0.01504226 
_atom_sites.fract_transf_matrix[3][3]   0.00496025 
_atom_sites.fract_transf_vector[1]      0.778685 
_atom_sites.fract_transf_vector[2]      0.792613 
_atom_sites.fract_transf_vector[3]      0.003794 
# 
loop_
_atom_type.symbol 
C  
N  
O  
S  
SE 
# 
loop_
_atom_site.group_PDB 
_atom_site.id 
_atom_site.type_symbol 
_atom_site.label_atom_id 
_atom_site.label_alt_id 
_atom_site.label_comp_id 
_atom_site.label_asym_id 
_atom_site.label_entity_id 
_atom_site.label_seq_id 
_atom_site.pdbx_PDB_ins_code 
_atom_site.Cartn_x 
_atom_site.Cartn_y 
_atom_site.Cartn_z 
_atom_site.occupancy 
_atom_site.B_iso_or_equiv 
_atom_site.pdbx_formal_charge 
_atom_site.auth_seq_id 
_atom_site.auth_comp_id 
_atom_site.auth_asym_id 
_atom_site.auth_atom_id 
_atom_site.pdbx_PDB_model_num 
ATOM   1    N  N   . GLN A 1 6   ? -8.526  20.564  3.215   1.00 37.56 ? 6   GLN A N   1 
ATOM   2    C  CA  . GLN A 1 6   ? -8.858  19.679  4.363   1.00 36.01 ? 6   GLN A CA  1 
ATOM   3    C  C   . GLN A 1 6   ? -7.903  18.501  4.474   1.00 33.55 ? 6   GLN A C   1 
ATOM   4    O  O   . GLN A 1 6   ? -7.988  17.713  5.417   1.00 34.80 ? 6   GLN A O   1 
ATOM   5    C  CB  . GLN A 1 6   ? -10.288 19.162  4.232   1.00 38.44 ? 6   GLN A CB  1 
ATOM   6    C  CG  . GLN A 1 6   ? -10.598 18.477  2.918   1.00 40.72 ? 6   GLN A CG  1 
ATOM   7    C  CD  . GLN A 1 6   ? -11.699 17.438  3.053   1.00 42.97 ? 6   GLN A CD  1 
ATOM   8    O  OE1 . GLN A 1 6   ? -12.232 16.943  2.061   1.00 43.12 ? 6   GLN A OE1 1 
ATOM   9    N  NE2 . GLN A 1 6   ? -12.034 17.091  4.290   1.00 43.63 ? 6   GLN A NE2 1 
ATOM   10   N  N   . PHE A 1 7   ? -7.007  18.374  3.502   1.00 30.39 ? 7   PHE A N   1 
ATOM   11   C  CA  . PHE A 1 7   ? -6.020  17.300  3.496   1.00 26.76 ? 7   PHE A CA  1 
ATOM   12   C  C   . PHE A 1 7   ? -4.634  17.916  3.402   1.00 25.00 ? 7   PHE A C   1 
ATOM   13   O  O   . PHE A 1 7   ? -4.403  18.807  2.590   1.00 25.98 ? 7   PHE A O   1 
ATOM   14   C  CB  . PHE A 1 7   ? -6.235  16.365  2.295   1.00 26.78 ? 7   PHE A CB  1 
ATOM   15   C  CG  . PHE A 1 7   ? -7.501  15.554  2.366   1.00 26.04 ? 7   PHE A CG  1 
ATOM   16   C  CD1 . PHE A 1 7   ? -7.642  14.540  3.304   1.00 26.31 ? 7   PHE A CD1 1 
ATOM   17   C  CD2 . PHE A 1 7   ? -8.552  15.804  1.492   1.00 25.96 ? 7   PHE A CD2 1 
ATOM   18   C  CE1 . PHE A 1 7   ? -8.818  13.788  3.372   1.00 28.45 ? 7   PHE A CE1 1 
ATOM   19   C  CE2 . PHE A 1 7   ? -9.730  15.061  1.553   1.00 25.62 ? 7   PHE A CE2 1 
ATOM   20   C  CZ  . PHE A 1 7   ? -9.860  14.051  2.491   1.00 27.32 ? 7   PHE A CZ  1 
ATOM   21   N  N   . VAL A 1 8   ? -3.717  17.455  4.242   1.00 20.92 ? 8   VAL A N   1 
ATOM   22   C  CA  . VAL A 1 8   ? -2.354  17.954  4.202   1.00 17.34 ? 8   VAL A CA  1 
ATOM   23   C  C   . VAL A 1 8   ? -1.570  17.023  3.293   1.00 17.17 ? 8   VAL A C   1 
ATOM   24   O  O   . VAL A 1 8   ? -1.447  15.840  3.575   1.00 15.47 ? 8   VAL A O   1 
ATOM   25   C  CB  . VAL A 1 8   ? -1.715  17.967  5.613   1.00 17.57 ? 8   VAL A CB  1 
ATOM   26   C  CG1 . VAL A 1 8   ? -0.254  18.396  5.518   1.00 17.89 ? 8   VAL A CG1 1 
ATOM   27   C  CG2 . VAL A 1 8   ? -2.483  18.930  6.516   1.00 17.99 ? 8   VAL A CG2 1 
ATOM   28   N  N   . CYS A 1 9   ? -1.057  17.560  2.190   1.00 16.87 ? 9   CYS A N   1 
ATOM   29   C  CA  . CYS A 1 9   ? -0.289  16.771  1.228   1.00 17.51 ? 9   CYS A CA  1 
ATOM   30   C  C   . CYS A 1 9   ? 1.171   17.173  1.263   1.00 17.95 ? 9   CYS A C   1 
ATOM   31   O  O   . CYS A 1 9   ? 1.482   18.359  1.346   1.00 15.97 ? 9   CYS A O   1 
ATOM   32   C  CB  . CYS A 1 9   ? -0.853  16.963  -0.180  1.00 18.13 ? 9   CYS A CB  1 
ATOM   33   S  SG  . CYS A 1 9   ? -2.579  16.441  -0.330  1.00 20.46 ? 9   CYS A SG  1 
ATOM   34   N  N   . GLU A 1 10  ? 2.062   16.187  1.188   1.00 15.41 ? 10  GLU A N   1 
ATOM   35   C  CA  . GLU A 1 10  ? 3.504   16.424  1.236   1.00 18.84 ? 10  GLU A CA  1 
ATOM   36   C  C   . GLU A 1 10  ? 4.330   15.626  0.258   1.00 18.04 ? 10  GLU A C   1 
ATOM   37   O  O   . GLU A 1 10  ? 3.972   14.517  -0.107  1.00 18.60 ? 10  GLU A O   1 
ATOM   38   C  CB  . GLU A 1 10  ? 4.059   16.077  2.620   1.00 19.75 ? 10  GLU A CB  1 
ATOM   39   C  CG  . GLU A 1 10  ? 3.590   16.933  3.747   1.00 21.80 ? 10  GLU A CG  1 
ATOM   40   C  CD  . GLU A 1 10  ? 4.111   16.404  5.071   1.00 22.03 ? 10  GLU A CD  1 
ATOM   41   O  OE1 . GLU A 1 10  ? 3.498   15.460  5.632   1.00 19.74 ? 10  GLU A OE1 1 
ATOM   42   O  OE2 . GLU A 1 10  ? 5.156   16.920  5.529   1.00 24.76 ? 10  GLU A OE2 1 
ATOM   43   N  N   . LEU A 1 11  ? 5.465   16.192  -0.136  1.00 18.21 ? 11  LEU A N   1 
ATOM   44   C  CA  . LEU A 1 11  ? 6.402   15.496  -1.004  1.00 18.05 ? 11  LEU A CA  1 
ATOM   45   C  C   . LEU A 1 11  ? 7.272   14.690  -0.049  1.00 19.21 ? 11  LEU A C   1 
ATOM   46   O  O   . LEU A 1 11  ? 7.822   15.243  0.899   1.00 20.87 ? 11  LEU A O   1 
ATOM   47   C  CB  . LEU A 1 11  ? 7.286   16.479  -1.770  1.00 19.22 ? 11  LEU A CB  1 
ATOM   48   C  CG  . LEU A 1 11  ? 8.457   15.838  -2.534  1.00 19.95 ? 11  LEU A CG  1 
ATOM   49   C  CD1 . LEU A 1 11  ? 7.928   14.979  -3.685  1.00 18.58 ? 11  LEU A CD1 1 
ATOM   50   C  CD2 . LEU A 1 11  ? 9.382   16.925  -3.070  1.00 21.73 ? 11  LEU A CD2 1 
ATOM   51   N  N   . LYS A 1 12  ? 7.400   13.394  -0.283  1.00 17.84 ? 12  LYS A N   1 
ATOM   52   C  CA  . LYS A 1 12  ? 8.208   12.550  0.581   1.00 20.50 ? 12  LYS A CA  1 
ATOM   53   C  C   . LYS A 1 12  ? 9.121   11.637  -0.227  1.00 21.22 ? 12  LYS A C   1 
ATOM   54   O  O   . LYS A 1 12  ? 8.741   11.127  -1.289  1.00 22.31 ? 12  LYS A O   1 
ATOM   55   C  CB  . LYS A 1 12  ? 7.305   11.695  1.481   1.00 20.09 ? 12  LYS A CB  1 
ATOM   56   C  CG  . LYS A 1 12  ? 6.613   12.455  2.600   1.00 20.31 ? 12  LYS A CG  1 
ATOM   57   C  CD  . LYS A 1 12  ? 7.614   12.936  3.640   1.00 21.66 ? 12  LYS A CD  1 
ATOM   58   C  CE  . LYS A 1 12  ? 6.950   13.852  4.654   1.00 17.99 ? 12  LYS A CE  1 
ATOM   59   N  NZ  . LYS A 1 12  ? 7.928   14.361  5.658   1.00 20.32 ? 12  LYS A NZ  1 
ATOM   60   N  N   . GLU A 1 13  ? 10.338  11.463  0.279   1.00 22.01 ? 13  GLU A N   1 
ATOM   61   C  CA  . GLU A 1 13  ? 11.333  10.592  -0.340  1.00 23.53 ? 13  GLU A CA  1 
ATOM   62   C  C   . GLU A 1 13  ? 11.295  9.303   0.463   1.00 24.19 ? 13  GLU A C   1 
ATOM   63   O  O   . GLU A 1 13  ? 11.804  9.257   1.579   1.00 24.10 ? 13  GLU A O   1 
ATOM   64   C  CB  . GLU A 1 13  ? 12.731  11.202  -0.231  1.00 26.16 ? 13  GLU A CB  1 
ATOM   65   C  CG  . GLU A 1 13  ? 13.062  12.246  -1.288  1.00 33.99 ? 13  GLU A CG  1 
ATOM   66   C  CD  . GLU A 1 13  ? 13.622  11.625  -2.553  1.00 37.69 ? 13  GLU A CD  1 
ATOM   67   O  OE1 . GLU A 1 13  ? 12.925  10.791  -3.168  1.00 38.43 ? 13  GLU A OE1 1 
ATOM   68   O  OE2 . GLU A 1 13  ? 14.765  11.964  -2.928  1.00 40.70 ? 13  GLU A OE2 1 
ATOM   69   N  N   . LEU A 1 14  ? 10.697  8.259   -0.095  1.00 22.77 ? 14  LEU A N   1 
ATOM   70   C  CA  . LEU A 1 14  ? 10.583  6.990   0.614   1.00 22.72 ? 14  LEU A CA  1 
ATOM   71   C  C   . LEU A 1 14  ? 11.855  6.145   0.561   1.00 21.51 ? 14  LEU A C   1 
ATOM   72   O  O   . LEU A 1 14  ? 12.428  5.936   -0.509  1.00 23.09 ? 14  LEU A O   1 
ATOM   73   C  CB  . LEU A 1 14  ? 9.409   6.187   0.047   1.00 22.65 ? 14  LEU A CB  1 
ATOM   74   C  CG  . LEU A 1 14  ? 8.063   6.921   0.031   1.00 21.86 ? 14  LEU A CG  1 
ATOM   75   C  CD1 . LEU A 1 14  ? 7.019   6.068   -0.679  1.00 25.24 ? 14  LEU A CD1 1 
ATOM   76   C  CD2 . LEU A 1 14  ? 7.621   7.228   1.450   1.00 21.98 ? 14  LEU A CD2 1 
ATOM   77   N  N   . ALA A 1 15  ? 12.289  5.670   1.727   1.00 19.65 ? 15  ALA A N   1 
ATOM   78   C  CA  . ALA A 1 15  ? 13.478  4.823   1.834   1.00 19.22 ? 15  ALA A CA  1 
ATOM   79   C  C   . ALA A 1 15  ? 12.939  3.397   1.873   1.00 18.84 ? 15  ALA A C   1 
ATOM   80   O  O   . ALA A 1 15  ? 12.035  3.095   2.648   1.00 18.69 ? 15  ALA A O   1 
ATOM   81   C  CB  . ALA A 1 15  ? 14.243  5.144   3.124   1.00 19.26 ? 15  ALA A CB  1 
ATOM   82   N  N   . PRO A 1 16  ? 13.487  2.497   1.046   1.00 19.22 ? 16  PRO A N   1 
ATOM   83   C  CA  . PRO A 1 16  ? 13.007  1.113   1.026   1.00 19.21 ? 16  PRO A CA  1 
ATOM   84   C  C   . PRO A 1 16  ? 13.579  0.221   2.113   1.00 19.33 ? 16  PRO A C   1 
ATOM   85   O  O   . PRO A 1 16  ? 14.740  0.331   2.479   1.00 18.07 ? 16  PRO A O   1 
ATOM   86   C  CB  . PRO A 1 16  ? 13.411  0.651   -0.362  1.00 20.48 ? 16  PRO A CB  1 
ATOM   87   C  CG  . PRO A 1 16  ? 14.735  1.331   -0.519  1.00 21.19 ? 16  PRO A CG  1 
ATOM   88   C  CD  . PRO A 1 16  ? 14.521  2.712   0.016   1.00 19.29 ? 16  PRO A CD  1 
ATOM   89   N  N   . VAL A 1 17  ? 12.742  -0.664  2.640   1.00 18.24 ? 17  VAL A N   1 
ATOM   90   C  CA  . VAL A 1 17  ? 13.156  -1.617  3.668   1.00 16.91 ? 17  VAL A CA  1 
ATOM   91   C  C   . VAL A 1 17  ? 12.650  -2.962  3.203   1.00 16.76 ? 17  VAL A C   1 
ATOM   92   O  O   . VAL A 1 17  ? 11.807  -3.014  2.326   1.00 16.88 ? 17  VAL A O   1 
ATOM   93   C  CB  . VAL A 1 17  ? 12.544  -1.298  5.048   1.00 15.83 ? 17  VAL A CB  1 
ATOM   94   C  CG1 . VAL A 1 17  ? 12.933  0.102   5.472   1.00 17.19 ? 17  VAL A CG1 1 
ATOM   95   C  CG2 . VAL A 1 17  ? 11.051  -1.440  5.010   1.00 15.56 ? 17  VAL A CG2 1 
ATOM   96   N  N   . PRO A 1 18  ? 13.168  -4.067  3.760   1.00 16.00 ? 18  PRO A N   1 
ATOM   97   C  CA  . PRO A 1 18  ? 12.738  -5.415  3.368   1.00 14.86 ? 18  PRO A CA  1 
ATOM   98   C  C   . PRO A 1 18  ? 11.253  -5.659  3.560   1.00 13.64 ? 18  PRO A C   1 
ATOM   99   O  O   . PRO A 1 18  ? 10.644  -5.122  4.481   1.00 12.76 ? 18  PRO A O   1 
ATOM   100  C  CB  . PRO A 1 18  ? 13.577  -6.320  4.268   1.00 15.32 ? 18  PRO A CB  1 
ATOM   101  C  CG  . PRO A 1 18  ? 14.821  -5.503  4.496   1.00 16.30 ? 18  PRO A CG  1 
ATOM   102  C  CD  . PRO A 1 18  ? 14.241  -4.146  4.767   1.00 16.05 ? 18  PRO A CD  1 
ATOM   103  N  N   . ALA A 1 19  ? 10.677  -6.488  2.694   1.00 13.82 ? 19  ALA A N   1 
ATOM   104  C  CA  . ALA A 1 19  ? 9.254   -6.824  2.780   1.00 13.34 ? 19  ALA A CA  1 
ATOM   105  C  C   . ALA A 1 19  ? 8.984   -8.203  2.247   1.00 13.73 ? 19  ALA A C   1 
ATOM   106  O  O   . ALA A 1 19  ? 9.759   -8.733  1.446   1.00 15.33 ? 19  ALA A O   1 
ATOM   107  C  CB  . ALA A 1 19  ? 8.413   -5.845  1.975   1.00 12.59 ? 19  ALA A CB  1 
ATOM   108  N  N   . LEU A 1 20  ? 7.894   -8.792  2.718   1.00 15.04 ? 20  LEU A N   1 
ATOM   109  C  CA  . LEU A 1 20  ? 7.451   -10.085 2.215   1.00 13.38 ? 20  LEU A CA  1 
ATOM   110  C  C   . LEU A 1 20  ? 6.210   -9.661  1.446   1.00 14.15 ? 20  LEU A C   1 
ATOM   111  O  O   . LEU A 1 20  ? 5.338   -9.001  2.004   1.00 13.42 ? 20  LEU A O   1 
ATOM   112  C  CB  . LEU A 1 20  ? 7.090   -11.042 3.348   1.00 14.26 ? 20  LEU A CB  1 
ATOM   113  C  CG  . LEU A 1 20  ? 8.250   -11.868 3.905   1.00 15.52 ? 20  LEU A CG  1 
ATOM   114  C  CD1 . LEU A 1 20  ? 7.733   -12.793 4.982   1.00 15.48 ? 20  LEU A CD1 1 
ATOM   115  C  CD2 . LEU A 1 20  ? 8.893   -12.678 2.779   1.00 15.62 ? 20  LEU A CD2 1 
ATOM   116  N  N   . LEU A 1 21  ? 6.127   -10.047 0.177   1.00 14.49 ? 21  LEU A N   1 
ATOM   117  C  CA  . LEU A 1 21  ? 5.019   -9.616  -0.665  1.00 16.29 ? 21  LEU A CA  1 
ATOM   118  C  C   . LEU A 1 21  ? 4.399   -10.659 -1.568  1.00 15.27 ? 21  LEU A C   1 
ATOM   119  O  O   . LEU A 1 21  ? 4.935   -11.745 -1.767  1.00 13.57 ? 21  LEU A O   1 
ATOM   120  C  CB  . LEU A 1 21  ? 5.503   -8.494  -1.578  1.00 21.20 ? 21  LEU A CB  1 
ATOM   121  C  CG  . LEU A 1 21  ? 6.384   -7.414  -0.964  1.00 22.18 ? 21  LEU A CG  1 
ATOM   122  C  CD1 . LEU A 1 21  ? 7.373   -6.875  -1.984  1.00 23.66 ? 21  LEU A CD1 1 
ATOM   123  C  CD2 . LEU A 1 21  ? 5.496   -6.344  -0.419  1.00 24.01 ? 21  LEU A CD2 1 
ATOM   124  N  N   . ILE A 1 22  ? 3.261   -10.276 -2.127  1.00 13.42 ? 22  ILE A N   1 
ATOM   125  C  CA  . ILE A 1 22  ? 2.546   -11.071 -3.105  1.00 15.08 ? 22  ILE A CA  1 
ATOM   126  C  C   . ILE A 1 22  ? 2.336   -10.042 -4.206  1.00 15.14 ? 22  ILE A C   1 
ATOM   127  O  O   . ILE A 1 22  ? 1.792   -8.964  -3.968  1.00 12.33 ? 22  ILE A O   1 
ATOM   128  C  CB  . ILE A 1 22  ? 1.193   -11.584 -2.574  1.00 15.06 ? 22  ILE A CB  1 
ATOM   129  C  CG1 . ILE A 1 22  ? 1.446   -12.668 -1.517  1.00 17.40 ? 22  ILE A CG1 1 
ATOM   130  C  CG2 . ILE A 1 22  ? 0.360   -12.157 -3.718  1.00 18.72 ? 22  ILE A CG2 1 
ATOM   131  C  CD1 . ILE A 1 22  ? 0.201   -13.167 -0.838  1.00 17.89 ? 22  ILE A CD1 1 
ATOM   132  N  N   . ARG A 1 23  ? 2.835   -10.352 -5.395  1.00 14.56 ? 23  ARG A N   1 
ATOM   133  C  CA  . ARG A 1 23  ? 2.698   -9.452  -6.534  1.00 15.17 ? 23  ARG A CA  1 
ATOM   134  C  C   . ARG A 1 23  ? 1.878   -10.187 -7.573  1.00 15.02 ? 23  ARG A C   1 
ATOM   135  O  O   . ARG A 1 23  ? 2.311   -11.220 -8.090  1.00 16.07 ? 23  ARG A O   1 
ATOM   136  C  CB  . ARG A 1 23  ? 4.064   -9.123  -7.121  1.00 14.48 ? 23  ARG A CB  1 
ATOM   137  C  CG  . ARG A 1 23  ? 4.997   -8.391  -6.179  1.00 18.83 ? 23  ARG A CG  1 
ATOM   138  C  CD  . ARG A 1 23  ? 6.373   -8.363  -6.768  1.00 20.44 ? 23  ARG A CD  1 
ATOM   139  N  NE  . ARG A 1 23  ? 7.325   -7.600  -5.975  1.00 23.30 ? 23  ARG A NE  1 
ATOM   140  C  CZ  . ARG A 1 23  ? 8.572   -7.993  -5.743  1.00 21.08 ? 23  ARG A CZ  1 
ATOM   141  N  NH1 . ARG A 1 23  ? 9.010   -9.141  -6.238  1.00 22.30 ? 23  ARG A NH1 1 
ATOM   142  N  NH2 . ARG A 1 23  ? 9.382   -7.236  -5.021  1.00 24.67 ? 23  ARG A NH2 1 
ATOM   143  N  N   . THR A 1 24  ? 0.704   -9.658  -7.889  1.00 16.69 ? 24  THR A N   1 
ATOM   144  C  CA  . THR A 1 24  ? -0.160  -10.319 -8.855  1.00 15.71 ? 24  THR A CA  1 
ATOM   145  C  C   . THR A 1 24  ? -0.995  -9.302  -9.613  1.00 17.71 ? 24  THR A C   1 
ATOM   146  O  O   . THR A 1 24  ? -0.812  -8.101  -9.452  1.00 16.04 ? 24  THR A O   1 
ATOM   147  C  CB  . THR A 1 24  ? -1.086  -11.318 -8.115  1.00 15.74 ? 24  THR A CB  1 
ATOM   148  O  OG1 . THR A 1 24  ? -1.884  -12.058 -9.049  1.00 19.25 ? 24  THR A OG1 1 
ATOM   149  C  CG2 . THR A 1 24  ? -2.003  -10.564 -7.148  1.00 18.61 ? 24  THR A CG2 1 
ATOM   150  N  N   . GLN A 1 25  ? -1.875  -9.797  -10.471 1.00 17.12 ? 25  GLN A N   1 
ATOM   151  C  CA  . GLN A 1 25  ? -2.772  -8.940  -11.231 1.00 18.69 ? 25  GLN A CA  1 
ATOM   152  C  C   . GLN A 1 25  ? -4.151  -9.425  -10.815 1.00 18.63 ? 25  GLN A C   1 
ATOM   153  O  O   . GLN A 1 25  ? -4.371  -10.630 -10.662 1.00 19.32 ? 25  GLN A O   1 
ATOM   154  C  CB  . GLN A 1 25  ? -2.539  -9.111  -12.736 1.00 20.46 ? 25  GLN A CB  1 
ATOM   155  C  CG  . GLN A 1 25  ? -1.239  -8.462  -13.221 1.00 22.74 ? 25  GLN A CG  1 
ATOM   156  C  CD  . GLN A 1 25  ? -1.456  -7.192  -14.039 1.00 24.81 ? 25  GLN A CD  1 
ATOM   157  O  OE1 . GLN A 1 25  ? -0.634  -6.274  -14.016 1.00 25.71 ? 25  GLN A OE1 1 
ATOM   158  N  NE2 . GLN A 1 25  ? -2.548  -7.146  -14.782 1.00 22.47 ? 25  GLN A NE2 1 
ATOM   159  N  N   . THR A 1 26  ? -5.079  -8.500  -10.620 1.00 19.04 ? 26  THR A N   1 
ATOM   160  C  CA  . THR A 1 26  ? -6.403  -8.900  -10.180 1.00 17.83 ? 26  THR A CA  1 
ATOM   161  C  C   . THR A 1 26  ? -7.486  -7.965  -10.692 1.00 18.96 ? 26  THR A C   1 
ATOM   162  O  O   . THR A 1 26  ? -7.207  -6.927  -11.281 1.00 17.29 ? 26  THR A O   1 
ATOM   163  C  CB  . THR A 1 26  ? -6.464  -8.917  -8.638  1.00 18.45 ? 26  THR A CB  1 
ATOM   164  O  OG1 . THR A 1 26  ? -7.688  -9.524  -8.207  1.00 20.42 ? 26  THR A OG1 1 
ATOM   165  C  CG2 . THR A 1 26  ? -6.386  -7.497  -8.104  1.00 16.74 ? 26  THR A CG2 1 
ATOM   166  N  N   . THR A 1 27  ? -8.731  -8.356  -10.467 1.00 20.57 ? 27  THR A N   1 
ATOM   167  C  CA  . THR A 1 27  ? -9.878  -7.552  -10.860 1.00 22.14 ? 27  THR A CA  1 
ATOM   168  C  C   . THR A 1 27  ? -10.546 -7.158  -9.547  1.00 21.72 ? 27  THR A C   1 
ATOM   169  O  O   . THR A 1 27  ? -10.318 -7.786  -8.521  1.00 18.92 ? 27  THR A O   1 
ATOM   170  C  CB  . THR A 1 27  ? -10.873 -8.359  -11.718 1.00 24.82 ? 27  THR A CB  1 
ATOM   171  O  OG1 . THR A 1 27  ? -11.354 -9.480  -10.968 1.00 31.65 ? 27  THR A OG1 1 
ATOM   172  C  CG2 . THR A 1 27  ? -10.202 -8.858  -12.987 1.00 28.93 ? 27  THR A CG2 1 
HETATM 173  N  N   . MSE A 1 28  ? -11.362 -6.111  -9.575  1.00 19.33 ? 28  MSE A N   1 
HETATM 174  C  CA  . MSE A 1 28  ? -12.038 -5.637  -8.370  1.00 20.45 ? 28  MSE A CA  1 
HETATM 175  C  C   . MSE A 1 28  ? -12.822 -6.705  -7.605  1.00 18.92 ? 28  MSE A C   1 
HETATM 176  O  O   . MSE A 1 28  ? -12.782 -6.750  -6.375  1.00 19.06 ? 28  MSE A O   1 
HETATM 177  C  CB  . MSE A 1 28  ? -12.973 -4.469  -8.707  1.00 22.54 ? 28  MSE A CB  1 
HETATM 178  C  CG  . MSE A 1 28  ? -12.306 -3.105  -8.744  1.00 29.74 ? 28  MSE A CG  1 
HETATM 179  SE SE  . MSE A 1 28  ? -11.489 -2.589  -7.056  1.00 35.01 ? 28  MSE A SE  1 
HETATM 180  C  CE  . MSE A 1 28  ? -13.043 -2.717  -5.915  1.00 33.44 ? 28  MSE A CE  1 
ATOM   181  N  N   . SER A 1 29  ? -13.538 -7.563  -8.322  1.00 18.18 ? 29  SER A N   1 
ATOM   182  C  CA  . SER A 1 29  ? -14.338 -8.595  -7.663  1.00 18.78 ? 29  SER A CA  1 
ATOM   183  C  C   . SER A 1 29  ? -13.537 -9.641  -6.884  1.00 19.73 ? 29  SER A C   1 
ATOM   184  O  O   . SER A 1 29  ? -14.083 -10.301 -5.997  1.00 18.11 ? 29  SER A O   1 
ATOM   185  C  CB  . SER A 1 29  ? -15.231 -9.314  -8.682  1.00 18.98 ? 29  SER A CB  1 
ATOM   186  O  OG  . SER A 1 29  ? -14.458 -9.980  -9.665  1.00 21.53 ? 29  SER A OG  1 
ATOM   187  N  N   . GLU A 1 30  ? -12.253 -9.787  -7.201  1.00 18.89 ? 30  GLU A N   1 
ATOM   188  C  CA  . GLU A 1 30  ? -11.401 -10.775 -6.534  1.00 20.00 ? 30  GLU A CA  1 
ATOM   189  C  C   . GLU A 1 30  ? -10.491 -10.162 -5.464  1.00 18.51 ? 30  GLU A C   1 
ATOM   190  O  O   . GLU A 1 30  ? -9.935  -10.872 -4.626  1.00 17.07 ? 30  GLU A O   1 
ATOM   191  C  CB  . GLU A 1 30  ? -10.532 -11.485 -7.579  1.00 22.55 ? 30  GLU A CB  1 
ATOM   192  C  CG  . GLU A 1 30  ? -11.300 -12.001 -8.781  1.00 28.19 ? 30  GLU A CG  1 
ATOM   193  C  CD  . GLU A 1 30  ? -10.404 -12.342 -9.959  1.00 31.72 ? 30  GLU A CD  1 
ATOM   194  O  OE1 . GLU A 1 30  ? -9.705  -11.434 -10.458 1.00 32.10 ? 30  GLU A OE1 1 
ATOM   195  O  OE2 . GLU A 1 30  ? -10.401 -13.515 -10.391 1.00 35.45 ? 30  GLU A OE2 1 
ATOM   196  N  N   . LEU A 1 31  ? -10.352 -8.842  -5.484  1.00 17.12 ? 31  LEU A N   1 
ATOM   197  C  CA  . LEU A 1 31  ? -9.475  -8.143  -4.549  1.00 16.54 ? 31  LEU A CA  1 
ATOM   198  C  C   . LEU A 1 31  ? -9.665  -8.466  -3.071  1.00 16.29 ? 31  LEU A C   1 
ATOM   199  O  O   . LEU A 1 31  ? -8.699  -8.708  -2.358  1.00 14.49 ? 31  LEU A O   1 
ATOM   200  C  CB  . LEU A 1 31  ? -9.590  -6.630  -4.747  1.00 16.22 ? 31  LEU A CB  1 
ATOM   201  C  CG  . LEU A 1 31  ? -8.580  -5.814  -3.934  1.00 17.18 ? 31  LEU A CG  1 
ATOM   202  C  CD1 . LEU A 1 31  ? -7.165  -6.167  -4.396  1.00 19.39 ? 31  LEU A CD1 1 
ATOM   203  C  CD2 . LEU A 1 31  ? -8.833  -4.326  -4.114  1.00 18.16 ? 31  LEU A CD2 1 
ATOM   204  N  N   . GLY A 1 32  ? -10.911 -8.450  -2.615  1.00 14.14 ? 32  GLY A N   1 
ATOM   205  C  CA  . GLY A 1 32  ? -11.188 -8.730  -1.219  1.00 16.92 ? 32  GLY A CA  1 
ATOM   206  C  C   . GLY A 1 32  ? -10.645 -10.068 -0.763  1.00 16.14 ? 32  GLY A C   1 
ATOM   207  O  O   . GLY A 1 32  ? -9.926  -10.140 0.229   1.00 16.07 ? 32  GLY A O   1 
ATOM   208  N  N   . SER A 1 33  ? -10.988 -11.123 -1.495  1.00 16.25 ? 33  SER A N   1 
ATOM   209  C  CA  . SER A 1 33  ? -10.553 -12.479 -1.166  1.00 18.78 ? 33  SER A CA  1 
ATOM   210  C  C   . SER A 1 33  ? -9.049  -12.633 -1.321  1.00 16.97 ? 33  SER A C   1 
ATOM   211  O  O   . SER A 1 33  ? -8.426  -13.423 -0.623  1.00 16.78 ? 33  SER A O   1 
ATOM   212  C  CB  . SER A 1 33  ? -11.262 -13.503 -2.066  1.00 19.94 ? 33  SER A CB  1 
ATOM   213  O  OG  . SER A 1 33  ? -12.668 -13.431 -1.901  1.00 27.29 ? 33  SER A OG  1 
ATOM   214  N  N   . LEU A 1 34  ? -8.478  -11.878 -2.249  1.00 16.55 ? 34  LEU A N   1 
ATOM   215  C  CA  . LEU A 1 34  ? -7.042  -11.932 -2.495  1.00 15.66 ? 34  LEU A CA  1 
ATOM   216  C  C   . LEU A 1 34  ? -6.292  -11.428 -1.269  1.00 14.29 ? 34  LEU A C   1 
ATOM   217  O  O   . LEU A 1 34  ? -5.374  -12.089 -0.785  1.00 14.39 ? 34  LEU A O   1 
ATOM   218  C  CB  . LEU A 1 34  ? -6.687  -11.076 -3.717  1.00 15.97 ? 34  LEU A CB  1 
ATOM   219  C  CG  . LEU A 1 34  ? -5.195  -10.885 -4.000  1.00 18.76 ? 34  LEU A CG  1 
ATOM   220  C  CD1 . LEU A 1 34  ? -4.560  -12.227 -4.259  1.00 21.22 ? 34  LEU A CD1 1 
ATOM   221  C  CD2 . LEU A 1 34  ? -5.004  -9.964  -5.200  1.00 16.10 ? 34  LEU A CD2 1 
ATOM   222  N  N   . PHE A 1 35  ? -6.704  -10.265 -0.764  1.00 13.65 ? 35  PHE A N   1 
ATOM   223  C  CA  . PHE A 1 35  ? -6.071  -9.670  0.414   1.00 15.45 ? 35  PHE A CA  1 
ATOM   224  C  C   . PHE A 1 35  ? -6.250  -10.551 1.644   1.00 16.64 ? 35  PHE A C   1 
ATOM   225  O  O   . PHE A 1 35  ? -5.310  -10.788 2.404   1.00 15.18 ? 35  PHE A O   1 
ATOM   226  C  CB  . PHE A 1 35  ? -6.653  -8.287  0.727   1.00 15.39 ? 35  PHE A CB  1 
ATOM   227  C  CG  . PHE A 1 35  ? -6.092  -7.167  -0.121  1.00 13.97 ? 35  PHE A CG  1 
ATOM   228  C  CD1 . PHE A 1 35  ? -4.837  -7.264  -0.728  1.00 14.72 ? 35  PHE A CD1 1 
ATOM   229  C  CD2 . PHE A 1 35  ? -6.811  -5.986  -0.266  1.00 16.37 ? 35  PHE A CD2 1 
ATOM   230  C  CE1 . PHE A 1 35  ? -4.309  -6.189  -1.448  1.00 17.35 ? 35  PHE A CE1 1 
ATOM   231  C  CE2 . PHE A 1 35  ? -6.289  -4.901  -0.986  1.00 15.20 ? 35  PHE A CE2 1 
ATOM   232  C  CZ  . PHE A 1 35  ? -5.044  -5.005  -1.582  1.00 13.67 ? 35  PHE A CZ  1 
ATOM   233  N  N   . GLU A 1 36  ? -7.464  -11.055 1.825   1.00 18.25 ? 36  GLU A N   1 
ATOM   234  C  CA  . GLU A 1 36  ? -7.755  -11.900 2.973   1.00 19.75 ? 36  GLU A CA  1 
ATOM   235  C  C   . GLU A 1 36  ? -6.803  -13.082 3.069   1.00 19.19 ? 36  GLU A C   1 
ATOM   236  O  O   . GLU A 1 36  ? -6.159  -13.290 4.095   1.00 17.17 ? 36  GLU A O   1 
ATOM   237  C  CB  . GLU A 1 36  ? -9.189  -12.417 2.893   1.00 23.30 ? 36  GLU A CB  1 
ATOM   238  C  CG  . GLU A 1 36  ? -9.656  -13.126 4.144   1.00 29.10 ? 36  GLU A CG  1 
ATOM   239  C  CD  . GLU A 1 36  ? -11.132 -13.440 4.107   1.00 32.33 ? 36  GLU A CD  1 
ATOM   240  O  OE1 . GLU A 1 36  ? -11.928 -12.504 3.880   1.00 34.24 ? 36  GLU A OE1 1 
ATOM   241  O  OE2 . GLU A 1 36  ? -11.495 -14.617 4.310   1.00 34.54 ? 36  GLU A OE2 1 
ATOM   242  N  N   . ALA A 1 37  ? -6.729  -13.854 1.994   1.00 15.69 ? 37  ALA A N   1 
ATOM   243  C  CA  . ALA A 1 37  ? -5.869  -15.026 1.950   1.00 16.10 ? 37  ALA A CA  1 
ATOM   244  C  C   . ALA A 1 37  ? -4.380  -14.689 1.915   1.00 14.48 ? 37  ALA A C   1 
ATOM   245  O  O   . ALA A 1 37  ? -3.577  -15.334 2.591   1.00 12.96 ? 37  ALA A O   1 
ATOM   246  C  CB  . ALA A 1 37  ? -6.234  -15.889 0.732   1.00 14.76 ? 37  ALA A CB  1 
ATOM   247  N  N   . GLY A 1 38  ? -4.008  -13.684 1.128   1.00 14.24 ? 38  GLY A N   1 
ATOM   248  C  CA  . GLY A 1 38  ? -2.607  -13.320 1.002   1.00 14.60 ? 38  GLY A CA  1 
ATOM   249  C  C   . GLY A 1 38  ? -1.951  -12.738 2.247   1.00 14.72 ? 38  GLY A C   1 
ATOM   250  O  O   . GLY A 1 38  ? -0.833  -13.115 2.574   1.00 15.80 ? 38  GLY A O   1 
ATOM   251  N  N   . TYR A 1 39  ? -2.610  -11.808 2.935   1.00 14.60 ? 39  TYR A N   1 
ATOM   252  C  CA  . TYR A 1 39  ? -2.021  -11.248 4.158   1.00 14.47 ? 39  TYR A CA  1 
ATOM   253  C  C   . TYR A 1 39  ? -1.901  -12.351 5.214   1.00 15.65 ? 39  TYR A C   1 
ATOM   254  O  O   . TYR A 1 39  ? -0.969  -12.362 6.023   1.00 17.78 ? 39  TYR A O   1 
ATOM   255  C  CB  . TYR A 1 39  ? -2.880  -10.100 4.702   1.00 16.91 ? 39  TYR A CB  1 
ATOM   256  C  CG  . TYR A 1 39  ? -2.674  -8.777  3.972   1.00 12.76 ? 39  TYR A CG  1 
ATOM   257  C  CD1 . TYR A 1 39  ? -1.419  -8.172  3.913   1.00 13.01 ? 39  TYR A CD1 1 
ATOM   258  C  CD2 . TYR A 1 39  ? -3.746  -8.104  3.386   1.00 15.53 ? 39  TYR A CD2 1 
ATOM   259  C  CE1 . TYR A 1 39  ? -1.238  -6.925  3.289   1.00 14.61 ? 39  TYR A CE1 1 
ATOM   260  C  CE2 . TYR A 1 39  ? -3.575  -6.868  2.763   1.00 14.76 ? 39  TYR A CE2 1 
ATOM   261  C  CZ  . TYR A 1 39  ? -2.321  -6.282  2.723   1.00 15.47 ? 39  TYR A CZ  1 
ATOM   262  O  OH  . TYR A 1 39  ? -2.139  -5.050  2.140   1.00 15.83 ? 39  TYR A OH  1 
ATOM   263  N  N   . HIS A 1 40  ? -2.855  -13.274 5.213   1.00 15.90 ? 40  HIS A N   1 
ATOM   264  C  CA  . HIS A 1 40  ? -2.812  -14.378 6.164   1.00 17.36 ? 40  HIS A CA  1 
ATOM   265  C  C   . HIS A 1 40  ? -1.611  -15.260 5.832   1.00 15.86 ? 40  HIS A C   1 
ATOM   266  O  O   . HIS A 1 40  ? -0.876  -15.690 6.729   1.00 16.50 ? 40  HIS A O   1 
ATOM   267  C  CB  . HIS A 1 40  ? -4.100  -15.201 6.097   1.00 19.32 ? 40  HIS A CB  1 
ATOM   268  C  CG  . HIS A 1 40  ? -4.090  -16.407 6.983   1.00 24.65 ? 40  HIS A CG  1 
ATOM   269  N  ND1 . HIS A 1 40  ? -3.558  -17.615 6.593   1.00 28.18 ? 40  HIS A ND1 1 
ATOM   270  C  CD2 . HIS A 1 40  ? -4.507  -16.575 8.264   1.00 26.12 ? 40  HIS A CD2 1 
ATOM   271  C  CE1 . HIS A 1 40  ? -3.645  -18.480 7.593   1.00 27.34 ? 40  HIS A CE1 1 
ATOM   272  N  NE2 . HIS A 1 40  ? -4.217  -17.868 8.616   1.00 27.63 ? 40  HIS A NE2 1 
ATOM   273  N  N   . ASP A 1 41  ? -1.426  -15.530 4.540   1.00 15.79 ? 41  ASP A N   1 
ATOM   274  C  CA  . ASP A 1 41  ? -0.311  -16.344 4.046   1.00 13.94 ? 41  ASP A CA  1 
ATOM   275  C  C   . ASP A 1 41  ? 0.998   -15.772 4.601   1.00 14.21 ? 41  ASP A C   1 
ATOM   276  O  O   . ASP A 1 41  ? 1.757   -16.460 5.264   1.00 14.08 ? 41  ASP A O   1 
ATOM   277  C  CB  . ASP A 1 41  ? -0.285  -16.302 2.511   1.00 15.42 ? 41  ASP A CB  1 
ATOM   278  C  CG  . ASP A 1 41  ? 0.704   -17.278 1.898   1.00 14.41 ? 41  ASP A CG  1 
ATOM   279  O  OD1 . ASP A 1 41  ? 1.623   -17.732 2.602   1.00 16.21 ? 41  ASP A OD1 1 
ATOM   280  O  OD2 . ASP A 1 41  ? 0.568   -17.588 0.693   1.00 19.10 ? 41  ASP A OD2 1 
ATOM   281  N  N   . ILE A 1 42  ? 1.241   -14.493 4.330   1.00 11.82 ? 42  ILE A N   1 
ATOM   282  C  CA  . ILE A 1 42  ? 2.445   -13.803 4.788   1.00 13.22 ? 42  ILE A CA  1 
ATOM   283  C  C   . ILE A 1 42  ? 2.619   -13.915 6.295   1.00 12.89 ? 42  ILE A C   1 
ATOM   284  O  O   . ILE A 1 42  ? 3.701   -14.228 6.772   1.00 13.87 ? 42  ILE A O   1 
ATOM   285  C  CB  . ILE A 1 42  ? 2.405   -12.305 4.395   1.00 12.73 ? 42  ILE A CB  1 
ATOM   286  C  CG1 . ILE A 1 42  ? 2.383   -12.175 2.869   1.00 12.60 ? 42  ILE A CG1 1 
ATOM   287  C  CG2 . ILE A 1 42  ? 3.628   -11.574 4.945   1.00 12.84 ? 42  ILE A CG2 1 
ATOM   288  C  CD1 . ILE A 1 42  ? 2.068   -10.771 2.361   1.00 14.65 ? 42  ILE A CD1 1 
ATOM   289  N  N   . LEU A 1 43  ? 1.547   -13.681 7.041   1.00 12.75 ? 43  LEU A N   1 
ATOM   290  C  CA  . LEU A 1 43  ? 1.617   -13.764 8.497   1.00 14.08 ? 43  LEU A CA  1 
ATOM   291  C  C   . LEU A 1 43  ? 1.945   -15.169 9.004   1.00 14.26 ? 43  LEU A C   1 
ATOM   292  O  O   . LEU A 1 43  ? 2.761   -15.340 9.928   1.00 11.80 ? 43  LEU A O   1 
ATOM   293  C  CB  . LEU A 1 43  ? 0.295   -13.300 9.111   1.00 15.27 ? 43  LEU A CB  1 
ATOM   294  C  CG  . LEU A 1 43  ? 0.063   -11.788 9.026   1.00 17.07 ? 43  LEU A CG  1 
ATOM   295  C  CD1 . LEU A 1 43  ? -1.335  -11.453 9.471   1.00 19.23 ? 43  LEU A CD1 1 
ATOM   296  C  CD2 . LEU A 1 43  ? 1.093   -11.074 9.890   1.00 17.11 ? 43  LEU A CD2 1 
ATOM   297  N  N   . GLN A 1 44  ? 1.317   -16.179 8.406   1.00 15.18 ? 44  GLN A N   1 
ATOM   298  C  CA  . GLN A 1 44  ? 1.563   -17.543 8.851   1.00 18.06 ? 44  GLN A CA  1 
ATOM   299  C  C   . GLN A 1 44  ? 2.975   -17.972 8.468   1.00 16.72 ? 44  GLN A C   1 
ATOM   300  O  O   . GLN A 1 44  ? 3.620   -18.733 9.192   1.00 16.75 ? 44  GLN A O   1 
ATOM   301  C  CB  . GLN A 1 44  ? 0.515   -18.505 8.270   1.00 19.15 ? 44  GLN A CB  1 
ATOM   302  C  CG  . GLN A 1 44  ? 0.550   -18.721 6.759   1.00 22.71 ? 44  GLN A CG  1 
ATOM   303  C  CD  . GLN A 1 44  ? 1.646   -19.668 6.323   1.00 25.64 ? 44  GLN A CD  1 
ATOM   304  O  OE1 . GLN A 1 44  ? 2.034   -20.577 7.063   1.00 28.39 ? 44  GLN A OE1 1 
ATOM   305  N  NE2 . GLN A 1 44  ? 2.141   -19.474 5.110   1.00 22.89 ? 44  GLN A NE2 1 
ATOM   306  N  N   . LEU A 1 45  ? 3.455   -17.479 7.330   1.00 16.45 ? 45  LEU A N   1 
ATOM   307  C  CA  . LEU A 1 45  ? 4.805   -17.796 6.884   1.00 16.21 ? 45  LEU A CA  1 
ATOM   308  C  C   . LEU A 1 45  ? 5.796   -17.241 7.906   1.00 16.17 ? 45  LEU A C   1 
ATOM   309  O  O   . LEU A 1 45  ? 6.763   -17.909 8.266   1.00 14.80 ? 45  LEU A O   1 
ATOM   310  C  CB  . LEU A 1 45  ? 5.068   -17.178 5.508   1.00 16.96 ? 45  LEU A CB  1 
ATOM   311  C  CG  . LEU A 1 45  ? 6.448   -17.405 4.895   1.00 17.88 ? 45  LEU A CG  1 
ATOM   312  C  CD1 . LEU A 1 45  ? 6.675   -18.911 4.704   1.00 20.66 ? 45  LEU A CD1 1 
ATOM   313  C  CD2 . LEU A 1 45  ? 6.540   -16.683 3.578   1.00 20.96 ? 45  LEU A CD2 1 
ATOM   314  N  N   . LEU A 1 46  ? 5.556   -16.014 8.360   1.00 16.24 ? 46  LEU A N   1 
ATOM   315  C  CA  . LEU A 1 46  ? 6.435   -15.401 9.343   1.00 15.63 ? 46  LEU A CA  1 
ATOM   316  C  C   . LEU A 1 46  ? 6.358   -16.165 10.658  1.00 15.70 ? 46  LEU A C   1 
ATOM   317  O  O   . LEU A 1 46  ? 7.392   -16.482 11.253  1.00 16.20 ? 46  LEU A O   1 
ATOM   318  C  CB  . LEU A 1 46  ? 6.063   -13.930 9.555   1.00 15.73 ? 46  LEU A CB  1 
ATOM   319  C  CG  . LEU A 1 46  ? 6.427   -12.989 8.399   1.00 14.93 ? 46  LEU A CG  1 
ATOM   320  C  CD1 . LEU A 1 46  ? 5.722   -11.656 8.570   1.00 12.91 ? 46  LEU A CD1 1 
ATOM   321  C  CD2 . LEU A 1 46  ? 7.935   -12.792 8.357   1.00 16.01 ? 46  LEU A CD2 1 
ATOM   322  N  N   . ALA A 1 47  ? 5.139   -16.465 11.099  1.00 13.09 ? 47  ALA A N   1 
ATOM   323  C  CA  . ALA A 1 47  ? 4.929   -17.206 12.340  1.00 14.47 ? 47  ALA A CA  1 
ATOM   324  C  C   . ALA A 1 47  ? 5.656   -18.545 12.303  1.00 15.25 ? 47  ALA A C   1 
ATOM   325  O  O   . ALA A 1 47  ? 6.279   -18.955 13.282  1.00 15.61 ? 47  ALA A O   1 
ATOM   326  C  CB  . ALA A 1 47  ? 3.430   -17.425 12.585  1.00 16.28 ? 47  ALA A CB  1 
ATOM   327  N  N   . GLY A 1 48  ? 5.573   -19.222 11.163  1.00 15.77 ? 48  GLY A N   1 
ATOM   328  C  CA  . GLY A 1 48  ? 6.235   -20.506 11.018  1.00 18.59 ? 48  GLY A CA  1 
ATOM   329  C  C   . GLY A 1 48  ? 7.741   -20.405 11.203  1.00 19.39 ? 48  GLY A C   1 
ATOM   330  O  O   . GLY A 1 48  ? 8.396   -21.369 11.587  1.00 19.23 ? 48  GLY A O   1 
ATOM   331  N  N   . GLN A 1 49  ? 8.293   -19.232 10.916  1.00 20.37 ? 49  GLN A N   1 
ATOM   332  C  CA  . GLN A 1 49  ? 9.729   -19.000 11.055  1.00 22.90 ? 49  GLN A CA  1 
ATOM   333  C  C   . GLN A 1 49  ? 10.036  -18.335 12.390  1.00 23.49 ? 49  GLN A C   1 
ATOM   334  O  O   . GLN A 1 49  ? 11.173  -17.909 12.634  1.00 24.56 ? 49  GLN A O   1 
ATOM   335  C  CB  . GLN A 1 49  ? 10.231  -18.120 9.903   1.00 22.86 ? 49  GLN A CB  1 
ATOM   336  C  CG  . GLN A 1 49  ? 10.050  -18.759 8.534   1.00 27.57 ? 49  GLN A CG  1 
ATOM   337  C  CD  . GLN A 1 49  ? 10.401  -17.834 7.391   1.00 28.99 ? 49  GLN A CD  1 
ATOM   338  O  OE1 . GLN A 1 49  ? 11.515  -17.321 7.312   1.00 30.03 ? 49  GLN A OE1 1 
ATOM   339  N  NE2 . GLN A 1 49  ? 9.451   -17.617 6.492   1.00 28.60 ? 49  GLN A NE2 1 
ATOM   340  N  N   . GLY A 1 50  ? 9.025   -18.256 13.252  1.00 23.44 ? 50  GLY A N   1 
ATOM   341  C  CA  . GLY A 1 50  ? 9.199   -17.639 14.554  1.00 24.68 ? 50  GLY A CA  1 
ATOM   342  C  C   . GLY A 1 50  ? 9.399   -16.135 14.490  1.00 26.31 ? 50  GLY A C   1 
ATOM   343  O  O   . GLY A 1 50  ? 10.001  -15.540 15.389  1.00 25.53 ? 50  GLY A O   1 
ATOM   344  N  N   . LYS A 1 51  ? 8.894   -15.513 13.428  1.00 25.04 ? 51  LYS A N   1 
ATOM   345  C  CA  . LYS A 1 51  ? 9.027   -14.068 13.260  1.00 25.96 ? 51  LYS A CA  1 
ATOM   346  C  C   . LYS A 1 51  ? 7.686   -13.358 13.084  1.00 24.74 ? 51  LYS A C   1 
ATOM   347  O  O   . LYS A 1 51  ? 6.631   -13.988 13.039  1.00 23.83 ? 51  LYS A O   1 
ATOM   348  C  CB  . LYS A 1 51  ? 9.916   -13.750 12.052  1.00 26.68 ? 51  LYS A CB  1 
ATOM   349  C  CG  . LYS A 1 51  ? 11.387  -14.092 12.243  1.00 29.79 ? 51  LYS A CG  1 
ATOM   350  C  CD  . LYS A 1 51  ? 11.834  -15.167 11.267  1.00 30.64 ? 51  LYS A CD  1 
ATOM   351  C  CE  . LYS A 1 51  ? 13.273  -15.598 11.548  1.00 32.35 ? 51  LYS A CE  1 
ATOM   352  N  NZ  . LYS A 1 51  ? 13.653  -16.778 10.729  1.00 34.07 ? 51  LYS A NZ  1 
ATOM   353  N  N   . SER A 1 52  ? 7.743   -12.034 12.983  1.00 25.13 ? 52  SER A N   1 
ATOM   354  C  CA  . SER A 1 52  ? 6.545   -11.228 12.795  1.00 24.48 ? 52  SER A CA  1 
ATOM   355  C  C   . SER A 1 52  ? 6.900   -10.025 11.927  1.00 22.09 ? 52  SER A C   1 
ATOM   356  O  O   . SER A 1 52  ? 8.081   -9.730  11.722  1.00 19.58 ? 52  SER A O   1 
ATOM   357  C  CB  . SER A 1 52  ? 5.998   -10.751 14.148  1.00 27.19 ? 52  SER A CB  1 
ATOM   358  O  OG  . SER A 1 52  ? 6.967   -9.992  14.846  1.00 32.86 ? 52  SER A OG  1 
ATOM   359  N  N   . PRO A 1 53  ? 5.886   -9.317  11.407  1.00 19.95 ? 53  PRO A N   1 
ATOM   360  C  CA  . PRO A 1 53  ? 6.146   -8.149  10.565  1.00 18.51 ? 53  PRO A CA  1 
ATOM   361  C  C   . PRO A 1 53  ? 6.845   -7.075  11.392  1.00 19.12 ? 53  PRO A C   1 
ATOM   362  O  O   . PRO A 1 53  ? 6.787   -7.099  12.621  1.00 18.76 ? 53  PRO A O   1 
ATOM   363  C  CB  . PRO A 1 53  ? 4.748   -7.710  10.132  1.00 19.53 ? 53  PRO A CB  1 
ATOM   364  C  CG  . PRO A 1 53  ? 3.944   -8.962  10.208  1.00 21.28 ? 53  PRO A CG  1 
ATOM   365  C  CD  . PRO A 1 53  ? 4.442   -9.583  11.489  1.00 19.80 ? 53  PRO A CD  1 
ATOM   366  N  N   . SER A 1 54  ? 7.502   -6.133  10.727  1.00 18.05 ? 54  SER A N   1 
ATOM   367  C  CA  . SER A 1 54  ? 8.198   -5.055  11.423  1.00 20.89 ? 54  SER A CA  1 
ATOM   368  C  C   . SER A 1 54  ? 7.541   -3.712  11.128  1.00 21.59 ? 54  SER A C   1 
ATOM   369  O  O   . SER A 1 54  ? 8.018   -2.666  11.563  1.00 23.47 ? 54  SER A O   1 
ATOM   370  C  CB  . SER A 1 54  ? 9.671   -5.020  11.004  1.00 21.86 ? 54  SER A CB  1 
ATOM   371  O  OG  . SER A 1 54  ? 9.785   -4.879  9.600   1.00 26.62 ? 54  SER A OG  1 
ATOM   372  N  N   . GLY A 1 55  ? 6.438   -3.756  10.389  1.00 21.46 ? 55  GLY A N   1 
ATOM   373  C  CA  . GLY A 1 55  ? 5.732   -2.540  10.033  1.00 19.89 ? 55  GLY A CA  1 
ATOM   374  C  C   . GLY A 1 55  ? 4.295   -2.824  9.639   1.00 18.37 ? 55  GLY A C   1 
ATOM   375  O  O   . GLY A 1 55  ? 3.899   -3.979  9.524   1.00 17.91 ? 55  GLY A O   1 
ATOM   376  N  N   . PRO A 1 56  ? 3.476   -1.785  9.441   1.00 18.17 ? 56  PRO A N   1 
ATOM   377  C  CA  . PRO A 1 56  ? 2.074   -1.960  9.058   1.00 17.42 ? 56  PRO A CA  1 
ATOM   378  C  C   . PRO A 1 56  ? 1.910   -2.488  7.630   1.00 15.83 ? 56  PRO A C   1 
ATOM   379  O  O   . PRO A 1 56  ? 2.766   -2.269  6.772   1.00 15.91 ? 56  PRO A O   1 
ATOM   380  C  CB  . PRO A 1 56  ? 1.503   -0.563  9.230   1.00 17.48 ? 56  PRO A CB  1 
ATOM   381  C  CG  . PRO A 1 56  ? 2.641   0.296   8.861   1.00 17.83 ? 56  PRO A CG  1 
ATOM   382  C  CD  . PRO A 1 56  ? 3.812   -0.357  9.561   1.00 16.95 ? 56  PRO A CD  1 
ATOM   383  N  N   . PRO A 1 57  ? 0.810   -3.209  7.368   1.00 14.69 ? 57  PRO A N   1 
ATOM   384  C  CA  . PRO A 1 57  ? 0.538   -3.769  6.044   1.00 15.46 ? 57  PRO A CA  1 
ATOM   385  C  C   . PRO A 1 57  ? 0.312   -2.679  5.005   1.00 14.92 ? 57  PRO A C   1 
ATOM   386  O  O   . PRO A 1 57  ? -0.122  -1.573  5.329   1.00 14.24 ? 57  PRO A O   1 
ATOM   387  C  CB  . PRO A 1 57  ? -0.703  -4.624  6.288   1.00 14.95 ? 57  PRO A CB  1 
ATOM   388  C  CG  . PRO A 1 57  ? -1.417  -3.885  7.369   1.00 16.91 ? 57  PRO A CG  1 
ATOM   389  C  CD  . PRO A 1 57  ? -0.291  -3.514  8.300   1.00 14.20 ? 57  PRO A CD  1 
ATOM   390  N  N   . PHE A 1 58  ? 0.617   -2.998  3.751   1.00 13.89 ? 58  PHE A N   1 
ATOM   391  C  CA  . PHE A 1 58  ? 0.440   -2.034  2.673   1.00 12.22 ? 58  PHE A CA  1 
ATOM   392  C  C   . PHE A 1 58  ? 0.095   -2.702  1.362   1.00 11.00 ? 58  PHE A C   1 
ATOM   393  O  O   . PHE A 1 58  ? 0.161   -3.921  1.239   1.00 12.73 ? 58  PHE A O   1 
ATOM   394  C  CB  . PHE A 1 58  ? 1.715   -1.215  2.479   1.00 10.93 ? 58  PHE A CB  1 
ATOM   395  C  CG  . PHE A 1 58  ? 2.866   -2.023  1.995   1.00 12.19 ? 58  PHE A CG  1 
ATOM   396  C  CD1 . PHE A 1 58  ? 3.059   -2.212  0.630   1.00 13.50 ? 58  PHE A CD1 1 
ATOM   397  C  CD2 . PHE A 1 58  ? 3.713   -2.657  2.895   1.00 14.44 ? 58  PHE A CD2 1 
ATOM   398  C  CE1 . PHE A 1 58  ? 4.073   -3.023  0.166   1.00 15.93 ? 58  PHE A CE1 1 
ATOM   399  C  CE2 . PHE A 1 58  ? 4.744   -3.482  2.434   1.00 14.97 ? 58  PHE A CE2 1 
ATOM   400  C  CZ  . PHE A 1 58  ? 4.922   -3.663  1.070   1.00 15.25 ? 58  PHE A CZ  1 
ATOM   401  N  N   . ALA A 1 59  ? -0.283  -1.888  0.392   1.00 11.05 ? 59  ALA A N   1 
ATOM   402  C  CA  . ALA A 1 59  ? -0.605  -2.375  -0.934  1.00 11.01 ? 59  ALA A CA  1 
ATOM   403  C  C   . ALA A 1 59  ? -0.222  -1.305  -1.949  1.00 12.64 ? 59  ALA A C   1 
ATOM   404  O  O   . ALA A 1 59  ? -0.349  -0.109  -1.685  1.00 13.78 ? 59  ALA A O   1 
ATOM   405  C  CB  . ALA A 1 59  ? -2.100  -2.704  -1.037  1.00 11.27 ? 59  ALA A CB  1 
ATOM   406  N  N   . ARG A 1 60  ? 0.306   -1.747  -3.085  1.00 10.13 ? 60  ARG A N   1 
ATOM   407  C  CA  . ARG A 1 60  ? 0.681   -0.871  -4.195  1.00 13.17 ? 60  ARG A CA  1 
ATOM   408  C  C   . ARG A 1 60  ? -0.276  -1.223  -5.333  1.00 13.81 ? 60  ARG A C   1 
ATOM   409  O  O   . ARG A 1 60  ? -0.408  -2.395  -5.679  1.00 14.14 ? 60  ARG A O   1 
ATOM   410  C  CB  . ARG A 1 60  ? 2.113   -1.161  -4.646  1.00 15.02 ? 60  ARG A CB  1 
ATOM   411  C  CG  . ARG A 1 60  ? 3.151   -1.050  -3.525  1.00 18.04 ? 60  ARG A CG  1 
ATOM   412  C  CD  . ARG A 1 60  ? 4.552   -1.411  -3.999  1.00 18.10 ? 60  ARG A CD  1 
ATOM   413  N  NE  . ARG A 1 60  ? 5.033   -0.510  -5.042  1.00 18.32 ? 60  ARG A NE  1 
ATOM   414  C  CZ  . ARG A 1 60  ? 6.317   -0.287  -5.306  1.00 20.75 ? 60  ARG A CZ  1 
ATOM   415  N  NH1 . ARG A 1 60  ? 7.250   -0.909  -4.594  1.00 22.30 ? 60  ARG A NH1 1 
ATOM   416  N  NH2 . ARG A 1 60  ? 6.661   0.567   -6.266  1.00 20.00 ? 60  ARG A NH2 1 
ATOM   417  N  N   . TYR A 1 61  ? -0.919  -0.217  -5.923  1.00 14.47 ? 61  TYR A N   1 
ATOM   418  C  CA  . TYR A 1 61  ? -1.872  -0.421  -7.020  1.00 13.97 ? 61  TYR A CA  1 
ATOM   419  C  C   . TYR A 1 61  ? -1.387  0.253   -8.294  1.00 15.08 ? 61  TYR A C   1 
ATOM   420  O  O   . TYR A 1 61  ? -0.935  1.400   -8.264  1.00 15.68 ? 61  TYR A O   1 
ATOM   421  C  CB  . TYR A 1 61  ? -3.232  0.168   -6.654  1.00 15.35 ? 61  TYR A CB  1 
ATOM   422  C  CG  . TYR A 1 61  ? -3.838  -0.395  -5.397  1.00 16.00 ? 61  TYR A CG  1 
ATOM   423  C  CD1 . TYR A 1 61  ? -4.538  -1.602  -5.405  1.00 15.71 ? 61  TYR A CD1 1 
ATOM   424  C  CD2 . TYR A 1 61  ? -3.715  0.287   -4.195  1.00 17.67 ? 61  TYR A CD2 1 
ATOM   425  C  CE1 . TYR A 1 61  ? -5.105  -2.109  -4.230  1.00 15.09 ? 61  TYR A CE1 1 
ATOM   426  C  CE2 . TYR A 1 61  ? -4.265  -0.208  -3.029  1.00 17.56 ? 61  TYR A CE2 1 
ATOM   427  C  CZ  . TYR A 1 61  ? -4.962  -1.402  -3.049  1.00 16.07 ? 61  TYR A CZ  1 
ATOM   428  O  OH  . TYR A 1 61  ? -5.508  -1.885  -1.885  1.00 18.33 ? 61  TYR A OH  1 
ATOM   429  N  N   . PHE A 1 62  ? -1.534  -0.441  -9.420  1.00 16.93 ? 62  PHE A N   1 
ATOM   430  C  CA  . PHE A 1 62  ? -1.084  0.082   -10.707 1.00 19.55 ? 62  PHE A CA  1 
ATOM   431  C  C   . PHE A 1 62  ? -2.000  -0.418  -11.826 1.00 20.56 ? 62  PHE A C   1 
ATOM   432  O  O   . PHE A 1 62  ? -2.126  -1.623  -12.028 1.00 20.99 ? 62  PHE A O   1 
ATOM   433  C  CB  . PHE A 1 62  ? 0.356   -0.403  -10.936 1.00 19.69 ? 62  PHE A CB  1 
ATOM   434  C  CG  . PHE A 1 62  ? 1.265   0.614   -11.561 1.00 21.49 ? 62  PHE A CG  1 
ATOM   435  C  CD1 . PHE A 1 62  ? 2.645   0.490   -11.423 1.00 22.83 ? 62  PHE A CD1 1 
ATOM   436  C  CD2 . PHE A 1 62  ? 0.762   1.682   -12.295 1.00 21.07 ? 62  PHE A CD2 1 
ATOM   437  C  CE1 . PHE A 1 62  ? 3.507   1.408   -12.009 1.00 22.34 ? 62  PHE A CE1 1 
ATOM   438  C  CE2 . PHE A 1 62  ? 1.617   2.612   -12.889 1.00 23.64 ? 62  PHE A CE2 1 
ATOM   439  C  CZ  . PHE A 1 62  ? 2.993   2.477   -12.745 1.00 22.94 ? 62  PHE A CZ  1 
ATOM   440  N  N   . GLY A 1 63  ? -2.639  0.502   -12.542 1.00 21.80 ? 63  GLY A N   1 
ATOM   441  C  CA  . GLY A 1 63  ? -3.532  0.113   -13.626 1.00 21.52 ? 63  GLY A CA  1 
ATOM   442  C  C   . GLY A 1 63  ? -4.935  0.654   -13.429 1.00 22.16 ? 63  GLY A C   1 
ATOM   443  O  O   . GLY A 1 63  ? -5.159  1.494   -12.552 1.00 23.21 ? 63  GLY A O   1 
HETATM 444  N  N   . MSE A 1 64  ? -5.888  0.179   -14.226 1.00 21.56 ? 64  MSE A N   1 
HETATM 445  C  CA  . MSE A 1 64  ? -7.263  0.649   -14.113 1.00 23.78 ? 64  MSE A CA  1 
HETATM 446  C  C   . MSE A 1 64  ? -8.137  -0.276  -13.281 1.00 23.91 ? 64  MSE A C   1 
HETATM 447  O  O   . MSE A 1 64  ? -8.198  -1.480  -13.531 1.00 22.66 ? 64  MSE A O   1 
HETATM 448  C  CB  . MSE A 1 64  ? -7.882  0.817   -15.497 1.00 25.58 ? 64  MSE A CB  1 
HETATM 449  C  CG  . MSE A 1 64  ? -7.186  1.834   -16.358 1.00 28.72 ? 64  MSE A CG  1 
HETATM 450  SE SE  . MSE A 1 64  ? -8.196  2.191   -17.946 1.00 38.37 ? 64  MSE A SE  1 
HETATM 451  C  CE  . MSE A 1 64  ? -9.286  3.618   -17.312 1.00 27.24 ? 64  MSE A CE  1 
ATOM   452  N  N   . SER A 1 65  ? -8.818  0.303   -12.294 1.00 23.51 ? 65  SER A N   1 
ATOM   453  C  CA  . SER A 1 65  ? -9.697  -0.467  -11.427 1.00 23.67 ? 65  SER A CA  1 
ATOM   454  C  C   . SER A 1 65  ? -10.797 -1.126  -12.250 1.00 23.27 ? 65  SER A C   1 
ATOM   455  O  O   . SER A 1 65  ? -11.367 -2.132  -11.840 1.00 23.04 ? 65  SER A O   1 
ATOM   456  C  CB  . SER A 1 65  ? -10.331 0.445   -10.371 1.00 24.24 ? 65  SER A CB  1 
ATOM   457  O  OG  . SER A 1 65  ? -11.221 1.372   -10.968 1.00 25.10 ? 65  SER A OG  1 
ATOM   458  N  N   . ALA A 1 66  ? -11.086 -0.554  -13.414 1.00 23.53 ? 66  ALA A N   1 
ATOM   459  C  CA  . ALA A 1 66  ? -12.124 -1.068  -14.297 1.00 23.92 ? 66  ALA A CA  1 
ATOM   460  C  C   . ALA A 1 66  ? -11.761 -2.409  -14.941 1.00 24.64 ? 66  ALA A C   1 
ATOM   461  O  O   . ALA A 1 66  ? -12.636 -3.155  -15.364 1.00 24.54 ? 66  ALA A O   1 
ATOM   462  C  CB  . ALA A 1 66  ? -12.433 -0.029  -15.380 1.00 25.68 ? 66  ALA A CB  1 
ATOM   463  N  N   . GLY A 1 67  ? -10.474 -2.716  -15.024 1.00 22.75 ? 67  GLY A N   1 
ATOM   464  C  CA  . GLY A 1 67  ? -10.068 -3.972  -15.627 1.00 23.21 ? 67  GLY A CA  1 
ATOM   465  C  C   . GLY A 1 67  ? -9.190  -4.793  -14.706 1.00 22.41 ? 67  GLY A C   1 
ATOM   466  O  O   . GLY A 1 67  ? -9.467  -4.912  -13.516 1.00 22.56 ? 67  GLY A O   1 
ATOM   467  N  N   . THR A 1 68  ? -8.145  -5.387  -15.270 1.00 20.41 ? 68  THR A N   1 
ATOM   468  C  CA  . THR A 1 68  ? -7.204  -6.187  -14.493 1.00 19.73 ? 68  THR A CA  1 
ATOM   469  C  C   . THR A 1 68  ? -6.059  -5.250  -14.158 1.00 19.11 ? 68  THR A C   1 
ATOM   470  O  O   . THR A 1 68  ? -5.447  -4.681  -15.057 1.00 18.72 ? 68  THR A O   1 
ATOM   471  C  CB  . THR A 1 68  ? -6.661  -7.370  -15.321 1.00 20.67 ? 68  THR A CB  1 
ATOM   472  O  OG1 . THR A 1 68  ? -7.751  -8.164  -15.796 1.00 20.62 ? 68  THR A OG1 1 
ATOM   473  C  CG2 . THR A 1 68  ? -5.737  -8.228  -14.486 1.00 22.03 ? 68  THR A CG2 1 
ATOM   474  N  N   . PHE A 1 69  ? -5.776  -5.084  -12.871 1.00 15.79 ? 69  PHE A N   1 
ATOM   475  C  CA  . PHE A 1 69  ? -4.716  -4.195  -12.445 1.00 15.04 ? 69  PHE A CA  1 
ATOM   476  C  C   . PHE A 1 69  ? -3.673  -4.861  -11.560 1.00 15.58 ? 69  PHE A C   1 
ATOM   477  O  O   . PHE A 1 69  ? -3.920  -5.889  -10.926 1.00 14.70 ? 69  PHE A O   1 
ATOM   478  C  CB  . PHE A 1 69  ? -5.326  -2.990  -11.727 1.00 16.55 ? 69  PHE A CB  1 
ATOM   479  C  CG  . PHE A 1 69  ? -6.237  -3.363  -10.594 1.00 15.28 ? 69  PHE A CG  1 
ATOM   480  C  CD1 . PHE A 1 69  ? -5.729  -3.554  -9.322  1.00 14.78 ? 69  PHE A CD1 1 
ATOM   481  C  CD2 . PHE A 1 69  ? -7.601  -3.524  -10.800 1.00 15.39 ? 69  PHE A CD2 1 
ATOM   482  C  CE1 . PHE A 1 69  ? -6.549  -3.898  -8.257  1.00 16.68 ? 69  PHE A CE1 1 
ATOM   483  C  CE2 . PHE A 1 69  ? -8.446  -3.871  -9.729  1.00 15.66 ? 69  PHE A CE2 1 
ATOM   484  C  CZ  . PHE A 1 69  ? -7.910  -4.057  -8.454  1.00 16.89 ? 69  PHE A CZ  1 
ATOM   485  N  N   . GLU A 1 70  ? -2.485  -4.277  -11.538 1.00 14.35 ? 70  GLU A N   1 
ATOM   486  C  CA  . GLU A 1 70  ? -1.401  -4.803  -10.726 1.00 15.15 ? 70  GLU A CA  1 
ATOM   487  C  C   . GLU A 1 70  ? -1.629  -4.444  -9.262  1.00 13.43 ? 70  GLU A C   1 
ATOM   488  O  O   . GLU A 1 70  ? -2.023  -3.323  -8.941  1.00 13.46 ? 70  GLU A O   1 
ATOM   489  C  CB  . GLU A 1 70  ? -0.072  -4.203  -11.187 1.00 15.47 ? 70  GLU A CB  1 
ATOM   490  C  CG  . GLU A 1 70  ? 1.166   -4.687  -10.455 1.00 18.03 ? 70  GLU A CG  1 
ATOM   491  C  CD  . GLU A 1 70  ? 1.612   -6.065  -10.896 1.00 18.73 ? 70  GLU A CD  1 
ATOM   492  O  OE1 . GLU A 1 70  ? 1.254   -6.477  -12.014 1.00 18.61 ? 70  GLU A OE1 1 
ATOM   493  O  OE2 . GLU A 1 70  ? 2.344   -6.730  -10.139 1.00 19.03 ? 70  GLU A OE2 1 
ATOM   494  N  N   . VAL A 1 71  ? -1.388  -5.405  -8.377  1.00 13.74 ? 71  VAL A N   1 
ATOM   495  C  CA  . VAL A 1 71  ? -1.509  -5.171  -6.942  1.00 13.29 ? 71  VAL A CA  1 
ATOM   496  C  C   . VAL A 1 71  ? -0.372  -5.946  -6.279  1.00 12.87 ? 71  VAL A C   1 
ATOM   497  O  O   . VAL A 1 71  ? -0.213  -7.141  -6.498  1.00 14.10 ? 71  VAL A O   1 
ATOM   498  C  CB  . VAL A 1 71  ? -2.876  -5.643  -6.392  1.00 14.95 ? 71  VAL A CB  1 
ATOM   499  C  CG1 . VAL A 1 71  ? -3.079  -7.129  -6.663  1.00 15.76 ? 71  VAL A CG1 1 
ATOM   500  C  CG2 . VAL A 1 71  ? -2.971  -5.339  -4.900  1.00 14.52 ? 71  VAL A CG2 1 
ATOM   501  N  N   . GLU A 1 72  ? 0.438   -5.242  -5.499  1.00 12.74 ? 72  GLU A N   1 
ATOM   502  C  CA  . GLU A 1 72  ? 1.580   -5.847  -4.819  1.00 12.42 ? 72  GLU A CA  1 
ATOM   503  C  C   . GLU A 1 72  ? 1.399   -5.453  -3.358  1.00 14.45 ? 72  GLU A C   1 
ATOM   504  O  O   . GLU A 1 72  ? 1.382   -4.269  -3.019  1.00 13.60 ? 72  GLU A O   1 
ATOM   505  C  CB  . GLU A 1 72  ? 2.881   -5.291  -5.416  1.00 15.68 ? 72  GLU A CB  1 
ATOM   506  C  CG  . GLU A 1 72  ? 2.848   -5.314  -6.935  1.00 14.31 ? 72  GLU A CG  1 
ATOM   507  C  CD  . GLU A 1 72  ? 4.154   -4.955  -7.611  1.00 16.24 ? 72  GLU A CD  1 
ATOM   508  O  OE1 . GLU A 1 72  ? 5.029   -4.336  -6.967  1.00 17.64 ? 72  GLU A OE1 1 
ATOM   509  O  OE2 . GLU A 1 72  ? 4.277   -5.288  -8.812  1.00 15.92 ? 72  GLU A OE2 1 
ATOM   510  N  N   . PHE A 1 73  ? 1.259   -6.454  -2.495  1.00 13.57 ? 73  PHE A N   1 
ATOM   511  C  CA  . PHE A 1 73  ? 0.981   -6.178  -1.100  1.00 14.22 ? 73  PHE A CA  1 
ATOM   512  C  C   . PHE A 1 73  ? 1.690   -7.085  -0.115  1.00 12.98 ? 73  PHE A C   1 
ATOM   513  O  O   . PHE A 1 73  ? 2.112   -8.191  -0.451  1.00 13.56 ? 73  PHE A O   1 
ATOM   514  C  CB  . PHE A 1 73  ? -0.526  -6.276  -0.872  1.00 12.09 ? 73  PHE A CB  1 
ATOM   515  C  CG  . PHE A 1 73  ? -1.081  -7.664  -1.090  1.00 14.56 ? 73  PHE A CG  1 
ATOM   516  C  CD1 . PHE A 1 73  ? -1.465  -8.444  -0.019  1.00 12.06 ? 73  PHE A CD1 1 
ATOM   517  C  CD2 . PHE A 1 73  ? -1.232  -8.180  -2.376  1.00 13.47 ? 73  PHE A CD2 1 
ATOM   518  C  CE1 . PHE A 1 73  ? -1.988  -9.697  -0.215  1.00 13.86 ? 73  PHE A CE1 1 
ATOM   519  C  CE2 . PHE A 1 73  ? -1.764  -9.465  -2.577  1.00 15.31 ? 73  PHE A CE2 1 
ATOM   520  C  CZ  . PHE A 1 73  ? -2.142  -10.216 -1.487  1.00 13.39 ? 73  PHE A CZ  1 
ATOM   521  N  N   . GLY A 1 74  ? 1.804   -6.598  1.116   1.00 13.31 ? 74  GLY A N   1 
ATOM   522  C  CA  . GLY A 1 74  ? 2.468   -7.373  2.144   1.00 12.32 ? 74  GLY A CA  1 
ATOM   523  C  C   . GLY A 1 74  ? 2.809   -6.581  3.381   1.00 11.70 ? 74  GLY A C   1 
ATOM   524  O  O   . GLY A 1 74  ? 2.150   -5.590  3.707   1.00 11.53 ? 74  GLY A O   1 
ATOM   525  N  N   . PHE A 1 75  ? 3.827   -7.050  4.084   1.00 12.66 ? 75  PHE A N   1 
ATOM   526  C  CA  . PHE A 1 75  ? 4.284   -6.425  5.308   1.00 11.93 ? 75  PHE A CA  1 
ATOM   527  C  C   . PHE A 1 75  ? 5.780   -6.173  5.261   1.00 13.77 ? 75  PHE A C   1 
ATOM   528  O  O   . PHE A 1 75  ? 6.531   -6.949  4.672   1.00 13.06 ? 75  PHE A O   1 
ATOM   529  C  CB  . PHE A 1 75  ? 4.072   -7.348  6.520   1.00 13.76 ? 75  PHE A CB  1 
ATOM   530  C  CG  . PHE A 1 75  ? 2.632   -7.605  6.894   1.00 14.72 ? 75  PHE A CG  1 
ATOM   531  C  CD1 . PHE A 1 75  ? 1.982   -6.780  7.809   1.00 15.74 ? 75  PHE A CD1 1 
ATOM   532  C  CD2 . PHE A 1 75  ? 1.955   -8.711  6.399   1.00 15.22 ? 75  PHE A CD2 1 
ATOM   533  C  CE1 . PHE A 1 75  ? 0.691   -7.045  8.230   1.00 16.52 ? 75  PHE A CE1 1 
ATOM   534  C  CE2 . PHE A 1 75  ? 0.655   -8.984  6.821   1.00 15.45 ? 75  PHE A CE2 1 
ATOM   535  C  CZ  . PHE A 1 75  ? 0.027   -8.140  7.740   1.00 15.29 ? 75  PHE A CZ  1 
ATOM   536  N  N   . PRO A 1 76  ? 6.230   -5.073  5.883   1.00 14.79 ? 76  PRO A N   1 
ATOM   537  C  CA  . PRO A 1 76  ? 7.663   -4.793  5.903   1.00 14.71 ? 76  PRO A CA  1 
ATOM   538  C  C   . PRO A 1 76  ? 8.171   -5.812  6.910   1.00 15.49 ? 76  PRO A C   1 
ATOM   539  O  O   . PRO A 1 76  ? 7.428   -6.187  7.817   1.00 13.95 ? 76  PRO A O   1 
ATOM   540  C  CB  . PRO A 1 76  ? 7.729   -3.377  6.470   1.00 16.09 ? 76  PRO A CB  1 
ATOM   541  C  CG  . PRO A 1 76  ? 6.453   -2.763  6.033   1.00 18.54 ? 76  PRO A CG  1 
ATOM   542  C  CD  . PRO A 1 76  ? 5.470   -3.875  6.278   1.00 13.45 ? 76  PRO A CD  1 
ATOM   543  N  N   . VAL A 1 77  ? 9.410   -6.261  6.759   1.00 15.29 ? 77  VAL A N   1 
ATOM   544  C  CA  . VAL A 1 77  ? 9.966   -7.244  7.682   1.00 16.89 ? 77  VAL A CA  1 
ATOM   545  C  C   . VAL A 1 77  ? 11.392  -6.854  8.030   1.00 19.18 ? 77  VAL A C   1 
ATOM   546  O  O   . VAL A 1 77  ? 12.018  -6.072  7.325   1.00 18.17 ? 77  VAL A O   1 
ATOM   547  C  CB  . VAL A 1 77  ? 9.954   -8.674  7.070   1.00 15.41 ? 77  VAL A CB  1 
ATOM   548  C  CG1 . VAL A 1 77  ? 8.525   -9.106  6.786   1.00 17.31 ? 77  VAL A CG1 1 
ATOM   549  C  CG2 . VAL A 1 77  ? 10.784  -8.708  5.792   1.00 14.93 ? 77  VAL A CG2 1 
ATOM   550  N  N   . GLU A 1 78  ? 11.903  -7.397  9.126   1.00 22.79 ? 78  GLU A N   1 
ATOM   551  C  CA  . GLU A 1 78  ? 13.259  -7.076  9.544   1.00 26.10 ? 78  GLU A CA  1 
ATOM   552  C  C   . GLU A 1 78  ? 14.286  -7.611  8.553   1.00 26.78 ? 78  GLU A C   1 
ATOM   553  O  O   . GLU A 1 78  ? 15.416  -7.130  8.500   1.00 27.02 ? 78  GLU A O   1 
ATOM   554  C  CB  . GLU A 1 78  ? 13.516  -7.641  10.943  1.00 28.88 ? 78  GLU A CB  1 
ATOM   555  C  CG  . GLU A 1 78  ? 13.109  -9.094  11.103  1.00 33.44 ? 78  GLU A CG  1 
ATOM   556  C  CD  . GLU A 1 78  ? 13.234  -9.577  12.537  1.00 36.65 ? 78  GLU A CD  1 
ATOM   557  O  OE1 . GLU A 1 78  ? 12.977  -10.773 12.788  1.00 39.38 ? 78  GLU A OE1 1 
ATOM   558  O  OE2 . GLU A 1 78  ? 13.591  -8.763  13.415  1.00 35.71 ? 78  GLU A OE2 1 
ATOM   559  N  N   . GLY A 1 79  ? 13.883  -8.601  7.763   1.00 28.12 ? 79  GLY A N   1 
ATOM   560  C  CA  . GLY A 1 79  ? 14.791  -9.177  6.790   1.00 30.14 ? 79  GLY A CA  1 
ATOM   561  C  C   . GLY A 1 79  ? 15.339  -10.497 7.296   1.00 31.52 ? 79  GLY A C   1 
ATOM   562  O  O   . GLY A 1 79  ? 15.169  -10.831 8.460   1.00 31.60 ? 79  GLY A O   1 
ATOM   563  N  N   . GLY A 1 80  ? 15.997  -11.249 6.421   1.00 31.81 ? 80  GLY A N   1 
ATOM   564  C  CA  . GLY A 1 80  ? 16.543  -12.530 6.823   1.00 32.53 ? 80  GLY A CA  1 
ATOM   565  C  C   . GLY A 1 80  ? 15.476  -13.605 6.778   1.00 32.18 ? 80  GLY A C   1 
ATOM   566  O  O   . GLY A 1 80  ? 15.737  -14.769 7.078   1.00 33.45 ? 80  GLY A O   1 
ATOM   567  N  N   . VAL A 1 81  ? 14.266  -13.202 6.406   1.00 31.77 ? 81  VAL A N   1 
ATOM   568  C  CA  . VAL A 1 81  ? 13.142  -14.123 6.305   1.00 30.92 ? 81  VAL A CA  1 
ATOM   569  C  C   . VAL A 1 81  ? 13.087  -14.643 4.870   1.00 31.16 ? 81  VAL A C   1 
ATOM   570  O  O   . VAL A 1 81  ? 13.491  -13.945 3.942   1.00 31.03 ? 81  VAL A O   1 
ATOM   571  C  CB  . VAL A 1 81  ? 11.815  -13.405 6.632   1.00 31.31 ? 81  VAL A CB  1 
ATOM   572  C  CG1 . VAL A 1 81  ? 10.666  -14.388 6.586   1.00 33.65 ? 81  VAL A CG1 1 
ATOM   573  C  CG2 . VAL A 1 81  ? 11.902  -12.746 8.001   1.00 34.27 ? 81  VAL A CG2 1 
ATOM   574  N  N   . GLU A 1 82  ? 12.585  -15.859 4.683   1.00 30.46 ? 82  GLU A N   1 
ATOM   575  C  CA  . GLU A 1 82  ? 12.497  -16.422 3.347   1.00 30.77 ? 82  GLU A CA  1 
ATOM   576  C  C   . GLU A 1 82  ? 11.073  -16.532 2.830   1.00 28.77 ? 82  GLU A C   1 
ATOM   577  O  O   . GLU A 1 82  ? 10.133  -16.783 3.590   1.00 28.17 ? 82  GLU A O   1 
ATOM   578  C  CB  . GLU A 1 82  ? 13.153  -17.802 3.299   1.00 34.35 ? 82  GLU A CB  1 
ATOM   579  C  CG  . GLU A 1 82  ? 14.671  -17.770 3.379   1.00 39.17 ? 82  GLU A CG  1 
ATOM   580  C  CD  . GLU A 1 82  ? 15.302  -19.096 3.001   1.00 41.95 ? 82  GLU A CD  1 
ATOM   581  O  OE1 . GLU A 1 82  ? 16.545  -19.201 3.045   1.00 43.86 ? 82  GLU A OE1 1 
ATOM   582  O  OE2 . GLU A 1 82  ? 14.555  -20.037 2.654   1.00 44.71 ? 82  GLU A OE2 1 
ATOM   583  N  N   . GLY A 1 83  ? 10.928  -16.330 1.526   1.00 26.38 ? 83  GLY A N   1 
ATOM   584  C  CA  . GLY A 1 83  ? 9.625   -16.424 0.905   1.00 25.53 ? 83  GLY A CA  1 
ATOM   585  C  C   . GLY A 1 83  ? 9.275   -17.880 0.666   1.00 24.30 ? 83  GLY A C   1 
ATOM   586  O  O   . GLY A 1 83  ? 10.099  -18.771 0.884   1.00 24.14 ? 83  GLY A O   1 
ATOM   587  N  N   . SER A 1 84  ? 8.047   -18.125 0.232   1.00 20.26 ? 84  SER A N   1 
ATOM   588  C  CA  . SER A 1 84  ? 7.594   -19.481 -0.034  1.00 19.99 ? 84  SER A CA  1 
ATOM   589  C  C   . SER A 1 84  ? 6.296   -19.405 -0.799  1.00 18.22 ? 84  SER A C   1 
ATOM   590  O  O   . SER A 1 84  ? 5.456   -18.562 -0.512  1.00 17.05 ? 84  SER A O   1 
ATOM   591  C  CB  . SER A 1 84  ? 7.381   -20.246 1.277   1.00 21.51 ? 84  SER A CB  1 
ATOM   592  O  OG  . SER A 1 84  ? 6.902   -21.553 1.019   1.00 22.51 ? 84  SER A OG  1 
ATOM   593  N  N   . GLY A 1 85  ? 6.138   -20.288 -1.777  1.00 18.07 ? 85  GLY A N   1 
ATOM   594  C  CA  . GLY A 1 85  ? 4.926   -20.286 -2.571  1.00 18.14 ? 85  GLY A CA  1 
ATOM   595  C  C   . GLY A 1 85  ? 4.749   -18.977 -3.321  1.00 17.64 ? 85  GLY A C   1 
ATOM   596  O  O   . GLY A 1 85  ? 5.625   -18.556 -4.081  1.00 18.86 ? 85  GLY A O   1 
ATOM   597  N  N   . ARG A 1 86  ? 3.611   -18.328 -3.109  1.00 15.29 ? 86  ARG A N   1 
ATOM   598  C  CA  . ARG A 1 86  ? 3.308   -17.065 -3.768  1.00 16.56 ? 86  ARG A CA  1 
ATOM   599  C  C   . ARG A 1 86  ? 3.969   -15.864 -3.088  1.00 15.64 ? 86  ARG A C   1 
ATOM   600  O  O   . ARG A 1 86  ? 4.045   -14.788 -3.666  1.00 15.68 ? 86  ARG A O   1 
ATOM   601  C  CB  . ARG A 1 86  ? 1.787   -16.884 -3.806  1.00 20.10 ? 86  ARG A CB  1 
ATOM   602  C  CG  . ARG A 1 86  ? 1.272   -15.787 -4.717  1.00 25.23 ? 86  ARG A CG  1 
ATOM   603  C  CD  . ARG A 1 86  ? -0.251  -15.727 -4.626  1.00 29.41 ? 86  ARG A CD  1 
ATOM   604  N  NE  . ARG A 1 86  ? -0.862  -14.913 -5.674  1.00 30.95 ? 86  ARG A NE  1 
ATOM   605  C  CZ  . ARG A 1 86  ? -2.169  -14.683 -5.765  1.00 31.72 ? 86  ARG A CZ  1 
ATOM   606  N  NH1 . ARG A 1 86  ? -2.996  -15.203 -4.866  1.00 31.35 ? 86  ARG A NH1 1 
ATOM   607  N  NH2 . ARG A 1 86  ? -2.652  -13.947 -6.757  1.00 31.54 ? 86  ARG A NH2 1 
ATOM   608  N  N   . VAL A 1 87  ? 4.451   -16.059 -1.867  1.00 14.63 ? 87  VAL A N   1 
ATOM   609  C  CA  . VAL A 1 87  ? 5.088   -14.995 -1.100  1.00 13.88 ? 87  VAL A CA  1 
ATOM   610  C  C   . VAL A 1 87  ? 6.568   -14.856 -1.449  1.00 13.71 ? 87  VAL A C   1 
ATOM   611  O  O   . VAL A 1 87  ? 7.327   -15.815 -1.370  1.00 15.07 ? 87  VAL A O   1 
ATOM   612  C  CB  . VAL A 1 87  ? 4.949   -15.250 0.416   1.00 11.57 ? 87  VAL A CB  1 
ATOM   613  C  CG1 . VAL A 1 87  ? 5.564   -14.104 1.193   1.00 12.95 ? 87  VAL A CG1 1 
ATOM   614  C  CG2 . VAL A 1 87  ? 3.485   -15.385 0.783   1.00 12.77 ? 87  VAL A CG2 1 
ATOM   615  N  N   . VAL A 1 88  ? 6.972   -13.650 -1.827  1.00 13.35 ? 88  VAL A N   1 
ATOM   616  C  CA  . VAL A 1 88  ? 8.354   -13.392 -2.200  1.00 14.35 ? 88  VAL A CA  1 
ATOM   617  C  C   . VAL A 1 88  ? 8.988   -12.284 -1.368  1.00 16.69 ? 88  VAL A C   1 
ATOM   618  O  O   . VAL A 1 88  ? 8.292   -11.475 -0.760  1.00 17.09 ? 88  VAL A O   1 
ATOM   619  C  CB  . VAL A 1 88  ? 8.462   -12.982 -3.691  1.00 15.28 ? 88  VAL A CB  1 
ATOM   620  C  CG1 . VAL A 1 88  ? 7.842   -14.063 -4.578  1.00 14.60 ? 88  VAL A CG1 1 
ATOM   621  C  CG2 . VAL A 1 88  ? 7.774   -11.650 -3.923  1.00 15.89 ? 88  VAL A CG2 1 
ATOM   622  N  N   . THR A 1 89  ? 10.317  -12.275 -1.334  1.00 14.91 ? 89  THR A N   1 
ATOM   623  C  CA  . THR A 1 89  ? 11.043  -11.235 -0.616  1.00 16.72 ? 89  THR A CA  1 
ATOM   624  C  C   . THR A 1 89  ? 11.169  -10.054 -1.572  1.00 17.29 ? 89  THR A C   1 
ATOM   625  O  O   . THR A 1 89  ? 11.271  -10.244 -2.785  1.00 16.44 ? 89  THR A O   1 
ATOM   626  C  CB  . THR A 1 89  ? 12.467  -11.682 -0.206  1.00 16.39 ? 89  THR A CB  1 
ATOM   627  O  OG1 . THR A 1 89  ? 13.167  -12.168 -1.361  1.00 17.86 ? 89  THR A OG1 1 
ATOM   628  C  CG2 . THR A 1 89  ? 12.406  -12.761 0.855   1.00 17.33 ? 89  THR A CG2 1 
ATOM   629  N  N   . GLY A 1 90  ? 11.169  -8.843  -1.037  1.00 14.89 ? 90  GLY A N   1 
ATOM   630  C  CA  . GLY A 1 90  ? 11.268  -7.670  -1.881  1.00 16.64 ? 90  GLY A CA  1 
ATOM   631  C  C   . GLY A 1 90  ? 11.472  -6.446  -1.019  1.00 16.16 ? 90  GLY A C   1 
ATOM   632  O  O   . GLY A 1 90  ? 11.918  -6.564  0.123   1.00 15.39 ? 90  GLY A O   1 
ATOM   633  N  N   . LEU A 1 91  ? 11.140  -5.277  -1.557  1.00 15.42 ? 91  LEU A N   1 
ATOM   634  C  CA  . LEU A 1 91  ? 11.313  -4.027  -0.826  1.00 16.47 ? 91  LEU A CA  1 
ATOM   635  C  C   . LEU A 1 91  ? 10.066  -3.168  -0.834  1.00 14.74 ? 91  LEU A C   1 
ATOM   636  O  O   . LEU A 1 91  ? 9.234   -3.270  -1.726  1.00 13.88 ? 91  LEU A O   1 
ATOM   637  C  CB  . LEU A 1 91  ? 12.449  -3.214  -1.440  1.00 17.71 ? 91  LEU A CB  1 
ATOM   638  C  CG  . LEU A 1 91  ? 13.813  -3.901  -1.495  1.00 20.60 ? 91  LEU A CG  1 
ATOM   639  C  CD1 . LEU A 1 91  ? 14.770  -3.075  -2.333  1.00 19.98 ? 91  LEU A CD1 1 
ATOM   640  C  CD2 . LEU A 1 91  ? 14.336  -4.114  -0.086  1.00 20.51 ? 91  LEU A CD2 1 
ATOM   641  N  N   . THR A 1 92  ? 9.950   -2.300  0.162   1.00 15.20 ? 92  THR A N   1 
ATOM   642  C  CA  . THR A 1 92  ? 8.804   -1.413  0.214   1.00 15.83 ? 92  THR A CA  1 
ATOM   643  C  C   . THR A 1 92  ? 9.175   -0.365  -0.823  1.00 17.05 ? 92  THR A C   1 
ATOM   644  O  O   . THR A 1 92  ? 10.320  -0.301  -1.245  1.00 15.22 ? 92  THR A O   1 
ATOM   645  C  CB  . THR A 1 92  ? 8.619   -0.784  1.615   1.00 16.50 ? 92  THR A CB  1 
ATOM   646  O  OG1 . THR A 1 92  ? 9.818   -0.119  2.019   1.00 12.94 ? 92  THR A OG1 1 
ATOM   647  C  CG2 . THR A 1 92  ? 8.259   -1.846  2.620   1.00 17.60 ? 92  THR A CG2 1 
ATOM   648  N  N   . PRO A 1 93  ? 8.230   0.474   -1.251  1.00 18.42 ? 93  PRO A N   1 
ATOM   649  C  CA  . PRO A 1 93  ? 8.600   1.467   -2.261  1.00 18.77 ? 93  PRO A CA  1 
ATOM   650  C  C   . PRO A 1 93  ? 9.720   2.450   -1.952  1.00 19.32 ? 93  PRO A C   1 
ATOM   651  O  O   . PRO A 1 93  ? 9.985   2.797   -0.802  1.00 17.98 ? 93  PRO A O   1 
ATOM   652  C  CB  . PRO A 1 93  ? 7.271   2.154   -2.578  1.00 19.22 ? 93  PRO A CB  1 
ATOM   653  C  CG  . PRO A 1 93  ? 6.476   1.962   -1.342  1.00 19.97 ? 93  PRO A CG  1 
ATOM   654  C  CD  . PRO A 1 93  ? 6.805   0.572   -0.900  1.00 19.54 ? 93  PRO A CD  1 
ATOM   655  N  N   . SER A 1 94  ? 10.381  2.884   -3.018  1.00 19.18 ? 94  SER A N   1 
ATOM   656  C  CA  . SER A 1 94  ? 11.473  3.838   -2.921  1.00 20.82 ? 94  SER A CA  1 
ATOM   657  C  C   . SER A 1 94  ? 11.185  4.939   -3.925  1.00 19.87 ? 94  SER A C   1 
ATOM   658  O  O   . SER A 1 94  ? 10.431  4.744   -4.873  1.00 21.41 ? 94  SER A O   1 
ATOM   659  C  CB  . SER A 1 94  ? 12.811  3.166   -3.245  1.00 23.68 ? 94  SER A CB  1 
ATOM   660  O  OG  . SER A 1 94  ? 12.775  2.567   -4.523  1.00 24.18 ? 94  SER A OG  1 
ATOM   661  N  N   . GLY A 1 95  ? 11.771  6.106   -3.710  1.00 19.68 ? 95  GLY A N   1 
ATOM   662  C  CA  . GLY A 1 95  ? 11.541  7.210   -4.622  1.00 20.31 ? 95  GLY A CA  1 
ATOM   663  C  C   . GLY A 1 95  ? 10.650  8.294   -4.060  1.00 19.99 ? 95  GLY A C   1 
ATOM   664  O  O   . GLY A 1 95  ? 10.297  8.265   -2.886  1.00 20.88 ? 95  GLY A O   1 
ATOM   665  N  N   . LYS A 1 96  ? 10.295  9.254   -4.905  1.00 19.54 ? 96  LYS A N   1 
ATOM   666  C  CA  . LYS A 1 96  ? 9.462   10.381  -4.509  1.00 19.52 ? 96  LYS A CA  1 
ATOM   667  C  C   . LYS A 1 96  ? 7.992   10.078  -4.637  1.00 18.55 ? 96  LYS A C   1 
ATOM   668  O  O   . LYS A 1 96  ? 7.596   9.362   -5.538  1.00 18.66 ? 96  LYS A O   1 
ATOM   669  C  CB  . LYS A 1 96  ? 9.783   11.604  -5.374  1.00 20.89 ? 96  LYS A CB  1 
ATOM   670  C  CG  . LYS A 1 96  ? 11.143  12.232  -5.101  1.00 25.33 ? 96  LYS A CG  1 
ATOM   671  C  CD  . LYS A 1 96  ? 11.426  13.366  -6.073  1.00 29.89 ? 96  LYS A CD  1 
ATOM   672  C  CE  . LYS A 1 96  ? 12.763  14.037  -5.785  1.00 30.69 ? 96  LYS A CE  1 
ATOM   673  N  NZ  . LYS A 1 96  ? 13.025  15.158  -6.739  1.00 35.29 ? 96  LYS A NZ  1 
ATOM   674  N  N   . ALA A 1 97  ? 7.187   10.671  -3.759  1.00 18.76 ? 97  ALA A N   1 
ATOM   675  C  CA  . ALA A 1 97  ? 5.744   10.482  -3.753  1.00 19.16 ? 97  ALA A CA  1 
ATOM   676  C  C   . ALA A 1 97  ? 5.044   11.646  -3.063  1.00 17.52 ? 97  ALA A C   1 
ATOM   677  O  O   . ALA A 1 97  ? 5.617   12.299  -2.194  1.00 18.14 ? 97  ALA A O   1 
ATOM   678  C  CB  . ALA A 1 97  ? 5.386   9.190   -3.034  1.00 20.25 ? 97  ALA A CB  1 
ATOM   679  N  N   . ALA A 1 98  ? 3.802   11.883  -3.462  1.00 14.34 ? 98  ALA A N   1 
ATOM   680  C  CA  . ALA A 1 98  ? 2.978   12.914  -2.854  1.00 14.46 ? 98  ALA A CA  1 
ATOM   681  C  C   . ALA A 1 98  ? 2.164   12.099  -1.852  1.00 14.74 ? 98  ALA A C   1 
ATOM   682  O  O   . ALA A 1 98  ? 1.461   11.156  -2.221  1.00 13.74 ? 98  ALA A O   1 
ATOM   683  C  CB  . ALA A 1 98  ? 2.070   13.572  -3.907  1.00 13.07 ? 98  ALA A CB  1 
ATOM   684  N  N   . SER A 1 99  ? 2.273   12.446  -0.578  1.00 13.21 ? 99  SER A N   1 
ATOM   685  C  CA  . SER A 1 99  ? 1.572   11.671  0.432   1.00 14.83 ? 99  SER A CA  1 
ATOM   686  C  C   . SER A 1 99  ? 0.670   12.447  1.371   1.00 16.00 ? 99  SER A C   1 
ATOM   687  O  O   . SER A 1 99  ? 0.928   13.602  1.683   1.00 14.63 ? 99  SER A O   1 
ATOM   688  C  CB  . SER A 1 99  ? 2.597   10.884  1.254   1.00 18.05 ? 99  SER A CB  1 
ATOM   689  O  OG  . SER A 1 99  ? 1.966   9.948   2.108   1.00 19.54 ? 99  SER A OG  1 
ATOM   690  N  N   . SER A 1 100 ? -0.398  11.795  1.815   1.00 13.58 ? 100 SER A N   1 
ATOM   691  C  CA  . SER A 1 100 ? -1.328  12.408  2.743   1.00 14.93 ? 100 SER A CA  1 
ATOM   692  C  C   . SER A 1 100 ? -1.871  11.340  3.670   1.00 15.86 ? 100 SER A C   1 
ATOM   693  O  O   . SER A 1 100 ? -1.915  10.160  3.314   1.00 14.75 ? 100 SER A O   1 
ATOM   694  C  CB  . SER A 1 100 ? -2.477  13.059  1.980   1.00 13.70 ? 100 SER A CB  1 
ATOM   695  O  OG  . SER A 1 100 ? -3.337  13.747  2.861   1.00 17.19 ? 100 SER A OG  1 
ATOM   696  N  N   . LEU A 1 101 ? -2.264  11.742  4.868   1.00 14.60 ? 101 LEU A N   1 
ATOM   697  C  CA  . LEU A 1 101 ? -2.817  10.786  5.811   1.00 16.39 ? 101 LEU A CA  1 
ATOM   698  C  C   . LEU A 1 101 ? -4.321  10.960  5.810   1.00 16.15 ? 101 LEU A C   1 
ATOM   699  O  O   . LEU A 1 101 ? -4.832  12.018  6.178   1.00 16.10 ? 101 LEU A O   1 
ATOM   700  C  CB  . LEU A 1 101 ? -2.261  11.026  7.212   1.00 16.75 ? 101 LEU A CB  1 
ATOM   701  C  CG  . LEU A 1 101 ? -2.583  9.918   8.216   1.00 20.17 ? 101 LEU A CG  1 
ATOM   702  C  CD1 . LEU A 1 101 ? -1.553  9.947   9.295   1.00 23.89 ? 101 LEU A CD1 1 
ATOM   703  C  CD2 . LEU A 1 101 ? -3.976  10.070  8.783   1.00 17.38 ? 101 LEU A CD2 1 
ATOM   704  N  N   . TYR A 1 102 ? -5.021  9.911   5.390   1.00 15.32 ? 102 TYR A N   1 
ATOM   705  C  CA  . TYR A 1 102 ? -6.471  9.919   5.326   1.00 15.36 ? 102 TYR A CA  1 
ATOM   706  C  C   . TYR A 1 102 ? -7.076  9.202   6.530   1.00 15.86 ? 102 TYR A C   1 
ATOM   707  O  O   . TYR A 1 102 ? -6.641  8.110   6.899   1.00 15.19 ? 102 TYR A O   1 
ATOM   708  C  CB  . TYR A 1 102 ? -6.932  9.216   4.048   1.00 15.01 ? 102 TYR A CB  1 
ATOM   709  C  CG  . TYR A 1 102 ? -8.415  8.936   4.013   1.00 16.83 ? 102 TYR A CG  1 
ATOM   710  C  CD1 . TYR A 1 102 ? -9.340  9.959   3.817   1.00 18.07 ? 102 TYR A CD1 1 
ATOM   711  C  CD2 . TYR A 1 102 ? -8.900  7.642   4.205   1.00 17.15 ? 102 TYR A CD2 1 
ATOM   712  C  CE1 . TYR A 1 102 ? -10.706 9.701   3.810   1.00 18.58 ? 102 TYR A CE1 1 
ATOM   713  C  CE2 . TYR A 1 102 ? -10.266 7.379   4.204   1.00 19.00 ? 102 TYR A CE2 1 
ATOM   714  C  CZ  . TYR A 1 102 ? -11.162 8.412   4.007   1.00 18.26 ? 102 TYR A CZ  1 
ATOM   715  O  OH  . TYR A 1 102 ? -12.518 8.164   4.022   1.00 20.79 ? 102 TYR A OH  1 
ATOM   716  N  N   . ILE A 1 103 ? -8.084  9.817   7.139   1.00 17.36 ? 103 ILE A N   1 
ATOM   717  C  CA  . ILE A 1 103 ? -8.747  9.178   8.277   1.00 18.53 ? 103 ILE A CA  1 
ATOM   718  C  C   . ILE A 1 103 ? -10.234 9.046   7.985   1.00 19.83 ? 103 ILE A C   1 
ATOM   719  O  O   . ILE A 1 103 ? -10.875 10.017  7.601   1.00 20.83 ? 103 ILE A O   1 
ATOM   720  C  CB  . ILE A 1 103 ? -8.546  9.978   9.586   1.00 20.03 ? 103 ILE A CB  1 
ATOM   721  C  CG1 . ILE A 1 103 ? -7.072  9.933   9.999   1.00 22.22 ? 103 ILE A CG1 1 
ATOM   722  C  CG2 . ILE A 1 103 ? -9.423  9.399   10.692  1.00 22.19 ? 103 ILE A CG2 1 
ATOM   723  C  CD1 . ILE A 1 103 ? -6.791  10.524  11.371  1.00 24.33 ? 103 ILE A CD1 1 
ATOM   724  N  N   . GLY A 1 104 ? -10.764 7.837   8.149   1.00 20.55 ? 104 GLY A N   1 
ATOM   725  C  CA  . GLY A 1 104 ? -12.175 7.608   7.895   1.00 22.07 ? 104 GLY A CA  1 
ATOM   726  C  C   . GLY A 1 104 ? -12.427 6.305   7.172   1.00 23.03 ? 104 GLY A C   1 
ATOM   727  O  O   . GLY A 1 104 ? -11.485 5.580   6.866   1.00 21.11 ? 104 GLY A O   1 
ATOM   728  N  N   . PRO A 1 105 ? -13.693 5.980   6.866   1.00 23.58 ? 105 PRO A N   1 
ATOM   729  C  CA  . PRO A 1 105 ? -13.983 4.727   6.171   1.00 23.54 ? 105 PRO A CA  1 
ATOM   730  C  C   . PRO A 1 105 ? -13.241 4.676   4.847   1.00 23.45 ? 105 PRO A C   1 
ATOM   731  O  O   . PRO A 1 105 ? -13.203 5.658   4.111   1.00 23.49 ? 105 PRO A O   1 
ATOM   732  C  CB  . PRO A 1 105 ? -15.501 4.766   6.005   1.00 25.52 ? 105 PRO A CB  1 
ATOM   733  C  CG  . PRO A 1 105 ? -15.783 6.218   5.906   1.00 24.26 ? 105 PRO A CG  1 
ATOM   734  C  CD  . PRO A 1 105 ? -14.906 6.804   6.983   1.00 25.19 ? 105 PRO A CD  1 
ATOM   735  N  N   . TYR A 1 106 ? -12.655 3.524   4.560   1.00 23.37 ? 106 TYR A N   1 
ATOM   736  C  CA  . TYR A 1 106 ? -11.885 3.326   3.341   1.00 25.52 ? 106 TYR A CA  1 
ATOM   737  C  C   . TYR A 1 106 ? -12.645 3.651   2.055   1.00 24.62 ? 106 TYR A C   1 
ATOM   738  O  O   . TYR A 1 106 ? -12.068 4.167   1.098   1.00 25.59 ? 106 TYR A O   1 
ATOM   739  C  CB  . TYR A 1 106 ? -11.385 1.885   3.281   1.00 27.94 ? 106 TYR A CB  1 
ATOM   740  C  CG  . TYR A 1 106 ? -10.466 1.627   2.121   1.00 30.98 ? 106 TYR A CG  1 
ATOM   741  C  CD1 . TYR A 1 106 ? -9.168  2.131   2.113   1.00 32.15 ? 106 TYR A CD1 1 
ATOM   742  C  CD2 . TYR A 1 106 ? -10.902 0.910   1.009   1.00 31.19 ? 106 TYR A CD2 1 
ATOM   743  C  CE1 . TYR A 1 106 ? -8.332  1.930   1.026   1.00 32.09 ? 106 TYR A CE1 1 
ATOM   744  C  CE2 . TYR A 1 106 ? -10.074 0.708   -0.083  1.00 33.60 ? 106 TYR A CE2 1 
ATOM   745  C  CZ  . TYR A 1 106 ? -8.791  1.219   -0.068  1.00 32.32 ? 106 TYR A CZ  1 
ATOM   746  O  OH  . TYR A 1 106 ? -7.975  1.031   -1.152  1.00 31.88 ? 106 TYR A OH  1 
ATOM   747  N  N   . GLY A 1 107 ? -13.939 3.348   2.036   1.00 22.84 ? 107 GLY A N   1 
ATOM   748  C  CA  . GLY A 1 107 ? -14.746 3.603   0.856   1.00 21.55 ? 107 GLY A CA  1 
ATOM   749  C  C   . GLY A 1 107 ? -14.782 5.039   0.346   1.00 20.24 ? 107 GLY A C   1 
ATOM   750  O  O   . GLY A 1 107 ? -14.994 5.263   -0.844  1.00 18.77 ? 107 GLY A O   1 
ATOM   751  N  N   . GLU A 1 108 ? -14.580 6.000   1.248   1.00 20.36 ? 108 GLU A N   1 
ATOM   752  C  CA  . GLU A 1 108 ? -14.606 7.425   0.905   1.00 17.82 ? 108 GLU A CA  1 
ATOM   753  C  C   . GLU A 1 108 ? -13.237 8.017   0.636   1.00 18.18 ? 108 GLU A C   1 
ATOM   754  O  O   . GLU A 1 108 ? -13.092 9.231   0.527   1.00 16.18 ? 108 GLU A O   1 
ATOM   755  C  CB  . GLU A 1 108 ? -15.279 8.218   2.028   1.00 18.80 ? 108 GLU A CB  1 
ATOM   756  C  CG  . GLU A 1 108 ? -16.728 7.819   2.272   1.00 19.98 ? 108 GLU A CG  1 
ATOM   757  C  CD  . GLU A 1 108 ? -17.666 8.356   1.214   1.00 21.96 ? 108 GLU A CD  1 
ATOM   758  O  OE1 . GLU A 1 108 ? -17.826 9.588   1.142   1.00 23.17 ? 108 GLU A OE1 1 
ATOM   759  O  OE2 . GLU A 1 108 ? -18.246 7.554   0.457   1.00 19.95 ? 108 GLU A OE2 1 
ATOM   760  N  N   . ILE A 1 109 ? -12.250 7.146   0.474   1.00 17.42 ? 109 ILE A N   1 
ATOM   761  C  CA  . ILE A 1 109 ? -10.876 7.573   0.261   1.00 17.69 ? 109 ILE A CA  1 
ATOM   762  C  C   . ILE A 1 109 ? -10.593 8.372   -1.026  1.00 16.08 ? 109 ILE A C   1 
ATOM   763  O  O   . ILE A 1 109 ? -9.551  9.018   -1.139  1.00 16.17 ? 109 ILE A O   1 
ATOM   764  C  CB  . ILE A 1 109 ? -9.933  6.337   0.342   1.00 18.12 ? 109 ILE A CB  1 
ATOM   765  C  CG1 . ILE A 1 109 ? -8.526  6.774   0.760   1.00 20.03 ? 109 ILE A CG1 1 
ATOM   766  C  CG2 . ILE A 1 109 ? -9.923  5.596   -0.981  1.00 19.58 ? 109 ILE A CG2 1 
ATOM   767  C  CD1 . ILE A 1 109 ? -7.630  5.615   1.164   1.00 18.60 ? 109 ILE A CD1 1 
ATOM   768  N  N   . GLU A 1 110 ? -11.507 8.334   -1.990  1.00 16.43 ? 110 GLU A N   1 
ATOM   769  C  CA  . GLU A 1 110 ? -11.306 9.067   -3.243  1.00 16.61 ? 110 GLU A CA  1 
ATOM   770  C  C   . GLU A 1 110 ? -11.053 10.548  -2.981  1.00 15.99 ? 110 GLU A C   1 
ATOM   771  O  O   . GLU A 1 110 ? -10.407 11.215  -3.786  1.00 15.96 ? 110 GLU A O   1 
ATOM   772  C  CB  . GLU A 1 110 ? -12.529 8.907   -4.156  1.00 17.52 ? 110 GLU A CB  1 
ATOM   773  C  CG  . GLU A 1 110 ? -12.406 9.487   -5.561  1.00 20.99 ? 110 GLU A CG  1 
ATOM   774  C  CD  . GLU A 1 110 ? -12.629 10.989  -5.613  1.00 24.92 ? 110 GLU A CD  1 
ATOM   775  O  OE1 . GLU A 1 110 ? -13.478 11.498  -4.852  1.00 26.65 ? 110 GLU A OE1 1 
ATOM   776  O  OE2 . GLU A 1 110 ? -11.969 11.663  -6.430  1.00 27.20 ? 110 GLU A OE2 1 
ATOM   777  N  N   . ALA A 1 111 ? -11.568 11.051  -1.860  1.00 15.08 ? 111 ALA A N   1 
ATOM   778  C  CA  . ALA A 1 111 ? -11.397 12.456  -1.499  1.00 16.41 ? 111 ALA A CA  1 
ATOM   779  C  C   . ALA A 1 111 ? -9.925  12.848  -1.387  1.00 16.02 ? 111 ALA A C   1 
ATOM   780  O  O   . ALA A 1 111 ? -9.523  13.899  -1.900  1.00 16.67 ? 111 ALA A O   1 
ATOM   781  C  CB  . ALA A 1 111 ? -12.117 12.752  -0.187  1.00 16.67 ? 111 ALA A CB  1 
ATOM   782  N  N   . VAL A 1 112 ? -9.121  12.006  -0.738  1.00 15.91 ? 112 VAL A N   1 
ATOM   783  C  CA  . VAL A 1 112 ? -7.706  12.319  -0.577  1.00 15.86 ? 112 VAL A CA  1 
ATOM   784  C  C   . VAL A 1 112 ? -6.964  12.160  -1.894  1.00 14.82 ? 112 VAL A C   1 
ATOM   785  O  O   . VAL A 1 112 ? -5.980  12.854  -2.133  1.00 14.52 ? 112 VAL A O   1 
ATOM   786  C  CB  . VAL A 1 112 ? -7.056  11.441  0.544   1.00 13.85 ? 112 VAL A CB  1 
ATOM   787  C  CG1 . VAL A 1 112 ? -7.039  9.980   0.145   1.00 15.57 ? 112 VAL A CG1 1 
ATOM   788  C  CG2 . VAL A 1 112 ? -5.660  11.938  0.867   1.00 15.41 ? 112 VAL A CG2 1 
ATOM   789  N  N   . TYR A 1 113 ? -7.439  11.262  -2.754  1.00 14.46 ? 113 TYR A N   1 
ATOM   790  C  CA  . TYR A 1 113 ? -6.801  11.059  -4.050  1.00 15.93 ? 113 TYR A CA  1 
ATOM   791  C  C   . TYR A 1 113 ? -6.961  12.295  -4.913  1.00 16.56 ? 113 TYR A C   1 
ATOM   792  O  O   . TYR A 1 113 ? -6.027  12.706  -5.609  1.00 15.40 ? 113 TYR A O   1 
ATOM   793  C  CB  . TYR A 1 113 ? -7.387  9.839   -4.757  1.00 16.97 ? 113 TYR A CB  1 
ATOM   794  C  CG  . TYR A 1 113 ? -6.698  8.560   -4.358  1.00 19.33 ? 113 TYR A CG  1 
ATOM   795  C  CD1 . TYR A 1 113 ? -5.454  8.224   -4.892  1.00 20.54 ? 113 TYR A CD1 1 
ATOM   796  C  CD2 . TYR A 1 113 ? -7.267  7.704   -3.419  1.00 20.58 ? 113 TYR A CD2 1 
ATOM   797  C  CE1 . TYR A 1 113 ? -4.793  7.067   -4.501  1.00 21.37 ? 113 TYR A CE1 1 
ATOM   798  C  CE2 . TYR A 1 113 ? -6.615  6.543   -3.019  1.00 22.14 ? 113 TYR A CE2 1 
ATOM   799  C  CZ  . TYR A 1 113 ? -5.380  6.234   -3.563  1.00 21.48 ? 113 TYR A CZ  1 
ATOM   800  O  OH  . TYR A 1 113 ? -4.725  5.091   -3.171  1.00 22.39 ? 113 TYR A OH  1 
ATOM   801  N  N   . ASP A 1 114 ? -8.151  12.882  -4.864  1.00 18.36 ? 114 ASP A N   1 
ATOM   802  C  CA  . ASP A 1 114 ? -8.419  14.086  -5.631  1.00 20.01 ? 114 ASP A CA  1 
ATOM   803  C  C   . ASP A 1 114 ? -7.545  15.229  -5.104  1.00 20.30 ? 114 ASP A C   1 
ATOM   804  O  O   . ASP A 1 114 ? -7.065  16.063  -5.876  1.00 19.11 ? 114 ASP A O   1 
ATOM   805  C  CB  . ASP A 1 114 ? -9.900  14.458  -5.533  1.00 22.23 ? 114 ASP A CB  1 
ATOM   806  C  CG  . ASP A 1 114 ? -10.249 15.663  -6.383  1.00 25.36 ? 114 ASP A CG  1 
ATOM   807  O  OD1 . ASP A 1 114 ? -9.896  15.666  -7.583  1.00 26.16 ? 114 ASP A OD1 1 
ATOM   808  O  OD2 . ASP A 1 114 ? -10.877 16.604  -5.859  1.00 28.58 ? 114 ASP A OD2 1 
ATOM   809  N  N   . ALA A 1 115 ? -7.346  15.270  -3.789  1.00 20.04 ? 115 ALA A N   1 
ATOM   810  C  CA  . ALA A 1 115 ? -6.515  16.316  -3.197  1.00 19.85 ? 115 ALA A CA  1 
ATOM   811  C  C   . ALA A 1 115 ? -5.059  16.113  -3.620  1.00 19.42 ? 115 ALA A C   1 
ATOM   812  O  O   . ALA A 1 115 ? -4.359  17.066  -3.984  1.00 18.90 ? 115 ALA A O   1 
ATOM   813  C  CB  . ALA A 1 115 ? -6.637  16.288  -1.673  1.00 19.42 ? 115 ALA A CB  1 
ATOM   814  N  N   . LEU A 1 116 ? -4.612  14.862  -3.577  1.00 18.46 ? 116 LEU A N   1 
ATOM   815  C  CA  . LEU A 1 116 ? -3.246  14.538  -3.962  1.00 19.00 ? 116 LEU A CA  1 
ATOM   816  C  C   . LEU A 1 116 ? -2.959  14.858  -5.416  1.00 19.94 ? 116 LEU A C   1 
ATOM   817  O  O   . LEU A 1 116 ? -1.896  15.376  -5.741  1.00 17.70 ? 116 LEU A O   1 
ATOM   818  C  CB  . LEU A 1 116 ? -2.957  13.064  -3.693  1.00 16.70 ? 116 LEU A CB  1 
ATOM   819  C  CG  . LEU A 1 116 ? -2.744  12.761  -2.212  1.00 18.97 ? 116 LEU A CG  1 
ATOM   820  C  CD1 . LEU A 1 116 ? -2.728  11.272  -1.972  1.00 16.93 ? 116 LEU A CD1 1 
ATOM   821  C  CD2 . LEU A 1 116 ? -1.443  13.422  -1.761  1.00 17.98 ? 116 LEU A CD2 1 
HETATM 822  N  N   . MSE A 1 117 ? -3.902  14.550  -6.296  1.00 21.76 ? 117 MSE A N   1 
HETATM 823  C  CA  . MSE A 1 117 ? -3.694  14.825  -7.705  1.00 26.22 ? 117 MSE A CA  1 
HETATM 824  C  C   . MSE A 1 117 ? -3.635  16.325  -7.958  1.00 25.31 ? 117 MSE A C   1 
HETATM 825  O  O   . MSE A 1 117 ? -2.882  16.783  -8.805  1.00 26.48 ? 117 MSE A O   1 
HETATM 826  C  CB  . MSE A 1 117 ? -4.793  14.166  -8.532  1.00 30.48 ? 117 MSE A CB  1 
HETATM 827  C  CG  . MSE A 1 117 ? -4.667  12.653  -8.541  1.00 36.40 ? 117 MSE A CG  1 
HETATM 828  SE SE  . MSE A 1 117 ? -5.992  11.784  -9.623  1.00 48.31 ? 117 MSE A SE  1 
HETATM 829  C  CE  . MSE A 1 117 ? -7.303  11.418  -8.266  1.00 43.87 ? 117 MSE A CE  1 
ATOM   830  N  N   . LYS A 1 118 ? -4.426  17.085  -7.211  1.00 24.93 ? 118 LYS A N   1 
ATOM   831  C  CA  . LYS A 1 118 ? -4.431  18.537  -7.340  1.00 26.06 ? 118 LYS A CA  1 
ATOM   832  C  C   . LYS A 1 118 ? -3.064  19.064  -6.897  1.00 24.28 ? 118 LYS A C   1 
ATOM   833  O  O   . LYS A 1 118 ? -2.476  19.936  -7.547  1.00 24.63 ? 118 LYS A O   1 
ATOM   834  C  CB  . LYS A 1 118 ? -5.539  19.129  -6.463  1.00 29.07 ? 118 LYS A CB  1 
ATOM   835  C  CG  . LYS A 1 118 ? -5.524  20.646  -6.344  1.00 34.51 ? 118 LYS A CG  1 
ATOM   836  C  CD  . LYS A 1 118 ? -6.768  21.157  -5.619  1.00 38.33 ? 118 LYS A CD  1 
ATOM   837  C  CE  . LYS A 1 118 ? -7.002  20.423  -4.297  1.00 40.29 ? 118 LYS A CE  1 
ATOM   838  N  NZ  . LYS A 1 118 ? -5.832  20.520  -3.373  1.00 42.88 ? 118 LYS A NZ  1 
ATOM   839  N  N   . TRP A 1 119 ? -2.560  18.505  -5.799  1.00 22.10 ? 119 TRP A N   1 
ATOM   840  C  CA  . TRP A 1 119 ? -1.262  18.896  -5.247  1.00 21.88 ? 119 TRP A CA  1 
ATOM   841  C  C   . TRP A 1 119 ? -0.135  18.618  -6.246  1.00 20.89 ? 119 TRP A C   1 
ATOM   842  O  O   . TRP A 1 119 ? 0.777   19.430  -6.424  1.00 21.14 ? 119 TRP A O   1 
ATOM   843  C  CB  . TRP A 1 119 ? -0.988  18.124  -3.954  1.00 22.16 ? 119 TRP A CB  1 
ATOM   844  C  CG  . TRP A 1 119 ? 0.307   18.513  -3.286  1.00 23.81 ? 119 TRP A CG  1 
ATOM   845  C  CD1 . TRP A 1 119 ? 0.486   19.466  -2.320  1.00 23.85 ? 119 TRP A CD1 1 
ATOM   846  C  CD2 . TRP A 1 119 ? 1.607   17.974  -3.565  1.00 24.82 ? 119 TRP A CD2 1 
ATOM   847  N  NE1 . TRP A 1 119 ? 1.818   19.558  -1.990  1.00 24.61 ? 119 TRP A NE1 1 
ATOM   848  C  CE2 . TRP A 1 119 ? 2.527   18.664  -2.745  1.00 25.92 ? 119 TRP A CE2 1 
ATOM   849  C  CE3 . TRP A 1 119 ? 2.086   16.999  -4.447  1.00 24.65 ? 119 TRP A CE3 1 
ATOM   850  C  CZ2 . TRP A 1 119 ? 3.900   18.380  -2.757  1.00 25.86 ? 119 TRP A CZ2 1 
ATOM   851  C  CZ3 . TRP A 1 119 ? 3.452   16.720  -4.459  1.00 27.23 ? 119 TRP A CZ3 1 
ATOM   852  C  CH2 . TRP A 1 119 ? 4.344   17.419  -3.628  1.00 25.97 ? 119 TRP A CH2 1 
ATOM   853  N  N   . VAL A 1 120 ? -0.201  17.454  -6.881  1.00 19.34 ? 120 VAL A N   1 
ATOM   854  C  CA  . VAL A 1 120 ? 0.805   17.063  -7.854  1.00 20.90 ? 120 VAL A CA  1 
ATOM   855  C  C   . VAL A 1 120 ? 0.874   18.039  -9.027  1.00 22.29 ? 120 VAL A C   1 
ATOM   856  O  O   . VAL A 1 120 ? 1.954   18.434  -9.448  1.00 21.73 ? 120 VAL A O   1 
ATOM   857  C  CB  . VAL A 1 120 ? 0.539   15.637  -8.384  1.00 20.56 ? 120 VAL A CB  1 
ATOM   858  C  CG1 . VAL A 1 120 ? 1.470   15.336  -9.536  1.00 23.04 ? 120 VAL A CG1 1 
ATOM   859  C  CG2 . VAL A 1 120 ? 0.742   14.622  -7.269  1.00 19.32 ? 120 VAL A CG2 1 
ATOM   860  N  N   . ASP A 1 121 ? -0.282  18.421  -9.552  1.00 24.41 ? 121 ASP A N   1 
ATOM   861  C  CA  . ASP A 1 121 ? -0.319  19.359  -10.668 1.00 27.59 ? 121 ASP A CA  1 
ATOM   862  C  C   . ASP A 1 121 ? 0.301   20.697  -10.260 1.00 28.54 ? 121 ASP A C   1 
ATOM   863  O  O   . ASP A 1 121 ? 1.112   21.270  -10.986 1.00 28.11 ? 121 ASP A O   1 
ATOM   864  C  CB  . ASP A 1 121 ? -1.769  19.593  -11.114 1.00 29.57 ? 121 ASP A CB  1 
ATOM   865  C  CG  . ASP A 1 121 ? -2.461  18.317  -11.564 1.00 33.24 ? 121 ASP A CG  1 
ATOM   866  O  OD1 . ASP A 1 121 ? -1.880  17.580  -12.388 1.00 34.61 ? 121 ASP A OD1 1 
ATOM   867  O  OD2 . ASP A 1 121 ? -3.593  18.056  -11.101 1.00 34.77 ? 121 ASP A OD2 1 
ATOM   868  N  N   . ASP A 1 122 ? -0.083  21.186  -9.084  1.00 29.49 ? 122 ASP A N   1 
ATOM   869  C  CA  . ASP A 1 122 ? 0.411   22.465  -8.591  1.00 31.29 ? 122 ASP A CA  1 
ATOM   870  C  C   . ASP A 1 122 ? 1.880   22.480  -8.188  1.00 30.78 ? 122 ASP A C   1 
ATOM   871  O  O   . ASP A 1 122 ? 2.456   23.554  -8.002  1.00 31.30 ? 122 ASP A O   1 
ATOM   872  C  CB  . ASP A 1 122 ? -0.437  22.932  -7.403  1.00 34.79 ? 122 ASP A CB  1 
ATOM   873  C  CG  . ASP A 1 122 ? -1.891  23.165  -7.774  1.00 38.44 ? 122 ASP A CG  1 
ATOM   874  O  OD1 . ASP A 1 122 ? -2.149  23.935  -8.726  1.00 40.97 ? 122 ASP A OD1 1 
ATOM   875  O  OD2 . ASP A 1 122 ? -2.778  22.586  -7.109  1.00 40.55 ? 122 ASP A OD2 1 
ATOM   876  N  N   . ASN A 1 123 ? 2.491   21.303  -8.046  1.00 29.43 ? 123 ASN A N   1 
ATOM   877  C  CA  . ASN A 1 123 ? 3.896   21.229  -7.653  1.00 29.02 ? 123 ASN A CA  1 
ATOM   878  C  C   . ASN A 1 123 ? 4.849   20.761  -8.748  1.00 28.38 ? 123 ASN A C   1 
ATOM   879  O  O   . ASN A 1 123 ? 5.974   20.352  -8.470  1.00 28.94 ? 123 ASN A O   1 
ATOM   880  C  CB  . ASN A 1 123 ? 4.070   20.346  -6.414  1.00 28.92 ? 123 ASN A CB  1 
ATOM   881  C  CG  . ASN A 1 123 ? 3.611   21.032  -5.145  1.00 30.89 ? 123 ASN A CG  1 
ATOM   882  O  OD1 . ASN A 1 123 ? 2.420   21.281  -4.950  1.00 31.20 ? 123 ASN A OD1 1 
ATOM   883  N  ND2 . ASN A 1 123 ? 4.561   21.350  -4.273  1.00 32.30 ? 123 ASN A ND2 1 
ATOM   884  N  N   . GLY A 1 124 ? 4.393   20.837  -9.993  1.00 28.36 ? 124 GLY A N   1 
ATOM   885  C  CA  . GLY A 1 124 ? 5.219   20.462  -11.127 1.00 26.72 ? 124 GLY A CA  1 
ATOM   886  C  C   . GLY A 1 124 ? 5.712   19.031  -11.202 1.00 27.37 ? 124 GLY A C   1 
ATOM   887  O  O   . GLY A 1 124 ? 6.775   18.770  -11.769 1.00 26.89 ? 124 GLY A O   1 
ATOM   888  N  N   . PHE A 1 125 ? 4.951   18.100  -10.638 1.00 26.79 ? 125 PHE A N   1 
ATOM   889  C  CA  . PHE A 1 125 ? 5.335   16.697  -10.671 1.00 26.32 ? 125 PHE A CA  1 
ATOM   890  C  C   . PHE A 1 125 ? 4.447   15.908  -11.627 1.00 25.99 ? 125 PHE A C   1 
ATOM   891  O  O   . PHE A 1 125 ? 3.350   16.342  -11.983 1.00 24.63 ? 125 PHE A O   1 
ATOM   892  C  CB  . PHE A 1 125 ? 5.241   16.087  -9.270  1.00 27.05 ? 125 PHE A CB  1 
ATOM   893  C  CG  . PHE A 1 125 ? 6.434   16.360  -8.406  1.00 27.34 ? 125 PHE A CG  1 
ATOM   894  C  CD1 . PHE A 1 125 ? 7.674   15.806  -8.715  1.00 29.09 ? 125 PHE A CD1 1 
ATOM   895  C  CD2 . PHE A 1 125 ? 6.320   17.172  -7.289  1.00 28.65 ? 125 PHE A CD2 1 
ATOM   896  C  CE1 . PHE A 1 125 ? 8.787   16.063  -7.921  1.00 29.82 ? 125 PHE A CE1 1 
ATOM   897  C  CE2 . PHE A 1 125 ? 7.425   17.438  -6.483  1.00 28.27 ? 125 PHE A CE2 1 
ATOM   898  C  CZ  . PHE A 1 125 ? 8.663   16.881  -6.801  1.00 29.21 ? 125 PHE A CZ  1 
ATOM   899  N  N   . ASP A 1 126 ? 4.943   14.749  -12.045 1.00 26.06 ? 126 ASP A N   1 
ATOM   900  C  CA  . ASP A 1 126 ? 4.202   13.870  -12.940 1.00 27.42 ? 126 ASP A CA  1 
ATOM   901  C  C   . ASP A 1 126 ? 3.956   12.555  -12.203 1.00 25.61 ? 126 ASP A C   1 
ATOM   902  O  O   . ASP A 1 126 ? 4.851   12.022  -11.553 1.00 24.16 ? 126 ASP A O   1 
ATOM   903  C  CB  . ASP A 1 126 ? 5.004   13.613  -14.214 1.00 32.34 ? 126 ASP A CB  1 
ATOM   904  C  CG  . ASP A 1 126 ? 4.214   12.841  -15.248 1.00 37.09 ? 126 ASP A CG  1 
ATOM   905  O  OD1 . ASP A 1 126 ? 3.176   13.362  -15.710 1.00 40.15 ? 126 ASP A OD1 1 
ATOM   906  O  OD2 . ASP A 1 126 ? 4.627   11.714  -15.599 1.00 41.16 ? 126 ASP A OD2 1 
ATOM   907  N  N   . LEU A 1 127 ? 2.730   12.050  -12.290 1.00 25.08 ? 127 LEU A N   1 
ATOM   908  C  CA  . LEU A 1 127 ? 2.353   10.807  -11.626 1.00 25.83 ? 127 LEU A CA  1 
ATOM   909  C  C   . LEU A 1 127 ? 2.926   9.593   -12.337 1.00 25.84 ? 127 LEU A C   1 
ATOM   910  O  O   . LEU A 1 127 ? 2.922   9.527   -13.567 1.00 25.40 ? 127 LEU A O   1 
ATOM   911  C  CB  . LEU A 1 127 ? 0.829   10.678  -11.589 1.00 26.23 ? 127 LEU A CB  1 
ATOM   912  C  CG  . LEU A 1 127 ? 0.061   11.826  -10.936 1.00 27.23 ? 127 LEU A CG  1 
ATOM   913  C  CD1 . LEU A 1 127 ? -1.421  11.695  -11.207 1.00 28.80 ? 127 LEU A CD1 1 
ATOM   914  C  CD2 . LEU A 1 127 ? 0.340   11.838  -9.460  1.00 26.66 ? 127 LEU A CD2 1 
ATOM   915  N  N   . SER A 1 128 ? 3.423   8.633   -11.564 1.00 24.21 ? 128 SER A N   1 
ATOM   916  C  CA  . SER A 1 128 ? 3.968   7.416   -12.155 1.00 23.81 ? 128 SER A CA  1 
ATOM   917  C  C   . SER A 1 128 ? 2.797   6.507   -12.504 1.00 24.57 ? 128 SER A C   1 
ATOM   918  O  O   . SER A 1 128 ? 2.927   5.592   -13.314 1.00 26.24 ? 128 SER A O   1 
ATOM   919  C  CB  . SER A 1 128 ? 4.888   6.690   -11.171 1.00 24.49 ? 128 SER A CB  1 
ATOM   920  O  OG  . SER A 1 128 ? 4.133   5.948   -10.226 1.00 23.34 ? 128 SER A OG  1 
ATOM   921  N  N   . GLY A 1 129 ? 1.656   6.768   -11.872 1.00 23.29 ? 129 GLY A N   1 
ATOM   922  C  CA  . GLY A 1 129 ? 0.467   5.962   -12.101 1.00 23.38 ? 129 GLY A CA  1 
ATOM   923  C  C   . GLY A 1 129 ? 0.177   4.982   -10.971 1.00 22.33 ? 129 GLY A C   1 
ATOM   924  O  O   . GLY A 1 129 ? -0.931  4.449   -10.860 1.00 22.74 ? 129 GLY A O   1 
ATOM   925  N  N   . GLU A 1 130 ? 1.176   4.734   -10.132 1.00 19.92 ? 130 GLU A N   1 
ATOM   926  C  CA  . GLU A 1 130 ? 1.040   3.807   -9.010  1.00 18.35 ? 130 GLU A CA  1 
ATOM   927  C  C   . GLU A 1 130 ? 0.639   4.510   -7.712  1.00 18.14 ? 130 GLU A C   1 
ATOM   928  O  O   . GLU A 1 130 ? 1.126   5.603   -7.403  1.00 16.06 ? 130 GLU A O   1 
ATOM   929  C  CB  . GLU A 1 130 ? 2.361   3.057   -8.813  1.00 19.21 ? 130 GLU A CB  1 
ATOM   930  C  CG  . GLU A 1 130 ? 2.390   2.054   -7.670  1.00 17.96 ? 130 GLU A CG  1 
ATOM   931  C  CD  . GLU A 1 130 ? 3.656   1.209   -7.676  1.00 19.94 ? 130 GLU A CD  1 
ATOM   932  O  OE1 . GLU A 1 130 ? 4.751   1.779   -7.862  1.00 20.90 ? 130 GLU A OE1 1 
ATOM   933  O  OE2 . GLU A 1 130 ? 3.562   -0.023  -7.488  1.00 16.23 ? 130 GLU A OE2 1 
ATOM   934  N  N   . ALA A 1 131 ? -0.250  3.863   -6.964  1.00 15.15 ? 131 ALA A N   1 
ATOM   935  C  CA  . ALA A 1 131 ? -0.725  4.374   -5.687  1.00 14.83 ? 131 ALA A CA  1 
ATOM   936  C  C   . ALA A 1 131 ? -0.223  3.415   -4.616  1.00 14.41 ? 131 ALA A C   1 
ATOM   937  O  O   . ALA A 1 131 ? -0.200  2.198   -4.819  1.00 16.72 ? 131 ALA A O   1 
ATOM   938  C  CB  . ALA A 1 131 ? -2.252  4.441   -5.674  1.00 13.36 ? 131 ALA A CB  1 
ATOM   939  N  N   . TYR A 1 132 ? 0.170   3.972   -3.480  1.00 12.76 ? 132 TYR A N   1 
ATOM   940  C  CA  . TYR A 1 132 ? 0.708   3.189   -2.374  1.00 13.71 ? 132 TYR A CA  1 
ATOM   941  C  C   . TYR A 1 132 ? -0.076  3.533   -1.124  1.00 13.64 ? 132 TYR A C   1 
ATOM   942  O  O   . TYR A 1 132 ? -0.102  4.681   -0.707  1.00 13.80 ? 132 TYR A O   1 
ATOM   943  C  CB  . TYR A 1 132 ? 2.199   3.521   -2.237  1.00 14.91 ? 132 TYR A CB  1 
ATOM   944  C  CG  . TYR A 1 132 ? 2.914   3.070   -0.986  1.00 15.97 ? 132 TYR A CG  1 
ATOM   945  C  CD1 . TYR A 1 132 ? 2.791   1.767   -0.500  1.00 17.90 ? 132 TYR A CD1 1 
ATOM   946  C  CD2 . TYR A 1 132 ? 3.798   3.932   -0.335  1.00 18.20 ? 132 TYR A CD2 1 
ATOM   947  C  CE1 . TYR A 1 132 ? 3.538   1.334   0.589   1.00 15.61 ? 132 TYR A CE1 1 
ATOM   948  C  CE2 . TYR A 1 132 ? 4.552   3.506   0.758   1.00 16.60 ? 132 TYR A CE2 1 
ATOM   949  C  CZ  . TYR A 1 132 ? 4.413   2.205   1.211   1.00 18.41 ? 132 TYR A CZ  1 
ATOM   950  O  OH  . TYR A 1 132 ? 5.162   1.779   2.279   1.00 19.51 ? 132 TYR A OH  1 
ATOM   951  N  N   . GLU A 1 133 ? -0.747  2.541   -0.552  1.00 13.22 ? 133 GLU A N   1 
ATOM   952  C  CA  . GLU A 1 133 ? -1.532  2.775   0.646   1.00 13.85 ? 133 GLU A CA  1 
ATOM   953  C  C   . GLU A 1 133 ? -0.960  1.954   1.791   1.00 13.18 ? 133 GLU A C   1 
ATOM   954  O  O   . GLU A 1 133 ? -0.611  0.784   1.611   1.00 13.18 ? 133 GLU A O   1 
ATOM   955  C  CB  . GLU A 1 133 ? -3.009  2.398   0.407   1.00 13.99 ? 133 GLU A CB  1 
ATOM   956  C  CG  . GLU A 1 133 ? -3.643  3.069   -0.800  1.00 14.76 ? 133 GLU A CG  1 
ATOM   957  C  CD  . GLU A 1 133 ? -5.147  2.819   -0.922  1.00 15.49 ? 133 GLU A CD  1 
ATOM   958  O  OE1 . GLU A 1 133 ? -5.643  1.789   -0.415  1.00 15.87 ? 133 GLU A OE1 1 
ATOM   959  O  OE2 . GLU A 1 133 ? -5.842  3.649   -1.548  1.00 16.42 ? 133 GLU A OE2 1 
ATOM   960  N  N   . ILE A 1 134 ? -0.828  2.598   2.950   1.00 10.35 ? 134 ILE A N   1 
ATOM   961  C  CA  . ILE A 1 134 ? -0.330  1.953   4.165   1.00 11.39 ? 134 ILE A CA  1 
ATOM   962  C  C   . ILE A 1 134 ? -1.513  1.896   5.132   1.00 13.77 ? 134 ILE A C   1 
ATOM   963  O  O   . ILE A 1 134 ? -2.092  2.923   5.486   1.00 11.26 ? 134 ILE A O   1 
ATOM   964  C  CB  . ILE A 1 134 ? 0.814   2.760   4.789   1.00 12.78 ? 134 ILE A CB  1 
ATOM   965  C  CG1 . ILE A 1 134 ? 1.996   2.810   3.823   1.00 15.23 ? 134 ILE A CG1 1 
ATOM   966  C  CG2 . ILE A 1 134 ? 1.219   2.145   6.112   1.00 12.93 ? 134 ILE A CG2 1 
ATOM   967  C  CD1 . ILE A 1 134 ? 3.091   3.763   4.268   1.00 14.03 ? 134 ILE A CD1 1 
ATOM   968  N  N   . TYR A 1 135 ? -1.896  0.689   5.528   1.00 12.43 ? 135 TYR A N   1 
ATOM   969  C  CA  . TYR A 1 135 ? -3.045  0.516   6.408   1.00 13.41 ? 135 TYR A CA  1 
ATOM   970  C  C   . TYR A 1 135 ? -2.577  0.479   7.850   1.00 15.21 ? 135 TYR A C   1 
ATOM   971  O  O   . TYR A 1 135 ? -2.244  -0.576  8.393   1.00 12.11 ? 135 TYR A O   1 
ATOM   972  C  CB  . TYR A 1 135 ? -3.777  -0.766  6.024   1.00 13.63 ? 135 TYR A CB  1 
ATOM   973  C  CG  . TYR A 1 135 ? -4.141  -0.798  4.561   1.00 14.28 ? 135 TYR A CG  1 
ATOM   974  C  CD1 . TYR A 1 135 ? -5.066  0.102   4.031   1.00 15.35 ? 135 TYR A CD1 1 
ATOM   975  C  CD2 . TYR A 1 135 ? -3.487  -1.665  3.684   1.00 16.80 ? 135 TYR A CD2 1 
ATOM   976  C  CE1 . TYR A 1 135 ? -5.333  0.138   2.656   1.00 13.06 ? 135 TYR A CE1 1 
ATOM   977  C  CE2 . TYR A 1 135 ? -3.737  -1.627  2.306   1.00 14.48 ? 135 TYR A CE2 1 
ATOM   978  C  CZ  . TYR A 1 135 ? -4.656  -0.726  1.807   1.00 15.01 ? 135 TYR A CZ  1 
ATOM   979  O  OH  . TYR A 1 135 ? -4.887  -0.692  0.461   1.00 13.80 ? 135 TYR A OH  1 
ATOM   980  N  N   . LEU A 1 136 ? -2.546  1.656   8.462   1.00 14.86 ? 136 LEU A N   1 
ATOM   981  C  CA  . LEU A 1 136 ? -2.093  1.811   9.833   1.00 17.31 ? 136 LEU A CA  1 
ATOM   982  C  C   . LEU A 1 136 ? -3.017  1.137   10.828  1.00 18.75 ? 136 LEU A C   1 
ATOM   983  O  O   . LEU A 1 136 ? -2.550  0.556   11.803  1.00 19.91 ? 136 LEU A O   1 
ATOM   984  C  CB  . LEU A 1 136 ? -1.928  3.299   10.166  1.00 16.27 ? 136 LEU A CB  1 
ATOM   985  C  CG  . LEU A 1 136 ? -0.894  4.020   9.286   1.00 17.81 ? 136 LEU A CG  1 
ATOM   986  C  CD1 . LEU A 1 136 ? -0.996  5.535   9.508   1.00 20.07 ? 136 LEU A CD1 1 
ATOM   987  C  CD2 . LEU A 1 136 ? 0.506   3.513   9.588   1.00 17.19 ? 136 LEU A CD2 1 
ATOM   988  N  N   . ASP A 1 137 ? -4.319  1.207   10.583  1.00 19.17 ? 137 ASP A N   1 
ATOM   989  C  CA  . ASP A 1 137 ? -5.280  0.577   11.474  1.00 21.14 ? 137 ASP A CA  1 
ATOM   990  C  C   . ASP A 1 137 ? -5.993  -0.557  10.754  1.00 22.96 ? 137 ASP A C   1 
ATOM   991  O  O   . ASP A 1 137 ? -6.161  -0.530  9.537   1.00 22.23 ? 137 ASP A O   1 
ATOM   992  C  CB  . ASP A 1 137 ? -6.322  1.589   11.963  1.00 19.22 ? 137 ASP A CB  1 
ATOM   993  C  CG  . ASP A 1 137 ? -5.710  2.730   12.740  1.00 18.78 ? 137 ASP A CG  1 
ATOM   994  O  OD1 . ASP A 1 137 ? -5.045  2.462   13.760  1.00 18.00 ? 137 ASP A OD1 1 
ATOM   995  O  OD2 . ASP A 1 137 ? -5.899  3.897   12.343  1.00 17.62 ? 137 ASP A OD2 1 
ATOM   996  N  N   . ASN A 1 138 ? -6.400  -1.562  11.514  1.00 25.09 ? 138 ASN A N   1 
ATOM   997  C  CA  . ASN A 1 138 ? -7.114  -2.695  10.945  1.00 27.61 ? 138 ASN A CA  1 
ATOM   998  C  C   . ASN A 1 138 ? -8.592  -2.378  11.139  1.00 28.32 ? 138 ASN A C   1 
ATOM   999  O  O   . ASN A 1 138 ? -9.047  -2.161  12.265  1.00 26.27 ? 138 ASN A O   1 
ATOM   1000 C  CB  . ASN A 1 138 ? -6.737  -3.985  11.678  1.00 28.59 ? 138 ASN A CB  1 
ATOM   1001 C  CG  . ASN A 1 138 ? -7.209  -5.224  10.951  1.00 30.50 ? 138 ASN A CG  1 
ATOM   1002 O  OD1 . ASN A 1 138 ? -8.405  -5.469  10.833  1.00 30.86 ? 138 ASN A OD1 1 
ATOM   1003 N  ND2 . ASN A 1 138 ? -6.265  -6.013  10.451  1.00 31.74 ? 138 ASN A ND2 1 
ATOM   1004 N  N   . PRO A 1 139 ? -9.359  -2.334  10.038  1.00 30.31 ? 139 PRO A N   1 
ATOM   1005 C  CA  . PRO A 1 139 ? -10.794 -2.034  10.080  1.00 32.07 ? 139 PRO A CA  1 
ATOM   1006 C  C   . PRO A 1 139 ? -11.632 -2.973  10.945  1.00 32.80 ? 139 PRO A C   1 
ATOM   1007 O  O   . PRO A 1 139 ? -12.787 -2.671  11.260  1.00 32.97 ? 139 PRO A O   1 
ATOM   1008 C  CB  . PRO A 1 139 ? -11.200 -2.085  8.608   1.00 32.35 ? 139 PRO A CB  1 
ATOM   1009 C  CG  . PRO A 1 139 ? -10.236 -3.067  8.030   1.00 32.37 ? 139 PRO A CG  1 
ATOM   1010 C  CD  . PRO A 1 139 ? -8.934  -2.650  8.664   1.00 32.11 ? 139 PRO A CD  1 
ATOM   1011 N  N   . ALA A 1 140 ? -11.051 -4.102  11.333  1.00 34.07 ? 140 ALA A N   1 
ATOM   1012 C  CA  . ALA A 1 140 ? -11.772 -5.066  12.152  1.00 35.21 ? 140 ALA A CA  1 
ATOM   1013 C  C   . ALA A 1 140 ? -11.916 -4.585  13.590  1.00 35.90 ? 140 ALA A C   1 
ATOM   1014 O  O   . ALA A 1 140 ? -12.918 -4.869  14.247  1.00 35.16 ? 140 ALA A O   1 
ATOM   1015 C  CB  . ALA A 1 140 ? -11.063 -6.412  12.121  1.00 36.09 ? 140 ALA A CB  1 
ATOM   1016 N  N   . GLU A 1 141 ? -10.922 -3.848  14.079  1.00 36.21 ? 141 GLU A N   1 
ATOM   1017 C  CA  . GLU A 1 141 ? -10.957 -3.364  15.455  1.00 37.79 ? 141 GLU A CA  1 
ATOM   1018 C  C   . GLU A 1 141 ? -10.821 -1.851  15.608  1.00 37.51 ? 141 GLU A C   1 
ATOM   1019 O  O   . GLU A 1 141 ? -10.417 -1.365  16.662  1.00 38.16 ? 141 GLU A O   1 
ATOM   1020 C  CB  . GLU A 1 141 ? -9.858  -4.049  16.270  1.00 37.94 ? 141 GLU A CB  1 
ATOM   1021 C  CG  . GLU A 1 141 ? -8.453  -3.582  15.937  1.00 39.12 ? 141 GLU A CG  1 
ATOM   1022 C  CD  . GLU A 1 141 ? -7.398  -4.310  16.741  1.00 39.67 ? 141 GLU A CD  1 
ATOM   1023 O  OE1 . GLU A 1 141 ? -7.191  -5.515  16.497  1.00 39.40 ? 141 GLU A OE1 1 
ATOM   1024 O  OE2 . GLU A 1 141 ? -6.780  -3.677  17.625  1.00 41.40 ? 141 GLU A OE2 1 
ATOM   1025 N  N   . THR A 1 142 ? -11.146 -1.108  14.557  1.00 37.12 ? 142 THR A N   1 
ATOM   1026 C  CA  . THR A 1 142 ? -11.062 0.347   14.608  1.00 36.44 ? 142 THR A CA  1 
ATOM   1027 C  C   . THR A 1 142 ? -12.312 0.966   13.996  1.00 35.01 ? 142 THR A C   1 
ATOM   1028 O  O   . THR A 1 142 ? -12.745 0.572   12.914  1.00 36.38 ? 142 THR A O   1 
ATOM   1029 C  CB  . THR A 1 142 ? -9.825  0.872   13.844  1.00 36.58 ? 142 THR A CB  1 
ATOM   1030 O  OG1 . THR A 1 142 ? -9.879  0.432   12.481  1.00 39.44 ? 142 THR A OG1 1 
ATOM   1031 C  CG2 . THR A 1 142 ? -8.547  0.359   14.481  1.00 34.95 ? 142 THR A CG2 1 
ATOM   1032 N  N   . ALA A 1 143 ? -12.888 1.936   14.693  1.00 34.31 ? 143 ALA A N   1 
ATOM   1033 C  CA  . ALA A 1 143 ? -14.087 2.609   14.207  1.00 32.73 ? 143 ALA A CA  1 
ATOM   1034 C  C   . ALA A 1 143 ? -13.750 3.416   12.958  1.00 31.15 ? 143 ALA A C   1 
ATOM   1035 O  O   . ALA A 1 143 ? -12.715 4.082   12.905  1.00 30.32 ? 143 ALA A O   1 
ATOM   1036 C  CB  . ALA A 1 143 ? -14.644 3.522   15.292  1.00 33.72 ? 143 ALA A CB  1 
ATOM   1037 N  N   . PRO A 1 144 ? -14.623 3.369   11.939  1.00 29.87 ? 144 PRO A N   1 
ATOM   1038 C  CA  . PRO A 1 144 ? -14.438 4.087   10.675  1.00 29.03 ? 144 PRO A CA  1 
ATOM   1039 C  C   . PRO A 1 144 ? -13.827 5.477   10.826  1.00 28.55 ? 144 PRO A C   1 
ATOM   1040 O  O   . PRO A 1 144 ? -12.821 5.795   10.197  1.00 28.02 ? 144 PRO A O   1 
ATOM   1041 C  CB  . PRO A 1 144 ? -15.854 4.136   10.108  1.00 30.31 ? 144 PRO A CB  1 
ATOM   1042 C  CG  . PRO A 1 144 ? -16.409 2.821   10.534  1.00 30.34 ? 144 PRO A CG  1 
ATOM   1043 C  CD  . PRO A 1 144 ? -15.948 2.720   11.975  1.00 31.23 ? 144 PRO A CD  1 
ATOM   1044 N  N   . ASP A 1 145 ? -14.438 6.297   11.674  1.00 27.38 ? 145 ASP A N   1 
ATOM   1045 C  CA  . ASP A 1 145 ? -13.992 7.665   11.916  1.00 27.51 ? 145 ASP A CA  1 
ATOM   1046 C  C   . ASP A 1 145 ? -12.544 7.781   12.396  1.00 25.55 ? 145 ASP A C   1 
ATOM   1047 O  O   . ASP A 1 145 ? -11.942 8.850   12.326  1.00 25.20 ? 145 ASP A O   1 
ATOM   1048 C  CB  . ASP A 1 145 ? -14.914 8.327   12.941  1.00 29.98 ? 145 ASP A CB  1 
ATOM   1049 C  CG  . ASP A 1 145 ? -16.344 8.404   12.466  1.00 32.97 ? 145 ASP A CG  1 
ATOM   1050 O  OD1 . ASP A 1 145 ? -16.653 9.314   11.671  1.00 33.76 ? 145 ASP A OD1 1 
ATOM   1051 O  OD2 . ASP A 1 145 ? -17.153 7.546   12.878  1.00 35.98 ? 145 ASP A OD2 1 
ATOM   1052 N  N   . GLN A 1 146 ? -11.981 6.682   12.883  1.00 24.30 ? 146 GLN A N   1 
ATOM   1053 C  CA  . GLN A 1 146 ? -10.609 6.707   13.372  1.00 23.85 ? 146 GLN A CA  1 
ATOM   1054 C  C   . GLN A 1 146 ? -9.655  5.855   12.538  1.00 20.75 ? 146 GLN A C   1 
ATOM   1055 O  O   . GLN A 1 146 ? -8.481  5.721   12.876  1.00 18.17 ? 146 GLN A O   1 
ATOM   1056 C  CB  . GLN A 1 146 ? -10.553 6.243   14.833  1.00 28.09 ? 146 GLN A CB  1 
ATOM   1057 C  CG  . GLN A 1 146 ? -11.143 7.227   15.842  1.00 31.38 ? 146 GLN A CG  1 
ATOM   1058 C  CD  . GLN A 1 146 ? -12.651 7.148   15.934  1.00 34.92 ? 146 GLN A CD  1 
ATOM   1059 O  OE1 . GLN A 1 146 ? -13.209 6.091   16.237  1.00 37.02 ? 146 GLN A OE1 1 
ATOM   1060 N  NE2 . GLN A 1 146 ? -13.322 8.266   15.682  1.00 37.53 ? 146 GLN A NE2 1 
ATOM   1061 N  N   . LEU A 1 147 ? -10.161 5.279   11.454  1.00 18.67 ? 147 LEU A N   1 
ATOM   1062 C  CA  . LEU A 1 147 ? -9.346  4.430   10.589  1.00 18.70 ? 147 LEU A CA  1 
ATOM   1063 C  C   . LEU A 1 147 ? -8.353  5.251   9.768   1.00 17.18 ? 147 LEU A C   1 
ATOM   1064 O  O   . LEU A 1 147 ? -8.742  6.037   8.912   1.00 15.45 ? 147 LEU A O   1 
ATOM   1065 C  CB  . LEU A 1 147 ? -10.256 3.630   9.651   1.00 20.23 ? 147 LEU A CB  1 
ATOM   1066 C  CG  . LEU A 1 147 ? -9.649  2.545   8.757   1.00 23.38 ? 147 LEU A CG  1 
ATOM   1067 C  CD1 . LEU A 1 147 ? -9.011  1.449   9.611   1.00 23.02 ? 147 LEU A CD1 1 
ATOM   1068 C  CD2 . LEU A 1 147 ? -10.748 1.951   7.878   1.00 25.31 ? 147 LEU A CD2 1 
ATOM   1069 N  N   . ARG A 1 148 ? -7.066  5.051   10.023  1.00 13.84 ? 148 ARG A N   1 
ATOM   1070 C  CA  . ARG A 1 148 ? -6.035  5.778   9.290   1.00 13.70 ? 148 ARG A CA  1 
ATOM   1071 C  C   . ARG A 1 148 ? -5.469  4.989   8.116   1.00 12.93 ? 148 ARG A C   1 
ATOM   1072 O  O   . ARG A 1 148 ? -5.207  3.799   8.220   1.00 13.48 ? 148 ARG A O   1 
ATOM   1073 C  CB  . ARG A 1 148 ? -4.883  6.133   10.220  1.00 13.01 ? 148 ARG A CB  1 
ATOM   1074 C  CG  . ARG A 1 148 ? -5.201  7.136   11.314  1.00 13.10 ? 148 ARG A CG  1 
ATOM   1075 C  CD  . ARG A 1 148 ? -4.062  7.138   12.317  1.00 13.67 ? 148 ARG A CD  1 
ATOM   1076 N  NE  . ARG A 1 148 ? -3.869  5.807   12.891  1.00 15.20 ? 148 ARG A NE  1 
ATOM   1077 C  CZ  . ARG A 1 148 ? -2.868  5.466   13.699  1.00 15.94 ? 148 ARG A CZ  1 
ATOM   1078 N  NH1 . ARG A 1 148 ? -1.952  6.363   14.044  1.00 15.82 ? 148 ARG A NH1 1 
ATOM   1079 N  NH2 . ARG A 1 148 ? -2.781  4.220   14.155  1.00 16.62 ? 148 ARG A NH2 1 
ATOM   1080 N  N   . THR A 1 149 ? -5.292  5.679   7.000   1.00 12.56 ? 149 THR A N   1 
ATOM   1081 C  CA  . THR A 1 149 ? -4.696  5.102   5.803   1.00 13.36 ? 149 THR A CA  1 
ATOM   1082 C  C   . THR A 1 149 ? -3.761  6.155   5.226   1.00 13.63 ? 149 THR A C   1 
ATOM   1083 O  O   . THR A 1 149 ? -4.174  7.273   4.930   1.00 14.03 ? 149 THR A O   1 
ATOM   1084 C  CB  . THR A 1 149 ? -5.747  4.728   4.744   1.00 14.17 ? 149 THR A CB  1 
ATOM   1085 O  OG1 . THR A 1 149 ? -6.657  3.770   5.294   1.00 17.02 ? 149 THR A OG1 1 
ATOM   1086 C  CG2 . THR A 1 149 ? -5.066  4.103   3.532   1.00 14.42 ? 149 THR A CG2 1 
ATOM   1087 N  N   . ARG A 1 150 ? -2.484  5.807   5.132   1.00 14.88 ? 150 ARG A N   1 
ATOM   1088 C  CA  . ARG A 1 150 ? -1.482  6.694   4.559   1.00 15.39 ? 150 ARG A CA  1 
ATOM   1089 C  C   . ARG A 1 150 ? -1.549  6.447   3.040   1.00 15.74 ? 150 ARG A C   1 
ATOM   1090 O  O   . ARG A 1 150 ? -1.262  5.339   2.574   1.00 15.57 ? 150 ARG A O   1 
ATOM   1091 C  CB  . ARG A 1 150 ? -0.109  6.319   5.144   1.00 17.27 ? 150 ARG A CB  1 
ATOM   1092 C  CG  . ARG A 1 150 ? 1.127   6.861   4.439   1.00 20.01 ? 150 ARG A CG  1 
ATOM   1093 C  CD  . ARG A 1 150 ? 1.243   8.371   4.430   1.00 17.85 ? 150 ARG A CD  1 
ATOM   1094 N  NE  . ARG A 1 150 ? 1.401   8.982   5.750   1.00 14.03 ? 150 ARG A NE  1 
ATOM   1095 C  CZ  . ARG A 1 150 ? 1.512   10.294  5.914   1.00 16.74 ? 150 ARG A CZ  1 
ATOM   1096 N  NH1 . ARG A 1 150 ? 1.490   11.080  4.851   1.00 13.47 ? 150 ARG A NH1 1 
ATOM   1097 N  NH2 . ARG A 1 150 ? 1.607   10.820  7.130   1.00 16.38 ? 150 ARG A NH2 1 
ATOM   1098 N  N   . VAL A 1 151 ? -1.951  7.471   2.286   1.00 14.12 ? 151 VAL A N   1 
ATOM   1099 C  CA  . VAL A 1 151 ? -2.059  7.363   0.829   1.00 15.95 ? 151 VAL A CA  1 
ATOM   1100 C  C   . VAL A 1 151 ? -0.932  8.130   0.157   1.00 16.15 ? 151 VAL A C   1 
ATOM   1101 O  O   . VAL A 1 151 ? -0.640  9.267   0.519   1.00 14.52 ? 151 VAL A O   1 
ATOM   1102 C  CB  . VAL A 1 151 ? -3.407  7.924   0.301   1.00 16.37 ? 151 VAL A CB  1 
ATOM   1103 C  CG1 . VAL A 1 151 ? -3.445  7.841   -1.212  1.00 17.95 ? 151 VAL A CG1 1 
ATOM   1104 C  CG2 . VAL A 1 151 ? -4.562  7.157   0.908   1.00 17.18 ? 151 VAL A CG2 1 
ATOM   1105 N  N   . SER A 1 152 ? -0.300  7.510   -0.831  1.00 15.12 ? 152 SER A N   1 
ATOM   1106 C  CA  . SER A 1 152 ? 0.801   8.142   -1.542  1.00 16.81 ? 152 SER A CA  1 
ATOM   1107 C  C   . SER A 1 152 ? 0.754   7.831   -3.032  1.00 17.02 ? 152 SER A C   1 
ATOM   1108 O  O   . SER A 1 152 ? 0.619   6.680   -3.436  1.00 16.62 ? 152 SER A O   1 
ATOM   1109 C  CB  . SER A 1 152 ? 2.148   7.670   -0.979  1.00 17.69 ? 152 SER A CB  1 
ATOM   1110 O  OG  . SER A 1 152 ? 2.285   7.989   0.393   1.00 18.94 ? 152 SER A OG  1 
ATOM   1111 N  N   . LEU A 1 153 ? 0.859   8.870   -3.848  1.00 16.04 ? 153 LEU A N   1 
ATOM   1112 C  CA  . LEU A 1 153 ? 0.867   8.688   -5.290  1.00 15.01 ? 153 LEU A CA  1 
ATOM   1113 C  C   . LEU A 1 153 ? 2.338   8.769   -5.691  1.00 15.12 ? 153 LEU A C   1 
ATOM   1114 O  O   . LEU A 1 153 ? 3.011   9.774   -5.444  1.00 14.29 ? 153 LEU A O   1 
ATOM   1115 C  CB  . LEU A 1 153 ? 0.056   9.791   -5.995  1.00 16.37 ? 153 LEU A CB  1 
ATOM   1116 C  CG  . LEU A 1 153 ? -1.434  9.876   -5.696  1.00 18.40 ? 153 LEU A CG  1 
ATOM   1117 C  CD1 . LEU A 1 153 ? -2.075  10.991  -6.490  1.00 19.23 ? 153 LEU A CD1 1 
ATOM   1118 C  CD2 . LEU A 1 153 ? -2.044  8.548   -6.020  1.00 20.83 ? 153 LEU A CD2 1 
HETATM 1119 N  N   . MSE A 1 154 ? 2.834   7.699   -6.295  1.00 13.43 ? 154 MSE A N   1 
HETATM 1120 C  CA  . MSE A 1 154 ? 4.231   7.684   -6.701  1.00 16.34 ? 154 MSE A CA  1 
HETATM 1121 C  C   . MSE A 1 154 ? 4.494   8.695   -7.810  1.00 16.22 ? 154 MSE A C   1 
HETATM 1122 O  O   . MSE A 1 154 ? 3.646   8.915   -8.670  1.00 14.94 ? 154 MSE A O   1 
HETATM 1123 C  CB  . MSE A 1 154 ? 4.662   6.267   -7.108  1.00 19.31 ? 154 MSE A CB  1 
HETATM 1124 C  CG  . MSE A 1 154 ? 4.436   5.192   -6.025  1.00 22.37 ? 154 MSE A CG  1 
HETATM 1125 SE SE  . MSE A 1 154 ? 5.241   5.512   -4.268  1.00 29.76 ? 154 MSE A SE  1 
HETATM 1126 C  CE  . MSE A 1 154 ? 7.112   5.347   -4.746  1.00 26.35 ? 154 MSE A CE  1 
ATOM   1127 N  N   . LEU A 1 155 ? 5.660   9.330   -7.772  1.00 16.72 ? 155 LEU A N   1 
ATOM   1128 C  CA  . LEU A 1 155 ? 6.002   10.349  -8.758  1.00 19.47 ? 155 LEU A CA  1 
ATOM   1129 C  C   . LEU A 1 155 ? 7.160   10.030  -9.706  1.00 22.63 ? 155 LEU A C   1 
ATOM   1130 O  O   . LEU A 1 155 ? 8.088   9.287   -9.359  1.00 23.24 ? 155 LEU A O   1 
ATOM   1131 C  CB  . LEU A 1 155 ? 6.318   11.665  -8.043  1.00 20.42 ? 155 LEU A CB  1 
ATOM   1132 C  CG  . LEU A 1 155 ? 5.286   12.208  -7.055  1.00 17.65 ? 155 LEU A CG  1 
ATOM   1133 C  CD1 . LEU A 1 155 ? 5.801   13.481  -6.418  1.00 20.44 ? 155 LEU A CD1 1 
ATOM   1134 C  CD2 . LEU A 1 155 ? 3.969   12.450  -7.757  1.00 19.17 ? 155 LEU A CD2 1 
ATOM   1135 N  N   . HIS A 1 156 ? 7.089   10.609  -10.904 1.00 26.34 ? 156 HIS A N   1 
ATOM   1136 C  CA  . HIS A 1 156 ? 8.132   10.465  -11.919 1.00 31.43 ? 156 HIS A CA  1 
ATOM   1137 C  C   . HIS A 1 156 ? 9.146   11.572  -11.640 1.00 34.69 ? 156 HIS A C   1 
ATOM   1138 O  O   . HIS A 1 156 ? 9.145   12.163  -10.562 1.00 33.98 ? 156 HIS A O   1 
ATOM   1139 C  CB  . HIS A 1 156 ? 7.571   10.678  -13.329 1.00 31.75 ? 156 HIS A CB  1 
ATOM   1140 C  CG  . HIS A 1 156 ? 7.024   9.442   -13.968 1.00 33.14 ? 156 HIS A CG  1 
ATOM   1141 N  ND1 . HIS A 1 156 ? 7.736   8.261   -14.023 1.00 33.25 ? 156 HIS A ND1 1 
ATOM   1142 C  CD2 . HIS A 1 156 ? 5.868   9.213   -14.630 1.00 34.64 ? 156 HIS A CD2 1 
ATOM   1143 C  CE1 . HIS A 1 156 ? 7.040   7.362   -14.694 1.00 34.07 ? 156 HIS A CE1 1 
ATOM   1144 N  NE2 . HIS A 1 156 ? 5.901   7.912   -15.077 1.00 35.47 ? 156 HIS A NE2 1 
ATOM   1145 N  N   . GLU A 1 157 ? 9.991   11.871  -12.624 1.00 39.35 ? 157 GLU A N   1 
ATOM   1146 C  CA  . GLU A 1 157 ? 10.997  12.916  -12.465 1.00 42.33 ? 157 GLU A CA  1 
ATOM   1147 C  C   . GLU A 1 157 ? 11.328  13.652  -13.764 1.00 43.75 ? 157 GLU A C   1 
ATOM   1148 O  O   . GLU A 1 157 ? 12.495  13.856  -14.095 1.00 44.06 ? 157 GLU A O   1 
ATOM   1149 C  CB  . GLU A 1 157 ? 12.264  12.318  -11.850 1.00 44.12 ? 157 GLU A CB  1 
ATOM   1150 C  CG  . GLU A 1 157 ? 12.082  11.889  -10.393 1.00 45.93 ? 157 GLU A CG  1 
ATOM   1151 C  CD  . GLU A 1 157 ? 13.284  11.158  -9.834  1.00 47.90 ? 157 GLU A CD  1 
ATOM   1152 O  OE1 . GLU A 1 157 ? 13.324  10.927  -8.606  1.00 48.61 ? 157 GLU A OE1 1 
ATOM   1153 O  OE2 . GLU A 1 157 ? 14.187  10.804  -10.617 1.00 48.86 ? 157 GLU A OE2 1 
ATOM   1154 N  N   . SER A 1 158 ? 10.286  14.051  -14.490 1.00 45.19 ? 158 SER A N   1 
ATOM   1155 C  CA  . SER A 1 158 ? 10.444  14.778  -15.748 1.00 46.37 ? 158 SER A CA  1 
ATOM   1156 C  C   . SER A 1 158 ? 9.140   15.460  -16.153 1.00 46.84 ? 158 SER A C   1 
ATOM   1157 O  O   . SER A 1 158 ? 9.136   16.706  -16.280 1.00 47.87 ? 158 SER A O   1 
ATOM   1158 C  CB  . SER A 1 158 ? 10.886  13.826  -16.863 1.00 47.19 ? 158 SER A CB  1 
ATOM   1159 O  OG  . SER A 1 158 ? 10.977  14.508  -18.103 1.00 46.41 ? 158 SER A OG  1 
ATOM   1160 O  OXT . SER A 1 158 ? 8.135   14.739  -16.333 1.00 47.81 ? 158 SER A OXT 1 
HETATM 1161 O  O   . HOH B 2 .   ? 3.671   -13.089 -5.742  1.00 11.49 ? 159 HOH A O   1 
HETATM 1162 O  O   . HOH B 2 .   ? 1.024   7.902   -9.356  1.00 13.35 ? 160 HOH A O   1 
HETATM 1163 O  O   . HOH B 2 .   ? 1.981   4.771   1.660   1.00 32.39 ? 161 HOH A O   1 
HETATM 1164 O  O   . HOH B 2 .   ? 1.697   -19.378 -1.202  1.00 17.86 ? 162 HOH A O   1 
HETATM 1165 O  O   . HOH B 2 .   ? -11.737 -4.730  -12.147 1.00 18.15 ? 163 HOH A O   1 
HETATM 1166 O  O   . HOH B 2 .   ? 9.442   2.420   1.723   1.00 17.02 ? 164 HOH A O   1 
HETATM 1167 O  O   . HOH B 2 .   ? 3.885   -19.042 1.633   1.00 16.80 ? 165 HOH A O   1 
HETATM 1168 O  O   . HOH B 2 .   ? -6.381  1.397   7.326   1.00 21.13 ? 166 HOH A O   1 
HETATM 1169 O  O   . HOH B 2 .   ? -14.354 7.107   -2.582  1.00 16.82 ? 167 HOH A O   1 
HETATM 1170 O  O   . HOH B 2 .   ? 1.388   13.953  5.229   1.00 22.71 ? 168 HOH A O   1 
HETATM 1171 O  O   . HOH B 2 .   ? 7.295   -20.605 7.835   1.00 15.08 ? 169 HOH A O   1 
HETATM 1172 O  O   . HOH B 2 .   ? 11.614  -14.577 -2.783  1.00 27.03 ? 170 HOH A O   1 
HETATM 1173 O  O   . HOH B 2 .   ? -13.232 -7.722  -3.783  1.00 23.81 ? 171 HOH A O   1 
HETATM 1174 O  O   . HOH B 2 .   ? 6.739   -3.119  -2.664  1.00 21.68 ? 172 HOH A O   1 
HETATM 1175 O  O   . HOH B 2 .   ? 11.718  -9.192  -5.239  1.00 26.82 ? 173 HOH A O   1 
HETATM 1176 O  O   . HOH B 2 .   ? -8.733  5.077   6.280   1.00 12.83 ? 174 HOH A O   1 
HETATM 1177 O  O   . HOH B 2 .   ? 5.421   2.148   6.553   1.00 42.92 ? 175 HOH A O   1 
HETATM 1178 O  O   . HOH B 2 .   ? 5.792   3.826   -9.377  1.00 19.05 ? 176 HOH A O   1 
HETATM 1179 O  O   . HOH B 2 .   ? -1.329  14.190  5.802   1.00 17.14 ? 177 HOH A O   1 
HETATM 1180 O  O   . HOH B 2 .   ? 1.461   -2.111  -7.993  1.00 19.04 ? 178 HOH A O   1 
HETATM 1181 O  O   . HOH B 2 .   ? -14.145 -7.035  -11.099 1.00 23.79 ? 179 HOH A O   1 
HETATM 1182 O  O   . HOH B 2 .   ? -2.092  3.360   -13.026 1.00 20.38 ? 180 HOH A O   1 
HETATM 1183 O  O   . HOH B 2 .   ? -13.174 -10.870 -3.243  1.00 16.51 ? 181 HOH A O   1 
HETATM 1184 O  O   . HOH B 2 .   ? -10.620 16.426  -1.707  1.00 23.44 ? 182 HOH A O   1 
HETATM 1185 O  O   . HOH B 2 .   ? 2.031   16.673  7.754   1.00 31.29 ? 183 HOH A O   1 
HETATM 1186 O  O   . HOH B 2 .   ? -5.952  -11.510 6.536   1.00 19.77 ? 184 HOH A O   1 
HETATM 1187 O  O   . HOH B 2 .   ? 6.956   -4.592  -5.168  1.00 21.63 ? 185 HOH A O   1 
HETATM 1188 O  O   . HOH B 2 .   ? -8.928  12.579  6.448   1.00 30.20 ? 186 HOH A O   1 
HETATM 1189 O  O   . HOH B 2 .   ? -14.108 13.914  -3.406  1.00 23.13 ? 187 HOH A O   1 
HETATM 1190 O  O   . HOH B 2 .   ? -15.904 2.061   3.597   1.00 28.07 ? 188 HOH A O   1 
HETATM 1191 O  O   . HOH B 2 .   ? -17.692 11.912  10.807  1.00 28.37 ? 189 HOH A O   1 
HETATM 1192 O  O   . HOH B 2 .   ? 9.549   1.216   -5.490  1.00 33.31 ? 190 HOH A O   1 
HETATM 1193 O  O   . HOH B 2 .   ? -0.528  -21.485 5.277   1.00 38.83 ? 191 HOH A O   1 
HETATM 1194 O  O   . HOH B 2 .   ? -16.781 5.157   13.615  1.00 34.22 ? 192 HOH A O   1 
HETATM 1195 O  O   . HOH B 2 .   ? 6.108   -17.781 15.746  1.00 25.44 ? 193 HOH A O   1 
HETATM 1196 O  O   . HOH B 2 .   ? 4.609   10.714  -18.228 1.00 35.51 ? 194 HOH A O   1 
HETATM 1197 O  O   . HOH B 2 .   ? 7.758   -11.126 -8.225  1.00 26.20 ? 195 HOH A O   1 
HETATM 1198 O  O   . HOH B 2 .   ? 16.626  2.452   3.005   1.00 30.27 ? 196 HOH A O   1 
HETATM 1199 O  O   . HOH B 2 .   ? -6.916  -12.086 -8.392  1.00 28.87 ? 197 HOH A O   1 
HETATM 1200 O  O   . HOH B 2 .   ? 10.855  2.275   5.090   1.00 32.85 ? 198 HOH A O   1 
HETATM 1201 O  O   . HOH B 2 .   ? -1.713  20.296  1.792   1.00 33.18 ? 199 HOH A O   1 
HETATM 1202 O  O   . HOH B 2 .   ? -5.595  -1.882  14.372  1.00 23.67 ? 200 HOH A O   1 
HETATM 1203 O  O   . HOH B 2 .   ? -13.646 1.164   6.160   1.00 31.14 ? 201 HOH A O   1 
HETATM 1204 O  O   . HOH B 2 .   ? -13.924 11.580  2.356   1.00 31.62 ? 202 HOH A O   1 
HETATM 1205 O  O   . HOH B 2 .   ? 9.950   -2.239  13.616  1.00 27.99 ? 203 HOH A O   1 
HETATM 1206 O  O   . HOH B 2 .   ? 14.137  -8.205  0.877   1.00 31.46 ? 204 HOH A O   1 
HETATM 1207 O  O   . HOH B 2 .   ? 7.121   3.542   2.653   1.00 30.55 ? 205 HOH A O   1 
HETATM 1208 O  O   . HOH B 2 .   ? 11.364  12.777  2.458   1.00 32.20 ? 206 HOH A O   1 
HETATM 1209 O  O   . HOH B 2 .   ? -1.149  22.476  -4.134  1.00 34.41 ? 207 HOH A O   1 
HETATM 1210 O  O   . HOH B 2 .   ? 3.248   -13.513 11.893  1.00 20.91 ? 208 HOH A O   1 
HETATM 1211 O  O   . HOH B 2 .   ? -0.945  -2.894  -14.297 1.00 36.33 ? 209 HOH A O   1 
HETATM 1212 O  O   . HOH B 2 .   ? 1.303   25.902  -8.401  1.00 31.27 ? 210 HOH A O   1 
HETATM 1213 O  O   . HOH B 2 .   ? -3.222  0.341   14.297  1.00 32.25 ? 211 HOH A O   1 
HETATM 1214 O  O   . HOH B 2 .   ? 11.902  -5.536  -4.748  1.00 32.61 ? 212 HOH A O   1 
HETATM 1215 O  O   . HOH B 2 .   ? -4.415  21.709  3.557   1.00 46.37 ? 213 HOH A O   1 
HETATM 1216 O  O   . HOH B 2 .   ? 4.339   -21.450 8.000   1.00 35.56 ? 214 HOH A O   1 
HETATM 1217 O  O   . HOH B 2 .   ? 5.691   -0.442  3.334   1.00 39.40 ? 215 HOH A O   1 
HETATM 1218 O  O   . HOH B 2 .   ? -6.209  -2.259  -16.034 1.00 30.19 ? 216 HOH A O   1 
HETATM 1219 O  O   . HOH B 2 .   ? -2.979  -2.344  10.384  1.00 36.93 ? 217 HOH A O   1 
HETATM 1220 O  O   . HOH B 2 .   ? -6.711  6.358   14.859  1.00 33.43 ? 218 HOH A O   1 
HETATM 1221 O  O   . HOH B 2 .   ? 8.195   -21.979 -2.550  1.00 32.21 ? 219 HOH A O   1 
HETATM 1222 O  O   . HOH B 2 .   ? 1.454   11.253  -4.529  1.00 75.38 ? 220 HOH A O   1 
HETATM 1223 O  O   . HOH B 2 .   ? 12.241  13.534  -20.320 1.00 37.51 ? 221 HOH A O   1 
HETATM 1224 O  O   . HOH B 2 .   ? 7.681   14.108  -12.062 1.00 35.85 ? 222 HOH A O   1 
HETATM 1225 O  O   . HOH B 2 .   ? -6.914  20.997  0.789   1.00 57.72 ? 223 HOH A O   1 
HETATM 1226 O  O   . HOH B 2 .   ? -12.455 11.625  11.665  1.00 35.62 ? 224 HOH A O   1 
HETATM 1227 O  O   . HOH B 2 .   ? 14.772  -12.409 10.466  1.00 32.50 ? 225 HOH A O   1 
HETATM 1228 O  O   . HOH B 2 .   ? -3.229  -5.216  -16.607 1.00 30.98 ? 226 HOH A O   1 
HETATM 1229 O  O   . HOH B 2 .   ? 6.514   16.745  -14.881 1.00 47.97 ? 227 HOH A O   1 
HETATM 1230 O  O   . HOH B 2 .   ? -14.036 -12.688 -9.643  1.00 77.12 ? 228 HOH A O   1 
HETATM 1231 O  O   . HOH B 2 .   ? 17.594  12.065  -4.909  1.00 77.70 ? 229 HOH A O   1 
HETATM 1232 O  O   . HOH B 2 .   ? 12.370  -12.279 -4.339  1.00 28.77 ? 230 HOH A O   1 
HETATM 1233 O  O   . HOH B 2 .   ? 7.107   21.611  -3.700  1.00 41.77 ? 231 HOH A O   1 
HETATM 1234 O  O   . HOH B 2 .   ? 7.488   14.807  -18.895 1.00 41.27 ? 232 HOH A O   1 
HETATM 1235 O  O   . HOH B 2 .   ? 8.622   -17.750 -2.879  1.00 30.84 ? 233 HOH A O   1 
HETATM 1236 O  O   . HOH B 2 .   ? 3.182   -4.611  7.239   1.00 78.47 ? 234 HOH A O   1 
HETATM 1237 O  O   . HOH B 2 .   ? 10.696  -21.101 13.761  1.00 53.57 ? 235 HOH A O   1 
HETATM 1238 O  O   . HOH B 2 .   ? 12.882  -15.714 -0.707  1.00 44.41 ? 236 HOH A O   1 
HETATM 1239 O  O   . HOH B 2 .   ? -4.975  14.363  5.064   1.00 29.69 ? 237 HOH A O   1 
HETATM 1240 O  O   . HOH B 2 .   ? -3.683  -4.864  10.687  1.00 53.43 ? 238 HOH A O   1 
HETATM 1241 O  O   . HOH B 2 .   ? -5.451  3.612   16.221  1.00 33.84 ? 239 HOH A O   1 
HETATM 1242 O  O   . HOH B 2 .   ? 15.518  -8.010  15.331  1.00 38.10 ? 240 HOH A O   1 
HETATM 1243 O  O   . HOH B 2 .   ? 3.832   5.272   -15.987 1.00 37.96 ? 241 HOH A O   1 
HETATM 1244 O  O   . HOH B 2 .   ? -10.739 2.633   -14.095 1.00 38.54 ? 242 HOH A O   1 
HETATM 1245 O  O   . HOH B 2 .   ? -9.890  -7.891  2.474   1.00 33.52 ? 243 HOH A O   1 
HETATM 1246 O  O   . HOH B 2 .   ? -5.199  -16.136 -6.318  1.00 37.36 ? 244 HOH A O   1 
HETATM 1247 O  O   . HOH B 2 .   ? 7.912   17.588  2.393   1.00 33.13 ? 245 HOH A O   1 
HETATM 1248 O  O   . HOH B 2 .   ? 13.614  14.266  -17.996 1.00 42.33 ? 246 HOH A O   1 
HETATM 1249 O  O   . HOH B 2 .   ? -13.317 14.612  4.865   1.00 53.67 ? 247 HOH A O   1 
HETATM 1250 O  O   . HOH B 2 .   ? -2.548  -0.101  -0.415  1.00 39.54 ? 248 HOH A O   1 
HETATM 1251 O  O   . HOH B 2 .   ? 9.530   -4.417  -4.481  1.00 36.35 ? 249 HOH A O   1 
HETATM 1252 O  O   . HOH B 2 .   ? -1.413  15.141  -11.152 1.00 41.82 ? 250 HOH A O   1 
HETATM 1253 O  O   . HOH B 2 .   ? -7.470  -11.080 -12.856 1.00 72.71 ? 251 HOH A O   1 
HETATM 1254 O  O   . HOH B 2 .   ? 9.064   -7.440  14.424  1.00 44.75 ? 252 HOH A O   1 
HETATM 1255 O  O   . HOH B 2 .   ? -0.602  -22.011 9.056   1.00 89.78 ? 253 HOH A O   1 
HETATM 1256 O  O   . HOH B 2 .   ? -4.766  16.476  6.701   1.00 31.62 ? 254 HOH A O   1 
HETATM 1257 O  O   . HOH B 2 .   ? -14.642 -9.220  -12.507 1.00 31.88 ? 255 HOH A O   1 
HETATM 1258 O  O   . HOH B 2 .   ? -19.382 11.141  0.019   1.00 86.55 ? 256 HOH A O   1 
HETATM 1259 O  O   . HOH B 2 .   ? -4.498  -3.239  -18.069 1.00 89.85 ? 257 HOH A O   1 
HETATM 1260 O  O   . HOH B 2 .   ? -14.031 -5.286  -16.403 1.00 43.81 ? 258 HOH A O   1 
HETATM 1261 O  O   . HOH B 2 .   ? 17.512  -16.266 5.536   1.00 44.15 ? 259 HOH A O   1 
HETATM 1262 O  O   . HOH B 2 .   ? 8.656   7.337   -7.349  1.00 32.80 ? 260 HOH A O   1 
HETATM 1263 O  O   . HOH B 2 .   ? -13.080 -11.381 -12.734 1.00 41.35 ? 261 HOH A O   1 
HETATM 1264 O  O   . HOH B 2 .   ? -13.966 -1.370  -10.741 1.00 37.44 ? 262 HOH A O   1 
HETATM 1265 O  O   . HOH B 2 .   ? 1.113   -14.189 1.549   1.00 76.33 ? 263 HOH A O   1 
HETATM 1266 O  O   . HOH B 2 .   ? -7.929  23.216  1.741   1.00 51.89 ? 264 HOH A O   1 
HETATM 1267 O  O   . HOH B 2 .   ? 6.355   4.311   -14.179 1.00 35.00 ? 265 HOH A O   1 
HETATM 1268 O  O   . HOH B 2 .   ? -1.330  -0.344  3.463   1.00 83.64 ? 266 HOH A O   1 
HETATM 1269 O  O   . HOH B 2 .   ? 4.025   -14.078 14.419  1.00 37.26 ? 267 HOH A O   1 
HETATM 1270 O  O   . HOH B 2 .   ? 11.312  -22.735 11.808  1.00 42.29 ? 268 HOH A O   1 
HETATM 1271 O  O   . HOH B 2 .   ? -9.755  13.508  -9.273  1.00 42.29 ? 269 HOH A O   1 
HETATM 1272 O  O   . HOH B 2 .   ? -10.562 10.257  -8.533  1.00 45.48 ? 270 HOH A O   1 
HETATM 1273 O  O   . HOH B 2 .   ? 6.071   13.002  -17.456 1.00 87.52 ? 271 HOH A O   1 
HETATM 1274 O  O   . HOH B 2 .   ? -12.764 18.722  7.157   1.00 62.65 ? 272 HOH A O   1 
HETATM 1275 O  O   . HOH B 2 .   ? 0.927   10.055  -15.684 1.00 36.43 ? 273 HOH A O   1 
HETATM 1276 O  O   . HOH B 2 .   ? 8.520   19.587  -9.262  1.00 40.74 ? 274 HOH A O   1 
HETATM 1277 O  O   . HOH B 2 .   ? 2.060   13.657  -18.395 1.00 60.41 ? 275 HOH A O   1 
HETATM 1278 O  O   . HOH B 2 .   ? 4.586   -0.151  5.723   1.00 22.55 ? 276 HOH A O   1 
HETATM 1279 O  O   . HOH B 2 .   ? -4.899  18.436  0.028   1.00 88.62 ? 277 HOH A O   1 
HETATM 1280 O  O   . HOH B 2 .   ? -5.882  -6.073  -17.812 1.00 84.29 ? 278 HOH A O   1 
HETATM 1281 O  O   . HOH B 2 .   ? 10.635  -11.190 14.131  1.00 39.84 ? 279 HOH A O   1 
HETATM 1282 O  O   . HOH B 2 .   ? -15.988 -1.911  -14.882 1.00 89.31 ? 280 HOH A O   1 
HETATM 1283 O  O   . HOH B 2 .   ? 6.170   -15.103 15.671  1.00 44.01 ? 281 HOH A O   1 
HETATM 1284 O  O   . HOH B 2 .   ? -4.610  -1.596  17.135  1.00 57.87 ? 282 HOH A O   1 
HETATM 1285 O  O   . HOH B 2 .   ? 4.712   -23.402 0.560   1.00 42.21 ? 283 HOH A O   1 
HETATM 1286 O  O   . HOH B 2 .   ? 12.622  9.214   -6.629  1.00 43.13 ? 284 HOH A O   1 
HETATM 1287 O  O   . HOH B 2 .   ? -15.116 -2.024  12.832  1.00 59.35 ? 285 HOH A O   1 
HETATM 1288 O  O   . HOH B 2 .   ? -9.598  -13.712 -4.820  1.00 35.66 ? 286 HOH A O   1 
HETATM 1289 O  O   . HOH B 2 .   ? 1.101   -23.150 7.399   1.00 43.42 ? 287 HOH A O   1 
HETATM 1290 O  O   . HOH B 2 .   ? 0.669   -6.623  5.162   1.00 93.13 ? 288 HOH A O   1 
HETATM 1291 O  O   . HOH B 2 .   ? -14.380 -13.024 4.584   1.00 41.87 ? 289 HOH A O   1 
HETATM 1292 O  O   . HOH B 2 .   ? -4.949  -5.993  6.359   1.00 49.94 ? 290 HOH A O   1 
HETATM 1293 O  O   . HOH B 2 .   ? 7.410   -4.157  -0.249  1.00 89.63 ? 291 HOH A O   1 
HETATM 1294 O  O   . HOH B 2 .   ? -8.016  18.674  0.766   1.00 75.48 ? 292 HOH A O   1 
HETATM 1295 O  O   . HOH B 2 .   ? 13.746  -18.445 6.222   1.00 42.29 ? 293 HOH A O   1 
HETATM 1296 O  O   . HOH B 2 .   ? 11.245  -20.965 -0.189  1.00 39.66 ? 294 HOH A O   1 
HETATM 1297 O  O   . HOH B 2 .   ? 10.373  15.185  2.281   1.00 80.14 ? 295 HOH A O   1 
HETATM 1298 O  O   . HOH B 2 .   ? -9.307  -6.676  14.682  1.00 82.00 ? 296 HOH A O   1 
HETATM 1299 O  O   . HOH B 2 .   ? -1.569  -16.617 10.005  1.00 87.77 ? 297 HOH A O   1 
HETATM 1300 O  O   . HOH B 2 .   ? 15.790  -10.071 3.443   1.00 51.82 ? 298 HOH A O   1 
HETATM 1301 O  O   . HOH B 2 .   ? 9.375   9.567   -15.867 1.00 51.02 ? 299 HOH A O   1 
# 
